data_7OH4
#
_entry.id   7OH4
#
_cell.length_a   1.00
_cell.length_b   1.00
_cell.length_c   1.00
_cell.angle_alpha   90.00
_cell.angle_beta   90.00
_cell.angle_gamma   90.00
#
_symmetry.space_group_name_H-M   'P 1'
#
loop_
_entity.id
_entity.type
_entity.pdbx_description
1 polymer 'Probable phospholipid-transporting ATPase DRS2,Probable phospholipid-transporting ATPase DRS2'
2 polymer 'Cell division control protein 50'
3 branched 2-acetamido-2-deoxy-beta-D-glucopyranose-(1-4)-2-acetamido-2-deoxy-beta-D-glucopyranose
4 branched beta-D-mannopyranose-(1-3)-beta-D-mannopyranose-(1-4)-2-acetamido-2-deoxy-beta-D-glucopyranose-(1-4)-2-acetamido-2-deoxy-beta-D-glucopyranose
5 non-polymer '(2R)-1-{[(R)-hydroxy{[(1R,2R,3R,4R,5S,6R)-2,3,5,6-tetrahydroxy-4-(phosphonooxy)cyclohexyl]oxy}phosphoryl]oxy}-3-(octadecanoyloxy)propan-2-yl (5Z,8Z,11Z,14Z)-icosa-5,8,11,14-tetraenoate'
6 non-polymer 'MAGNESIUM ION'
7 non-polymer 2-acetamido-2-deoxy-beta-D-glucopyranose
8 water water
#
loop_
_entity_poly.entity_id
_entity_poly.type
_entity_poly.pdbx_seq_one_letter_code
_entity_poly.pdbx_strand_id
1 'polypeptide(L)'
;MNDDRETPPKRKPGEDDTLFDIDFLDDTTSHSGSRSKVTNSHANANYIPPSHVLPEETIDLDADDDNIENDVHENLFMSN
NHDDQTSWNANRFDSDAYQPQSLRAVKPPGLFARFGNGLKNAFTFKRKKGPESFEMNHYNAVTNNELDDNYLDSRNKFNI
KILFNRYILRKNVGDAEGNGEPRVIHINDSLANSSFGYSDNHISTTKYNFATFLPKFLFQEFSKYANLFFLCTSAIQQVP
HVSPTNRYTTIGTLLVVLIVSAMKECIEDIKRANSDKELNNSTAEIFSEAHDDFVEKRWIDIRVGDIIRVKSEEPIPADT
IILSSSEPEGLCYIETANLDGETNLKIKQSRVETAKFIDVKTLKNMNGKVVSEQPNSSLYTYEGTMTLNDRQIPLSPDQM
ILRGATLRNTAWIFGLVIFTGHETKLLRNATATPIKRTAVEKIINRQIIALFTVLIVLILISSIGNVIMSTADAKHLSYL
YLEGTNKAGLFFKDFLTFWILFSNLVPISLFVTVELIKYYQAFMIGSDLDLYYEKTDTPTVVRTSSLVEELGQIEYIFSD
KTGTLTRNIMEFKSCSIAGHCYIDKIPEDKTATVEDGIEVGYRKFDDLKKKLNDPSDEDSPIINDFLTLLATCHTVIPEF
QSDGSIKYQAASPDEGALVQGGADLGYKFIIRKPNSVTVLLEETGEEKEYQLLNICEFNSTRKRMSAIFRFPDGSIKLFC
KGADTVILERLDDEANQYVEATMRHLEDYASEGLRTLCLAMRDISEGEYEEWNSIYNEAATTLDNRAEKLDEAANLIEKN
LILIGATAIEDKLQDGVPETIHTLQEAGIKIWVLTGDRQETAINIGMSCRLLSEDMNLLIINEETRDDTERNLLEKINAL
NEHQLSTHDMNTLALVIDGKSLGFALEPELEDYLLTVAKLCKAVICCRVSPLQKALVVKMVKRKSSSLLLAIGDGANDVS
MIQAAHVGVGISGMEGMQAARSADIAVGQFKFLKKLLLVHGSWSYQRISVAILYSFYKNTALYMTQFWYVFANAFSGQSI
MESWTMSFYNLFFTVWPPFVIGVFDQFVSSRLLERYPQLYKLGQKGQFFSVYIFWGWIINGFFHSAIVFIGTILIYRYGF
ALNMHGELADHWSWGVTVYTTSVIIVLGKAALVTNQWTKFTLIAIPGSLLFWLIFFPIYASIFPHANISREYYGVVKHTY
GSGVFWLTLIVLPIFALVRDFLWKYYKRMYEPETYHVIQEMQKYNISLVPRGSDSRPHVQQFQNAIRKVRQVQRMKKQRG
FAFSQAEEGGQEKIVRMYDTTQKRGKYGELQDASANPFNDNNGLGSNDFESAEPFIENPFADGNQNSNRFSSSRDDISFD
IGGGGLVPRGSGGTAAAPGPAPAPAPASAPAAAAPAGAGTPVTAPLAGTIWKVLASEGQTVAAGEVLLILEAMKMETEIR
AAQAGTVRGIAVKAGDAVAVGDTLM
;
A
2 'polypeptide(L)'
;MVSLFKRGKAPPLTKEGPTSKKPPNTAFRQQRLKAWQPILSPQSVLPLLIFVACIFTPIGIGLIVSATKVQDLTIDYSHC
DTKASTTAFEDIPKKYIKYHFKSKVENKPQWRLTENENGEQSCELQFEIPNDIKKSIFIYYKITNFYQNHRRYVQSFDTK
QILGEPIKKDDLDTSCSPIRSREDKIIYPCGLIANSMFNDTFSQVLSGIDDTEDYNLTNKHISWSIDRHRFKTTKYNASD
IVPPPNWMKKYPDGYTDENLPDIHTWEEFQVWMRTAAFPKFYKLTLKNESASLPKGKYQMNIELNYPISLFGGTKSFVLT
TNGAIGGRNMSLGVLYLIVAGLCALFGIIFLVKLIFQPRAMGDHTYLNFDDEENEDYEDVHAENTTLREILGGGGLVPRG
SGGHHHHHHHHHH
;
C
#
loop_
_chem_comp.id
_chem_comp.type
_chem_comp.name
_chem_comp.formula
2Y5 non-polymer '(2R)-1-{[(R)-hydroxy{[(1R,2R,3R,4R,5S,6R)-2,3,5,6-tetrahydroxy-4-(phosphonooxy)cyclohexyl]oxy}phosphoryl]oxy}-3-(octadecanoyloxy)propan-2-yl (5Z,8Z,11Z,14Z)-icosa-5,8,11,14-tetraenoate' 'C47 H84 O16 P2'
BMA D-saccharide, beta linking beta-D-mannopyranose 'C6 H12 O6'
MG non-polymer 'MAGNESIUM ION' 'Mg 2'
NAG D-saccharide, beta linking 2-acetamido-2-deoxy-beta-D-glucopyranose 'C8 H15 N O6'
#
# COMPACT_ATOMS: atom_id res chain seq x y z
N PRO A 182 -15.86 -11.12 44.49
CA PRO A 182 -15.51 -10.34 45.68
C PRO A 182 -14.06 -9.86 45.67
N ARG A 183 -13.87 -8.55 45.81
CA ARG A 183 -12.54 -7.94 45.82
C ARG A 183 -12.41 -7.11 47.08
N VAL A 184 -11.61 -7.59 48.05
CA VAL A 184 -11.38 -6.87 49.30
C VAL A 184 -10.13 -6.02 49.14
N ILE A 185 -10.26 -4.72 49.36
CA ILE A 185 -9.17 -3.76 49.20
C ILE A 185 -9.01 -2.97 50.49
N HIS A 186 -7.76 -2.80 50.92
CA HIS A 186 -7.47 -2.03 52.11
C HIS A 186 -7.58 -0.53 51.83
N ILE A 187 -7.53 0.26 52.89
CA ILE A 187 -7.69 1.71 52.80
C ILE A 187 -6.35 2.42 52.81
N ASN A 188 -5.42 2.01 53.67
CA ASN A 188 -4.16 2.71 53.84
C ASN A 188 -3.05 1.71 54.17
N ASP A 189 -3.03 0.59 53.46
CA ASP A 189 -2.00 -0.44 53.65
C ASP A 189 -1.55 -0.91 52.27
N SER A 190 -0.39 -0.43 51.83
CA SER A 190 0.13 -0.78 50.52
C SER A 190 0.74 -2.19 50.48
N LEU A 191 1.13 -2.73 51.63
CA LEU A 191 1.73 -4.06 51.68
C LEU A 191 0.73 -5.16 52.04
N ALA A 192 -0.39 -4.80 52.66
CA ALA A 192 -1.38 -5.81 53.04
C ALA A 192 -2.21 -6.27 51.84
N ASN A 193 -2.60 -5.33 50.98
CA ASN A 193 -3.40 -5.67 49.81
C ASN A 193 -2.55 -6.25 48.68
N SER A 194 -1.23 -6.05 48.71
CA SER A 194 -0.37 -6.57 47.66
C SER A 194 -0.19 -8.08 47.74
N SER A 195 -0.60 -8.71 48.85
CA SER A 195 -0.47 -10.15 48.97
C SER A 195 -1.42 -10.89 48.02
N PHE A 196 -2.52 -10.24 47.65
CA PHE A 196 -3.46 -10.87 46.71
C PHE A 196 -2.87 -10.95 45.31
N GLY A 197 -1.96 -10.06 44.97
CA GLY A 197 -1.33 -10.08 43.65
C GLY A 197 -2.21 -9.53 42.56
N TYR A 198 -2.63 -8.27 42.68
CA TYR A 198 -3.46 -7.64 41.68
C TYR A 198 -2.60 -7.18 40.49
N SER A 199 -3.26 -6.68 39.46
CA SER A 199 -2.56 -6.23 38.27
C SER A 199 -1.83 -4.92 38.55
N ASP A 200 -0.89 -4.60 37.67
CA ASP A 200 -0.12 -3.36 37.76
C ASP A 200 -0.82 -2.27 36.95
N ASN A 201 -0.48 -1.02 37.26
CA ASN A 201 -1.05 0.12 36.57
C ASN A 201 -0.41 0.40 35.22
N HIS A 202 0.57 -0.41 34.82
CA HIS A 202 1.23 -0.23 33.53
C HIS A 202 0.28 -0.66 32.42
N ILE A 203 -0.02 0.26 31.50
CA ILE A 203 -0.84 -0.01 30.33
C ILE A 203 0.07 -0.19 29.13
N SER A 204 0.00 -1.36 28.51
CA SER A 204 0.86 -1.72 27.40
C SER A 204 0.03 -1.90 26.14
N THR A 205 0.43 -1.21 25.07
CA THR A 205 -0.23 -1.33 23.77
C THR A 205 0.71 -1.86 22.70
N THR A 206 1.86 -2.41 23.09
CA THR A 206 2.82 -2.91 22.11
C THR A 206 2.31 -4.22 21.50
N LYS A 207 2.72 -4.45 20.25
CA LYS A 207 2.33 -5.67 19.54
C LYS A 207 3.31 -6.81 19.78
N TYR A 208 4.60 -6.53 19.77
CA TYR A 208 5.63 -7.52 19.99
C TYR A 208 6.47 -7.16 21.22
N ASN A 209 7.41 -8.04 21.55
CA ASN A 209 8.31 -7.81 22.67
C ASN A 209 9.55 -8.68 22.47
N PHE A 210 10.59 -8.35 23.21
CA PHE A 210 11.87 -9.05 23.10
C PHE A 210 11.87 -10.42 23.78
N ALA A 211 10.71 -10.89 24.24
CA ALA A 211 10.60 -12.22 24.86
C ALA A 211 9.97 -13.25 23.93
N THR A 212 8.82 -12.93 23.35
CA THR A 212 8.15 -13.85 22.44
C THR A 212 7.88 -13.18 21.09
N PHE A 213 8.94 -12.71 20.43
CA PHE A 213 8.80 -12.06 19.14
C PHE A 213 8.62 -13.08 18.02
N LEU A 214 9.50 -14.09 17.96
CA LEU A 214 9.45 -15.06 16.86
C LEU A 214 8.20 -15.93 16.90
N PRO A 215 7.81 -16.55 18.05
CA PRO A 215 6.66 -17.48 18.02
C PRO A 215 5.38 -16.89 17.44
N LYS A 216 5.25 -15.57 17.42
CA LYS A 216 4.11 -14.92 16.80
C LYS A 216 4.43 -14.28 15.46
N PHE A 217 5.64 -13.73 15.29
CA PHE A 217 5.99 -13.10 14.02
C PHE A 217 6.10 -14.13 12.90
N LEU A 218 6.69 -15.30 13.19
CA LEU A 218 6.78 -16.33 12.17
C LEU A 218 5.41 -16.83 11.76
N PHE A 219 4.51 -17.00 12.73
CA PHE A 219 3.14 -17.42 12.42
C PHE A 219 2.43 -16.37 11.58
N GLN A 220 2.57 -15.10 11.94
CA GLN A 220 1.94 -14.03 11.17
C GLN A 220 2.49 -13.96 9.75
N GLU A 221 3.79 -14.21 9.60
CA GLU A 221 4.42 -14.10 8.28
C GLU A 221 4.08 -15.30 7.40
N PHE A 222 3.96 -16.48 7.99
CA PHE A 222 3.65 -17.69 7.24
C PHE A 222 2.16 -17.95 7.13
N SER A 223 1.31 -17.11 7.73
CA SER A 223 -0.13 -17.24 7.54
C SER A 223 -0.58 -16.75 6.18
N LYS A 224 0.30 -16.18 5.37
CA LYS A 224 -0.03 -15.73 4.04
C LYS A 224 0.22 -16.86 3.03
N TYR A 225 0.15 -16.53 1.74
CA TYR A 225 0.27 -17.53 0.68
C TYR A 225 1.68 -17.62 0.10
N ALA A 226 2.26 -16.49 -0.33
CA ALA A 226 3.57 -16.54 -0.98
C ALA A 226 4.65 -17.00 -0.02
N ASN A 227 4.59 -16.57 1.25
CA ASN A 227 5.60 -16.96 2.21
C ASN A 227 5.57 -18.46 2.47
N LEU A 228 4.38 -19.02 2.67
CA LEU A 228 4.27 -20.47 2.90
C LEU A 228 4.65 -21.25 1.65
N PHE A 229 4.30 -20.73 0.47
CA PHE A 229 4.67 -21.39 -0.77
C PHE A 229 6.19 -21.45 -0.92
N PHE A 230 6.88 -20.35 -0.65
CA PHE A 230 8.33 -20.36 -0.79
C PHE A 230 9.00 -21.13 0.33
N LEU A 231 8.39 -21.20 1.51
CA LEU A 231 8.90 -22.08 2.55
C LEU A 231 8.82 -23.54 2.12
N CYS A 232 7.70 -23.93 1.52
CA CYS A 232 7.57 -25.30 1.01
C CYS A 232 8.55 -25.55 -0.13
N THR A 233 8.78 -24.54 -0.98
CA THR A 233 9.75 -24.68 -2.06
C THR A 233 11.15 -24.89 -1.51
N SER A 234 11.55 -24.10 -0.50
CA SER A 234 12.86 -24.27 0.10
C SER A 234 12.99 -25.59 0.83
N ALA A 235 11.91 -26.08 1.45
CA ALA A 235 11.96 -27.39 2.09
C ALA A 235 12.10 -28.50 1.05
N ILE A 236 11.47 -28.35 -0.11
CA ILE A 236 11.60 -29.33 -1.18
C ILE A 236 13.01 -29.29 -1.76
N GLN A 237 13.60 -28.11 -1.84
CA GLN A 237 14.91 -27.93 -2.47
C GLN A 237 16.04 -28.59 -1.71
N GLN A 238 15.77 -29.24 -0.58
CA GLN A 238 16.81 -29.85 0.24
C GLN A 238 16.97 -31.35 0.01
N VAL A 239 16.29 -31.92 -0.98
CA VAL A 239 16.46 -33.33 -1.32
C VAL A 239 17.55 -33.44 -2.37
N PRO A 240 18.31 -34.54 -2.39
CA PRO A 240 19.48 -34.60 -3.28
C PRO A 240 19.10 -34.79 -4.74
N HIS A 241 19.91 -34.19 -5.62
CA HIS A 241 19.80 -34.37 -7.06
C HIS A 241 18.44 -33.94 -7.60
N VAL A 242 17.87 -32.87 -7.05
CA VAL A 242 16.58 -32.36 -7.48
C VAL A 242 16.68 -30.88 -7.76
N SER A 243 17.45 -30.17 -6.96
CA SER A 243 17.59 -28.73 -7.10
C SER A 243 18.34 -28.39 -8.37
N PRO A 244 17.75 -27.66 -9.31
CA PRO A 244 18.50 -27.19 -10.49
C PRO A 244 19.45 -26.05 -10.19
N THR A 245 19.37 -25.46 -8.99
CA THR A 245 20.26 -24.39 -8.57
C THR A 245 20.84 -24.70 -7.20
N ASN A 246 21.51 -23.72 -6.60
CA ASN A 246 22.10 -23.92 -5.28
C ASN A 246 21.02 -24.17 -4.23
N ARG A 247 21.38 -24.89 -3.17
CA ARG A 247 20.43 -25.25 -2.13
C ARG A 247 19.97 -24.04 -1.31
N TYR A 248 20.66 -22.90 -1.40
CA TYR A 248 20.35 -21.73 -0.60
C TYR A 248 20.03 -20.52 -1.46
N THR A 249 19.49 -20.75 -2.66
CA THR A 249 19.22 -19.64 -3.57
C THR A 249 17.87 -18.98 -3.31
N THR A 250 16.97 -19.65 -2.59
CA THR A 250 15.65 -19.09 -2.27
C THR A 250 15.49 -18.79 -0.79
N ILE A 251 16.06 -19.62 0.09
CA ILE A 251 15.95 -19.36 1.52
C ILE A 251 16.69 -18.08 1.88
N GLY A 252 17.70 -17.70 1.11
CA GLY A 252 18.36 -16.43 1.35
C GLY A 252 17.44 -15.25 1.15
N THR A 253 16.74 -15.21 0.00
CA THR A 253 15.78 -14.14 -0.25
C THR A 253 14.63 -14.20 0.74
N LEU A 254 14.23 -15.41 1.13
CA LEU A 254 13.18 -15.56 2.13
C LEU A 254 13.58 -14.91 3.45
N LEU A 255 14.79 -15.21 3.93
CA LEU A 255 15.26 -14.60 5.17
C LEU A 255 15.46 -13.10 5.02
N VAL A 256 15.86 -12.63 3.84
CA VAL A 256 16.03 -11.19 3.63
C VAL A 256 14.69 -10.48 3.77
N VAL A 257 13.67 -10.96 3.06
CA VAL A 257 12.37 -10.29 3.16
C VAL A 257 11.78 -10.47 4.56
N LEU A 258 12.07 -11.59 5.23
CA LEU A 258 11.57 -11.78 6.58
C LEU A 258 12.19 -10.80 7.55
N ILE A 259 13.51 -10.56 7.45
CA ILE A 259 14.13 -9.62 8.37
C ILE A 259 13.73 -8.19 8.02
N VAL A 260 13.44 -7.91 6.75
CA VAL A 260 12.93 -6.58 6.40
C VAL A 260 11.56 -6.35 7.04
N SER A 261 10.67 -7.33 6.91
CA SER A 261 9.36 -7.23 7.55
C SER A 261 9.50 -7.12 9.06
N ALA A 262 10.43 -7.88 9.65
CA ALA A 262 10.63 -7.83 11.09
C ALA A 262 11.12 -6.47 11.54
N MET A 263 12.07 -5.87 10.80
CA MET A 263 12.57 -4.56 11.20
C MET A 263 11.52 -3.48 11.02
N LYS A 264 10.64 -3.61 10.01
CA LYS A 264 9.57 -2.62 9.88
C LYS A 264 8.55 -2.77 11.01
N GLU A 265 8.18 -4.01 11.35
CA GLU A 265 7.30 -4.24 12.49
C GLU A 265 7.92 -3.69 13.77
N CYS A 266 9.23 -3.88 13.95
CA CYS A 266 9.89 -3.39 15.14
C CYS A 266 9.92 -1.86 15.18
N ILE A 267 10.12 -1.22 14.02
CA ILE A 267 10.11 0.23 13.96
C ILE A 267 8.74 0.77 14.35
N GLU A 268 7.68 0.19 13.79
CA GLU A 268 6.35 0.70 14.12
C GLU A 268 5.99 0.40 15.57
N ASP A 269 6.43 -0.74 16.10
CA ASP A 269 6.16 -1.06 17.49
C ASP A 269 6.92 -0.14 18.43
N ILE A 270 8.13 0.27 18.06
CA ILE A 270 8.88 1.23 18.86
C ILE A 270 8.22 2.60 18.80
N LYS A 271 7.72 2.99 17.62
CA LYS A 271 7.01 4.26 17.51
C LYS A 271 5.74 4.27 18.35
N ARG A 272 5.07 3.12 18.48
CA ARG A 272 3.91 3.05 19.36
C ARG A 272 4.32 3.06 20.83
N ALA A 273 5.32 2.27 21.19
CA ALA A 273 5.78 2.19 22.57
C ALA A 273 6.33 3.52 23.07
N ASN A 274 6.83 4.37 22.17
CA ASN A 274 7.29 5.70 22.58
C ASN A 274 6.16 6.48 23.21
N SER A 275 5.05 6.64 22.49
CA SER A 275 3.88 7.34 23.03
C SER A 275 3.28 6.58 24.21
N ASP A 276 3.33 5.24 24.18
CA ASP A 276 2.81 4.46 25.29
C ASP A 276 3.54 4.79 26.59
N LYS A 277 4.88 4.79 26.55
CA LYS A 277 5.65 5.11 27.74
C LYS A 277 5.56 6.58 28.09
N GLU A 278 5.40 7.46 27.09
CA GLU A 278 5.23 8.88 27.38
C GLU A 278 3.91 9.14 28.11
N LEU A 279 2.88 8.35 27.81
CA LEU A 279 1.61 8.49 28.51
C LEU A 279 1.56 7.70 29.82
N ASN A 280 2.39 6.67 29.96
CA ASN A 280 2.32 5.79 31.12
C ASN A 280 3.22 6.25 32.28
N ASN A 281 4.04 7.28 32.08
CA ASN A 281 4.96 7.75 33.11
C ASN A 281 4.57 9.12 33.65
N SER A 282 3.28 9.43 33.67
CA SER A 282 2.82 10.71 34.17
C SER A 282 2.95 10.78 35.68
N THR A 283 2.78 11.98 36.21
CA THR A 283 2.93 12.22 37.64
C THR A 283 1.61 12.02 38.37
N ALA A 284 1.71 11.65 39.65
CA ALA A 284 0.54 11.42 40.48
C ALA A 284 0.89 11.69 41.94
N GLU A 285 -0.02 12.36 42.65
CA GLU A 285 0.19 12.69 44.05
C GLU A 285 -0.47 11.60 44.91
N ILE A 286 0.35 10.84 45.63
CA ILE A 286 -0.11 9.69 46.39
C ILE A 286 0.23 9.90 47.86
N PHE A 287 -0.68 9.49 48.74
CA PHE A 287 -0.42 9.55 50.17
C PHE A 287 0.61 8.48 50.56
N SER A 288 1.44 8.81 51.55
CA SER A 288 2.45 7.91 52.04
C SER A 288 2.14 7.49 53.47
N GLU A 289 2.30 6.20 53.75
CA GLU A 289 2.03 5.69 55.10
C GLU A 289 3.10 6.14 56.08
N ALA A 290 4.37 6.11 55.67
CA ALA A 290 5.46 6.50 56.57
C ALA A 290 5.59 8.02 56.65
N HIS A 291 5.56 8.70 55.50
CA HIS A 291 5.71 10.14 55.48
C HIS A 291 4.47 10.88 55.96
N ASP A 292 3.31 10.23 55.93
CA ASP A 292 2.05 10.84 56.37
C ASP A 292 1.76 12.13 55.60
N ASP A 293 2.05 12.11 54.30
CA ASP A 293 1.85 13.29 53.46
C ASP A 293 1.76 12.83 52.01
N PHE A 294 1.40 13.76 51.14
CA PHE A 294 1.30 13.49 49.71
C PHE A 294 2.66 13.68 49.06
N VAL A 295 3.08 12.67 48.29
CA VAL A 295 4.35 12.70 47.57
C VAL A 295 4.07 12.45 46.09
N GLU A 296 4.95 12.98 45.24
CA GLU A 296 4.82 12.83 43.80
C GLU A 296 5.51 11.54 43.35
N LYS A 297 4.79 10.71 42.59
CA LYS A 297 5.33 9.46 42.07
C LYS A 297 4.83 9.29 40.64
N ARG A 298 5.14 8.15 40.04
CA ARG A 298 4.74 7.84 38.68
C ARG A 298 3.54 6.90 38.68
N TRP A 299 2.88 6.83 37.53
CA TRP A 299 1.73 5.94 37.38
C TRP A 299 2.13 4.47 37.39
N ILE A 300 3.38 4.16 37.04
CA ILE A 300 3.82 2.77 37.01
C ILE A 300 3.83 2.18 38.41
N ASP A 301 4.26 2.96 39.40
CA ASP A 301 4.37 2.49 40.77
C ASP A 301 3.06 2.61 41.55
N ILE A 302 1.98 3.04 40.91
CA ILE A 302 0.70 3.16 41.60
C ILE A 302 0.16 1.78 41.90
N ARG A 303 -0.13 1.51 43.17
CA ARG A 303 -0.68 0.24 43.60
C ARG A 303 -2.14 0.43 44.01
N VAL A 304 -2.85 -0.69 44.11
CA VAL A 304 -4.25 -0.67 44.52
C VAL A 304 -4.32 -0.54 46.03
N GLY A 305 -5.10 0.42 46.52
CA GLY A 305 -5.27 0.67 47.93
C GLY A 305 -4.56 1.90 48.44
N ASP A 306 -3.85 2.63 47.59
CA ASP A 306 -3.18 3.86 48.00
C ASP A 306 -4.11 5.05 47.84
N ILE A 307 -4.01 6.00 48.77
CA ILE A 307 -4.82 7.20 48.74
C ILE A 307 -4.13 8.23 47.86
N ILE A 308 -4.86 8.77 46.89
CA ILE A 308 -4.32 9.74 45.95
C ILE A 308 -5.15 11.02 46.02
N ARG A 309 -4.53 12.13 45.62
CA ARG A 309 -5.18 13.43 45.56
C ARG A 309 -5.25 13.86 44.11
N VAL A 310 -6.43 13.79 43.52
CA VAL A 310 -6.64 14.14 42.12
C VAL A 310 -7.01 15.62 42.04
N LYS A 311 -6.27 16.37 41.23
CA LYS A 311 -6.49 17.80 41.06
C LYS A 311 -7.48 18.03 39.92
N SER A 312 -7.59 19.26 39.44
CA SER A 312 -8.55 19.60 38.40
C SER A 312 -7.92 19.47 37.02
N GLU A 313 -8.78 19.53 36.00
CA GLU A 313 -8.40 19.49 34.58
C GLU A 313 -7.32 18.46 34.30
N GLU A 314 -7.49 17.27 34.88
CA GLU A 314 -6.58 16.16 34.67
C GLU A 314 -7.37 14.88 34.55
N PRO A 315 -6.91 13.93 33.74
CA PRO A 315 -7.64 12.67 33.57
C PRO A 315 -7.59 11.82 34.84
N ILE A 316 -8.55 10.91 34.93
CA ILE A 316 -8.66 10.04 36.10
C ILE A 316 -7.59 8.95 35.99
N PRO A 317 -6.78 8.73 37.03
CA PRO A 317 -5.73 7.71 36.94
C PRO A 317 -6.27 6.29 36.83
N ALA A 318 -7.21 5.94 37.71
CA ALA A 318 -7.78 4.60 37.71
C ALA A 318 -9.17 4.68 38.35
N ASP A 319 -9.78 3.51 38.54
CA ASP A 319 -11.11 3.40 39.13
C ASP A 319 -10.99 3.66 40.64
N THR A 320 -11.27 4.89 41.06
CA THR A 320 -11.11 5.29 42.44
C THR A 320 -12.46 5.63 43.06
N ILE A 321 -12.64 5.25 44.31
CA ILE A 321 -13.79 5.68 45.11
C ILE A 321 -13.42 6.97 45.81
N ILE A 322 -14.38 7.89 45.89
CA ILE A 322 -14.15 9.21 46.46
C ILE A 322 -14.18 9.12 47.97
N LEU A 323 -13.19 9.72 48.63
CA LEU A 323 -13.14 9.81 50.08
C LEU A 323 -13.60 11.18 50.58
N SER A 324 -13.08 12.25 49.99
CA SER A 324 -13.47 13.61 50.35
C SER A 324 -13.11 14.52 49.18
N SER A 325 -13.47 15.79 49.31
CA SER A 325 -13.20 16.78 48.26
C SER A 325 -13.18 18.16 48.89
N SER A 326 -12.86 19.16 48.07
CA SER A 326 -12.81 20.54 48.54
C SER A 326 -14.20 21.12 48.78
N GLU A 327 -15.22 20.57 48.11
CA GLU A 327 -16.56 21.09 48.29
C GLU A 327 -17.09 20.74 49.68
N PRO A 328 -17.94 21.60 50.26
CA PRO A 328 -18.47 21.28 51.60
C PRO A 328 -19.39 20.08 51.60
N GLU A 329 -20.20 19.90 50.56
CA GLU A 329 -21.07 18.74 50.49
C GLU A 329 -20.31 17.50 50.03
N GLY A 330 -19.38 17.67 49.10
CA GLY A 330 -18.61 16.57 48.58
C GLY A 330 -18.89 16.19 47.14
N LEU A 331 -19.50 17.07 46.35
CA LEU A 331 -19.85 16.76 44.97
C LEU A 331 -18.74 17.20 44.02
N CYS A 332 -18.75 16.60 42.83
CA CYS A 332 -17.80 16.93 41.79
C CYS A 332 -18.45 16.67 40.43
N TYR A 333 -17.82 17.21 39.39
CA TYR A 333 -18.33 17.13 38.03
C TYR A 333 -17.37 16.30 37.18
N ILE A 334 -17.91 15.27 36.53
CA ILE A 334 -17.12 14.44 35.64
C ILE A 334 -17.68 14.56 34.23
N GLU A 335 -16.79 14.48 33.24
CA GLU A 335 -17.14 14.54 31.83
C GLU A 335 -16.78 13.22 31.17
N THR A 336 -17.71 12.68 30.40
CA THR A 336 -17.52 11.38 29.73
C THR A 336 -17.21 11.57 28.25
N ALA A 337 -16.27 12.46 27.95
CA ALA A 337 -15.90 12.72 26.55
C ALA A 337 -15.09 11.58 25.95
N ASN A 338 -14.49 10.72 26.78
CA ASN A 338 -13.67 9.62 26.29
C ASN A 338 -14.29 8.25 26.51
N LEU A 339 -15.10 8.08 27.55
CA LEU A 339 -15.69 6.77 27.83
C LEU A 339 -17.04 6.59 27.14
N ASP A 340 -17.78 7.67 26.92
CA ASP A 340 -19.08 7.62 26.27
C ASP A 340 -19.16 8.75 25.25
N GLY A 341 -20.35 8.95 24.71
CA GLY A 341 -20.60 10.01 23.75
C GLY A 341 -21.37 11.20 24.28
N GLU A 342 -21.81 11.16 25.54
CA GLU A 342 -22.55 12.27 26.12
C GLU A 342 -21.59 13.37 26.56
N THR A 343 -21.91 14.60 26.21
CA THR A 343 -21.07 15.74 26.54
C THR A 343 -21.48 16.44 27.82
N ASN A 344 -22.60 16.05 28.43
CA ASN A 344 -23.04 16.68 29.66
C ASN A 344 -22.16 16.23 30.83
N LEU A 345 -22.20 17.01 31.90
CA LEU A 345 -21.41 16.75 33.09
C LEU A 345 -22.24 15.99 34.13
N LYS A 346 -21.70 14.89 34.63
CA LYS A 346 -22.36 14.10 35.65
C LYS A 346 -21.89 14.55 37.03
N ILE A 347 -22.83 14.71 37.95
CA ILE A 347 -22.53 15.15 39.31
C ILE A 347 -22.38 13.90 40.18
N LYS A 348 -21.15 13.65 40.62
CA LYS A 348 -20.86 12.55 41.53
C LYS A 348 -20.67 13.10 42.93
N GLN A 349 -21.52 12.67 43.86
CA GLN A 349 -21.48 13.15 45.23
C GLN A 349 -20.80 12.13 46.14
N SER A 350 -20.08 12.63 47.14
CA SER A 350 -19.39 11.80 48.10
C SER A 350 -20.31 11.42 49.25
N ARG A 351 -19.89 10.41 50.01
CA ARG A 351 -20.62 10.02 51.20
C ARG A 351 -20.48 11.09 52.27
N VAL A 352 -21.61 11.50 52.86
CA VAL A 352 -21.59 12.55 53.86
C VAL A 352 -20.99 12.06 55.18
N GLU A 353 -20.89 10.75 55.37
CA GLU A 353 -20.36 10.19 56.61
C GLU A 353 -18.83 10.07 56.60
N THR A 354 -18.17 10.37 55.48
CA THR A 354 -16.72 10.27 55.40
C THR A 354 -16.06 11.41 54.65
N ALA A 355 -16.82 12.42 54.22
CA ALA A 355 -16.27 13.55 53.47
C ALA A 355 -15.68 14.63 54.36
N LYS A 356 -15.54 14.37 55.66
CA LYS A 356 -15.01 15.35 56.60
C LYS A 356 -13.49 15.31 56.73
N PHE A 357 -12.81 14.40 56.02
CA PHE A 357 -11.37 14.28 56.09
C PHE A 357 -10.74 15.12 55.00
N ILE A 358 -10.48 16.39 55.33
CA ILE A 358 -9.85 17.32 54.39
C ILE A 358 -8.34 17.37 54.59
N ASP A 359 -7.89 17.41 55.82
CA ASP A 359 -6.46 17.46 56.12
C ASP A 359 -5.85 16.08 55.95
N VAL A 360 -4.52 16.06 55.79
CA VAL A 360 -3.81 14.79 55.59
C VAL A 360 -3.52 14.12 56.93
N LYS A 361 -3.26 14.91 57.98
CA LYS A 361 -2.87 14.35 59.27
C LYS A 361 -3.99 13.54 59.90
N THR A 362 -5.24 13.73 59.49
CA THR A 362 -6.36 12.95 60.00
C THR A 362 -6.65 11.72 59.14
N LEU A 363 -5.87 11.47 58.10
CA LEU A 363 -6.07 10.31 57.25
C LEU A 363 -5.45 9.03 57.81
N LYS A 364 -4.76 9.12 58.94
CA LYS A 364 -4.10 7.96 59.53
C LYS A 364 -4.98 7.21 60.51
N ASN A 365 -6.01 7.85 61.05
CA ASN A 365 -6.89 7.23 62.05
C ASN A 365 -8.13 6.60 61.44
N MET A 366 -8.16 6.41 60.12
CA MET A 366 -9.29 5.79 59.44
C MET A 366 -8.89 4.40 58.96
N ASN A 367 -9.69 3.41 59.34
CA ASN A 367 -9.43 2.03 58.98
C ASN A 367 -10.71 1.39 58.42
N GLY A 368 -10.52 0.30 57.69
CA GLY A 368 -11.63 -0.41 57.09
C GLY A 368 -11.21 -1.06 55.79
N LYS A 369 -12.16 -1.78 55.20
CA LYS A 369 -11.95 -2.48 53.95
C LYS A 369 -13.11 -2.19 53.00
N VAL A 370 -12.81 -2.29 51.71
CA VAL A 370 -13.80 -2.05 50.65
C VAL A 370 -14.00 -3.35 49.89
N VAL A 371 -15.23 -3.85 49.91
CA VAL A 371 -15.60 -5.06 49.19
C VAL A 371 -16.27 -4.61 47.89
N SER A 372 -15.53 -4.64 46.80
CA SER A 372 -16.03 -4.28 45.48
C SER A 372 -16.29 -5.54 44.65
N GLU A 373 -16.92 -5.33 43.50
CA GLU A 373 -17.23 -6.43 42.61
C GLU A 373 -16.02 -6.79 41.75
N GLN A 374 -16.15 -7.87 41.00
CA GLN A 374 -15.07 -8.35 40.14
C GLN A 374 -14.94 -7.44 38.92
N PRO A 375 -13.76 -7.43 38.29
CA PRO A 375 -13.58 -6.62 37.07
C PRO A 375 -14.50 -7.10 35.96
N ASN A 376 -15.31 -6.17 35.45
CA ASN A 376 -16.24 -6.46 34.37
C ASN A 376 -16.11 -5.35 33.33
N SER A 377 -17.10 -5.26 32.44
CA SER A 377 -17.13 -4.23 31.41
C SER A 377 -18.35 -3.34 31.48
N SER A 378 -19.27 -3.59 32.40
CA SER A 378 -20.45 -2.74 32.56
C SER A 378 -20.05 -1.39 33.14
N LEU A 379 -20.64 -0.32 32.60
CA LEU A 379 -20.22 1.03 32.93
C LEU A 379 -20.93 1.57 34.17
N TYR A 380 -22.26 1.63 34.13
CA TYR A 380 -23.05 2.31 35.16
C TYR A 380 -23.63 1.34 36.19
N THR A 381 -22.97 0.21 36.43
CA THR A 381 -23.39 -0.74 37.46
C THR A 381 -22.22 -0.98 38.40
N TYR A 382 -22.41 -0.64 39.67
CA TYR A 382 -21.38 -0.85 40.68
C TYR A 382 -22.03 -1.21 42.00
N GLU A 383 -21.37 -2.10 42.75
CA GLU A 383 -21.87 -2.53 44.05
C GLU A 383 -20.70 -2.89 44.95
N GLY A 384 -20.80 -2.53 46.21
CA GLY A 384 -19.75 -2.82 47.16
C GLY A 384 -20.18 -2.50 48.57
N THR A 385 -19.20 -2.53 49.47
CA THR A 385 -19.45 -2.22 50.88
C THR A 385 -18.17 -1.68 51.50
N MET A 386 -18.23 -0.46 52.02
CA MET A 386 -17.07 0.17 52.65
C MET A 386 -17.21 0.14 54.16
N THR A 387 -16.15 -0.26 54.84
CA THR A 387 -16.13 -0.31 56.30
C THR A 387 -15.50 0.97 56.84
N LEU A 388 -16.25 1.71 57.63
CA LEU A 388 -15.77 2.95 58.22
C LEU A 388 -15.36 2.70 59.67
N ASN A 389 -14.98 3.78 60.37
CA ASN A 389 -14.54 3.65 61.76
C ASN A 389 -15.69 3.29 62.69
N ASP A 390 -16.92 3.67 62.33
CA ASP A 390 -18.08 3.45 63.18
C ASP A 390 -19.03 2.41 62.60
N ARG A 391 -19.51 2.61 61.37
CA ARG A 391 -20.47 1.71 60.77
C ARG A 391 -20.18 1.58 59.28
N GLN A 392 -20.64 0.46 58.71
CA GLN A 392 -20.40 0.18 57.30
C GLN A 392 -21.43 0.88 56.42
N ILE A 393 -21.00 1.24 55.22
CA ILE A 393 -21.85 1.94 54.26
C ILE A 393 -21.90 1.14 52.95
N PRO A 394 -22.99 1.21 52.20
CA PRO A 394 -23.03 0.55 50.89
C PRO A 394 -22.37 1.42 49.82
N LEU A 395 -22.15 0.81 48.66
CA LEU A 395 -21.56 1.49 47.52
C LEU A 395 -22.50 1.45 46.33
N SER A 396 -22.23 2.32 45.36
CA SER A 396 -23.08 2.48 44.20
C SER A 396 -22.30 3.25 43.14
N PRO A 397 -22.71 3.19 41.87
CA PRO A 397 -22.03 3.97 40.84
C PRO A 397 -22.23 5.48 40.97
N ASP A 398 -22.98 5.94 41.97
CA ASP A 398 -23.17 7.37 42.17
C ASP A 398 -21.96 8.05 42.81
N GLN A 399 -21.09 7.27 43.46
CA GLN A 399 -19.84 7.80 44.02
C GLN A 399 -18.63 7.09 43.43
N MET A 400 -18.73 6.59 42.20
CA MET A 400 -17.66 5.89 41.53
C MET A 400 -17.31 6.62 40.24
N ILE A 401 -16.02 6.90 40.05
CA ILE A 401 -15.53 7.60 38.86
C ILE A 401 -14.67 6.65 38.06
N LEU A 402 -15.00 6.49 36.78
CA LEU A 402 -14.25 5.63 35.89
C LEU A 402 -12.97 6.32 35.43
N ARG A 403 -12.12 5.55 34.73
CA ARG A 403 -10.84 6.08 34.28
C ARG A 403 -10.99 6.99 33.07
N GLY A 404 -11.96 6.72 32.19
CA GLY A 404 -12.14 7.50 30.98
C GLY A 404 -12.77 8.87 31.20
N ALA A 405 -13.22 9.17 32.42
CA ALA A 405 -13.84 10.44 32.69
C ALA A 405 -12.79 11.54 32.86
N THR A 406 -13.25 12.78 33.01
CA THR A 406 -12.38 13.93 33.22
C THR A 406 -13.00 14.83 34.26
N LEU A 407 -12.25 15.13 35.31
CA LEU A 407 -12.74 15.98 36.39
C LEU A 407 -12.77 17.44 35.96
N ARG A 408 -13.85 18.14 36.34
CA ARG A 408 -14.00 19.56 36.04
C ARG A 408 -14.71 20.24 37.19
N ASN A 409 -14.37 21.52 37.40
CA ASN A 409 -15.04 22.36 38.40
C ASN A 409 -14.91 21.78 39.81
N THR A 410 -13.73 21.24 40.11
CA THR A 410 -13.45 20.70 41.44
C THR A 410 -11.97 20.90 41.74
N ALA A 411 -11.68 21.43 42.93
CA ALA A 411 -10.29 21.75 43.27
C ALA A 411 -9.47 20.48 43.48
N TRP A 412 -9.92 19.59 44.37
CA TRP A 412 -9.19 18.37 44.64
C TRP A 412 -10.14 17.33 45.21
N ILE A 413 -9.84 16.06 44.92
CA ILE A 413 -10.59 14.93 45.46
C ILE A 413 -9.62 13.92 46.04
N PHE A 414 -10.05 13.23 47.10
CA PHE A 414 -9.29 12.15 47.69
C PHE A 414 -9.86 10.83 47.18
N GLY A 415 -9.04 10.07 46.48
CA GLY A 415 -9.49 8.84 45.84
C GLY A 415 -8.75 7.62 46.34
N LEU A 416 -9.45 6.50 46.36
CA LEU A 416 -8.89 5.20 46.73
C LEU A 416 -9.04 4.26 45.54
N VAL A 417 -7.91 3.78 45.02
CA VAL A 417 -7.92 2.97 43.81
C VAL A 417 -8.42 1.56 44.14
N ILE A 418 -9.25 1.01 43.25
CA ILE A 418 -9.75 -0.35 43.36
C ILE A 418 -9.38 -1.19 42.14
N PHE A 419 -9.64 -0.66 40.95
CA PHE A 419 -9.33 -1.32 39.69
C PHE A 419 -8.20 -0.58 38.99
N THR A 420 -7.25 -1.32 38.45
CA THR A 420 -6.12 -0.72 37.74
C THR A 420 -5.70 -1.63 36.60
N GLY A 421 -4.94 -1.05 35.67
CA GLY A 421 -4.44 -1.82 34.55
C GLY A 421 -5.57 -2.28 33.65
N HIS A 422 -5.60 -3.59 33.38
CA HIS A 422 -6.65 -4.20 32.57
C HIS A 422 -7.80 -4.73 33.42
N GLU A 423 -7.89 -4.32 34.69
CA GLU A 423 -8.94 -4.75 35.58
C GLU A 423 -10.02 -3.70 35.77
N THR A 424 -9.97 -2.61 35.01
CA THR A 424 -10.96 -1.55 35.11
C THR A 424 -12.26 -1.98 34.43
N LYS A 425 -13.24 -1.06 34.41
CA LYS A 425 -14.51 -1.32 33.75
C LYS A 425 -14.52 -0.88 32.30
N LEU A 426 -13.67 0.07 31.92
CA LEU A 426 -13.63 0.58 30.56
C LEU A 426 -12.53 -0.04 29.71
N LEU A 427 -11.35 -0.27 30.28
CA LEU A 427 -10.22 -0.81 29.56
C LEU A 427 -10.12 -2.33 29.65
N ARG A 428 -11.16 -2.99 30.15
CA ARG A 428 -11.16 -4.45 30.19
C ARG A 428 -11.58 -5.04 28.86
N ASN A 429 -12.74 -4.62 28.36
CA ASN A 429 -13.23 -5.07 27.05
C ASN A 429 -12.81 -4.06 25.99
N ALA A 430 -11.50 -4.06 25.72
CA ALA A 430 -10.94 -3.14 24.73
C ALA A 430 -11.32 -3.58 23.32
N THR A 431 -11.61 -2.58 22.48
CA THR A 431 -12.00 -2.85 21.10
C THR A 431 -10.77 -3.03 20.23
N ALA A 432 -10.90 -3.90 19.22
CA ALA A 432 -9.84 -4.17 18.26
C ALA A 432 -10.30 -3.75 16.88
N THR A 433 -9.56 -2.84 16.26
CA THR A 433 -9.92 -2.34 14.94
C THR A 433 -9.76 -3.45 13.91
N PRO A 434 -10.82 -3.85 13.22
CA PRO A 434 -10.68 -4.91 12.22
C PRO A 434 -9.88 -4.45 11.01
N ILE A 435 -9.04 -5.34 10.49
CA ILE A 435 -8.22 -5.02 9.34
C ILE A 435 -9.11 -4.83 8.12
N LYS A 436 -8.99 -3.68 7.47
CA LYS A 436 -9.78 -3.35 6.30
C LYS A 436 -9.04 -3.79 5.05
N ARG A 437 -9.67 -4.67 4.27
CA ARG A 437 -9.10 -5.17 3.03
C ARG A 437 -9.63 -4.37 1.86
N THR A 438 -8.74 -3.82 1.06
CA THR A 438 -9.12 -2.99 -0.08
C THR A 438 -9.41 -3.86 -1.31
N ALA A 439 -9.88 -3.20 -2.37
CA ALA A 439 -10.16 -3.92 -3.61
C ALA A 439 -8.88 -4.31 -4.33
N VAL A 440 -7.84 -3.47 -4.26
CA VAL A 440 -6.57 -3.79 -4.88
C VAL A 440 -6.01 -5.07 -4.29
N GLU A 441 -6.23 -5.30 -2.99
CA GLU A 441 -5.77 -6.54 -2.36
C GLU A 441 -6.45 -7.76 -2.97
N LYS A 442 -7.76 -7.67 -3.21
CA LYS A 442 -8.47 -8.80 -3.80
C LYS A 442 -8.06 -9.03 -5.25
N ILE A 443 -7.80 -7.95 -5.99
CA ILE A 443 -7.33 -8.11 -7.35
C ILE A 443 -5.93 -8.74 -7.37
N ILE A 444 -5.09 -8.37 -6.39
CA ILE A 444 -3.78 -9.01 -6.27
C ILE A 444 -3.93 -10.48 -5.96
N ASN A 445 -4.89 -10.83 -5.09
CA ASN A 445 -5.13 -12.24 -4.77
C ASN A 445 -5.56 -13.01 -6.02
N ARG A 446 -6.45 -12.43 -6.83
CA ARG A 446 -6.87 -13.09 -8.06
C ARG A 446 -5.70 -13.26 -9.02
N GLN A 447 -4.86 -12.24 -9.15
CA GLN A 447 -3.71 -12.34 -10.04
C GLN A 447 -2.72 -13.39 -9.56
N ILE A 448 -2.57 -13.52 -8.24
CA ILE A 448 -1.68 -14.55 -7.68
C ILE A 448 -2.24 -15.93 -7.96
N ILE A 449 -3.56 -16.10 -7.85
CA ILE A 449 -4.17 -17.39 -8.19
C ILE A 449 -3.96 -17.71 -9.66
N ALA A 450 -4.09 -16.70 -10.52
CA ALA A 450 -3.86 -16.92 -11.95
C ALA A 450 -2.42 -17.33 -12.22
N LEU A 451 -1.47 -16.68 -11.55
CA LEU A 451 -0.07 -17.05 -11.71
C LEU A 451 0.20 -18.46 -11.21
N PHE A 452 -0.45 -18.85 -10.12
CA PHE A 452 -0.29 -20.22 -9.62
C PHE A 452 -0.83 -21.23 -10.62
N THR A 453 -1.97 -20.90 -11.25
CA THR A 453 -2.53 -21.82 -12.25
C THR A 453 -1.62 -21.95 -13.46
N VAL A 454 -1.10 -20.83 -13.97
CA VAL A 454 -0.21 -20.92 -15.13
C VAL A 454 1.09 -21.61 -14.75
N LEU A 455 1.52 -21.47 -13.49
CA LEU A 455 2.71 -22.19 -13.02
C LEU A 455 2.47 -23.69 -13.05
N ILE A 456 1.33 -24.14 -12.51
CA ILE A 456 1.01 -25.57 -12.54
C ILE A 456 0.92 -26.07 -13.97
N VAL A 457 0.35 -25.26 -14.87
CA VAL A 457 0.23 -25.65 -16.27
C VAL A 457 1.61 -25.86 -16.89
N LEU A 458 2.50 -24.89 -16.70
CA LEU A 458 3.85 -25.01 -17.26
C LEU A 458 4.58 -26.22 -16.68
N ILE A 459 4.46 -26.42 -15.37
CA ILE A 459 5.16 -27.55 -14.73
C ILE A 459 4.66 -28.87 -15.29
N LEU A 460 3.34 -29.01 -15.43
CA LEU A 460 2.78 -30.27 -15.92
C LEU A 460 3.17 -30.51 -17.38
N ILE A 461 3.13 -29.46 -18.20
CA ILE A 461 3.54 -29.60 -19.60
C ILE A 461 4.99 -30.07 -19.68
N SER A 462 5.87 -29.42 -18.90
CA SER A 462 7.28 -29.77 -18.94
C SER A 462 7.51 -31.19 -18.47
N SER A 463 6.81 -31.61 -17.42
CA SER A 463 6.99 -32.97 -16.91
C SER A 463 6.50 -34.02 -17.90
N ILE A 464 5.37 -33.76 -18.56
CA ILE A 464 4.87 -34.70 -19.56
C ILE A 464 5.83 -34.81 -20.73
N GLY A 465 6.32 -33.65 -21.22
CA GLY A 465 7.31 -33.69 -22.29
C GLY A 465 8.57 -34.45 -21.89
N ASN A 466 9.03 -34.23 -20.65
CA ASN A 466 10.22 -34.91 -20.17
C ASN A 466 10.02 -36.43 -20.15
N VAL A 467 8.89 -36.88 -19.61
CA VAL A 467 8.69 -38.33 -19.49
C VAL A 467 8.51 -38.97 -20.87
N ILE A 468 7.81 -38.29 -21.79
CA ILE A 468 7.62 -38.90 -23.10
C ILE A 468 8.93 -38.92 -23.89
N MET A 469 9.79 -37.90 -23.72
CA MET A 469 11.06 -37.91 -24.42
C MET A 469 12.02 -38.92 -23.82
N SER A 470 12.00 -39.08 -22.50
CA SER A 470 12.88 -40.06 -21.86
C SER A 470 12.42 -41.49 -22.10
N THR A 471 11.13 -41.70 -22.39
CA THR A 471 10.66 -43.05 -22.70
C THR A 471 10.78 -43.37 -24.19
N ALA A 472 10.58 -42.38 -25.07
CA ALA A 472 10.60 -42.63 -26.50
C ALA A 472 12.01 -42.69 -27.08
N ASP A 473 13.01 -42.16 -26.38
CA ASP A 473 14.39 -42.14 -26.85
C ASP A 473 15.31 -42.75 -25.81
N ALA A 474 14.94 -43.93 -25.31
CA ALA A 474 15.75 -44.62 -24.33
C ALA A 474 17.05 -45.17 -24.90
N LYS A 475 17.22 -45.15 -26.23
CA LYS A 475 18.42 -45.68 -26.86
C LYS A 475 19.40 -44.60 -27.28
N HIS A 476 18.92 -43.41 -27.68
CA HIS A 476 19.81 -42.32 -28.06
C HIS A 476 20.36 -41.57 -26.86
N LEU A 477 19.87 -41.84 -25.66
CA LEU A 477 20.38 -41.21 -24.45
C LEU A 477 21.00 -42.26 -23.53
N SER A 478 21.90 -43.07 -24.07
CA SER A 478 22.55 -44.11 -23.28
C SER A 478 23.76 -43.60 -22.51
N TYR A 479 24.34 -42.48 -22.92
CA TYR A 479 25.48 -41.91 -22.23
C TYR A 479 25.10 -41.18 -20.94
N LEU A 480 23.81 -41.13 -20.61
CA LEU A 480 23.36 -40.50 -19.37
C LEU A 480 23.17 -41.50 -18.25
N TYR A 481 23.17 -42.80 -18.54
CA TYR A 481 23.03 -43.86 -17.54
C TYR A 481 21.76 -43.66 -16.72
N LEU A 482 20.62 -43.68 -17.41
CA LEU A 482 19.35 -43.50 -16.76
C LEU A 482 19.01 -44.70 -15.88
N GLU A 483 18.02 -44.52 -15.00
CA GLU A 483 17.64 -45.58 -14.08
C GLU A 483 16.99 -46.75 -14.82
N GLY A 484 15.79 -46.54 -15.35
CA GLY A 484 15.10 -47.59 -16.06
C GLY A 484 13.98 -48.23 -15.25
N THR A 485 14.34 -49.23 -14.45
CA THR A 485 13.35 -49.95 -13.66
C THR A 485 12.61 -49.05 -12.68
N ASN A 486 13.19 -47.89 -12.33
CA ASN A 486 12.55 -46.93 -11.45
C ASN A 486 12.16 -45.65 -12.18
N LYS A 487 11.97 -45.72 -13.50
CA LYS A 487 11.63 -44.53 -14.28
C LYS A 487 10.35 -43.88 -13.76
N ALA A 488 9.41 -44.68 -13.28
CA ALA A 488 8.21 -44.13 -12.65
C ALA A 488 8.58 -43.15 -11.54
N GLY A 489 9.43 -43.59 -10.61
CA GLY A 489 9.92 -42.66 -9.60
C GLY A 489 10.66 -41.48 -10.22
N LEU A 490 11.41 -41.73 -11.29
CA LEU A 490 12.10 -40.66 -11.98
C LEU A 490 11.14 -39.61 -12.52
N PHE A 491 9.86 -39.95 -12.67
CA PHE A 491 8.86 -38.94 -12.98
C PHE A 491 8.68 -37.97 -11.82
N PHE A 492 8.45 -38.49 -10.62
CA PHE A 492 8.19 -37.65 -9.46
C PHE A 492 9.37 -36.72 -9.18
N LYS A 493 10.58 -37.30 -9.09
CA LYS A 493 11.78 -36.50 -8.88
C LYS A 493 12.00 -35.49 -10.00
N ASP A 494 11.39 -35.71 -11.17
CA ASP A 494 11.48 -34.72 -12.23
C ASP A 494 10.50 -33.57 -12.00
N PHE A 495 9.29 -33.89 -11.51
CA PHE A 495 8.29 -32.87 -11.23
C PHE A 495 8.87 -31.75 -10.38
N LEU A 496 9.35 -32.10 -9.18
CA LEU A 496 9.97 -31.11 -8.31
C LEU A 496 11.07 -30.34 -9.03
N THR A 497 11.84 -31.03 -9.88
CA THR A 497 12.95 -30.39 -10.58
C THR A 497 12.48 -29.18 -11.37
N PHE A 498 11.25 -29.20 -11.89
CA PHE A 498 10.73 -28.03 -12.58
C PHE A 498 10.07 -27.04 -11.64
N TRP A 499 9.42 -27.53 -10.57
CA TRP A 499 8.80 -26.66 -9.59
C TRP A 499 9.76 -25.56 -9.15
N ILE A 500 10.87 -25.96 -8.54
CA ILE A 500 11.90 -25.00 -8.13
C ILE A 500 12.31 -24.13 -9.31
N LEU A 501 12.55 -24.75 -10.47
CA LEU A 501 13.03 -24.01 -11.64
C LEU A 501 12.05 -22.92 -12.03
N PHE A 502 10.77 -23.09 -11.73
CA PHE A 502 9.75 -22.10 -12.05
C PHE A 502 9.19 -21.41 -10.82
N SER A 503 9.68 -21.75 -9.62
CA SER A 503 9.14 -21.14 -8.41
C SER A 503 9.32 -19.63 -8.38
N ASN A 504 10.22 -19.10 -9.20
CA ASN A 504 10.43 -17.65 -9.27
C ASN A 504 9.32 -16.94 -10.03
N LEU A 505 8.32 -17.65 -10.55
CA LEU A 505 7.23 -16.96 -11.25
C LEU A 505 6.37 -16.14 -10.30
N VAL A 506 6.33 -16.51 -9.02
CA VAL A 506 5.58 -15.77 -8.01
C VAL A 506 6.56 -14.92 -7.21
N PRO A 507 6.67 -13.62 -7.47
CA PRO A 507 7.67 -12.81 -6.77
C PRO A 507 7.28 -12.59 -5.32
N ILE A 508 8.22 -12.90 -4.42
CA ILE A 508 8.02 -12.64 -3.00
C ILE A 508 8.39 -11.21 -2.60
N SER A 509 9.24 -10.55 -3.38
CA SER A 509 9.61 -9.18 -3.08
C SER A 509 8.45 -8.21 -3.22
N LEU A 510 7.38 -8.60 -3.93
CA LEU A 510 6.25 -7.70 -4.17
C LEU A 510 5.46 -7.46 -2.89
N PHE A 511 5.24 -8.50 -2.09
CA PHE A 511 4.45 -8.36 -0.87
C PHE A 511 5.10 -7.44 0.16
N VAL A 512 6.39 -7.13 0.01
CA VAL A 512 7.03 -6.14 0.84
C VAL A 512 7.22 -4.81 0.12
N THR A 513 7.47 -4.84 -1.19
CA THR A 513 7.60 -3.59 -1.95
C THR A 513 6.29 -2.80 -1.91
N VAL A 514 5.15 -3.49 -1.98
CA VAL A 514 3.88 -2.77 -1.98
C VAL A 514 3.66 -2.07 -0.65
N GLU A 515 3.96 -2.73 0.47
CA GLU A 515 3.73 -2.10 1.75
C GLU A 515 4.75 -1.00 2.03
N LEU A 516 5.98 -1.15 1.54
CA LEU A 516 6.95 -0.07 1.69
C LEU A 516 6.54 1.15 0.86
N ILE A 517 6.01 0.91 -0.34
CA ILE A 517 5.54 2.01 -1.18
C ILE A 517 4.36 2.71 -0.51
N LYS A 518 3.44 1.94 0.07
CA LYS A 518 2.31 2.54 0.77
C LYS A 518 2.77 3.33 1.99
N TYR A 519 3.79 2.83 2.70
CA TYR A 519 4.32 3.55 3.85
C TYR A 519 4.95 4.87 3.43
N TYR A 520 5.75 4.85 2.36
CA TYR A 520 6.36 6.08 1.88
C TYR A 520 5.31 7.06 1.38
N GLN A 521 4.25 6.55 0.74
CA GLN A 521 3.18 7.43 0.26
C GLN A 521 2.43 8.07 1.43
N ALA A 522 2.16 7.29 2.49
CA ALA A 522 1.52 7.86 3.67
C ALA A 522 2.41 8.91 4.32
N PHE A 523 3.72 8.67 4.35
CA PHE A 523 4.64 9.64 4.91
C PHE A 523 4.64 10.93 4.09
N MET A 524 4.70 10.81 2.75
CA MET A 524 4.72 11.98 1.90
C MET A 524 3.38 12.70 1.86
N ILE A 525 2.29 12.03 2.20
CA ILE A 525 0.99 12.69 2.25
C ILE A 525 0.81 13.40 3.58
N GLY A 526 1.18 12.76 4.68
CA GLY A 526 1.02 13.35 5.99
C GLY A 526 2.06 14.41 6.33
N SER A 527 2.70 14.98 5.30
CA SER A 527 3.71 16.00 5.49
C SER A 527 3.59 17.11 4.47
N ASP A 528 2.37 17.41 4.02
CA ASP A 528 2.12 18.46 3.05
C ASP A 528 1.61 19.71 3.76
N LEU A 529 2.03 20.88 3.27
CA LEU A 529 1.61 22.12 3.89
C LEU A 529 0.15 22.44 3.60
N ASP A 530 -0.31 22.18 2.38
CA ASP A 530 -1.70 22.43 2.02
C ASP A 530 -2.67 21.56 2.79
N LEU A 531 -2.19 20.54 3.50
CA LEU A 531 -3.03 19.73 4.38
C LEU A 531 -2.69 19.96 5.85
N TYR A 532 -2.10 21.10 6.17
CA TYR A 532 -1.69 21.43 7.53
C TYR A 532 -2.50 22.59 8.06
N TYR A 533 -2.96 22.46 9.30
CA TYR A 533 -3.75 23.50 9.96
C TYR A 533 -2.83 24.35 10.82
N GLU A 534 -2.95 25.68 10.67
CA GLU A 534 -2.07 26.59 11.38
C GLU A 534 -2.64 27.05 12.72
N LYS A 535 -3.93 27.34 12.77
CA LYS A 535 -4.56 27.86 13.99
C LYS A 535 -4.65 26.84 15.10
N THR A 536 -4.23 25.60 14.87
CA THR A 536 -4.21 24.58 15.92
C THR A 536 -2.95 23.73 15.93
N ASP A 537 -2.07 23.87 14.94
CA ASP A 537 -0.84 23.08 14.86
C ASP A 537 -1.14 21.58 14.85
N THR A 538 -1.87 21.16 13.81
CA THR A 538 -2.23 19.76 13.65
C THR A 538 -2.14 19.37 12.18
N PRO A 539 -1.11 18.60 11.79
CA PRO A 539 -1.02 18.17 10.38
C PRO A 539 -1.80 16.89 10.12
N THR A 540 -1.82 16.45 8.87
CA THR A 540 -2.50 15.21 8.53
C THR A 540 -1.70 14.01 9.03
N VAL A 541 -2.36 13.12 9.74
CA VAL A 541 -1.72 11.95 10.34
C VAL A 541 -2.44 10.71 9.82
N VAL A 542 -1.85 10.05 8.83
CA VAL A 542 -2.42 8.83 8.27
C VAL A 542 -2.10 7.69 9.24
N ARG A 543 -3.06 7.34 10.09
CA ARG A 543 -2.83 6.34 11.11
C ARG A 543 -2.82 4.92 10.55
N THR A 544 -3.37 4.71 9.35
CA THR A 544 -3.39 3.40 8.70
C THR A 544 -2.88 3.57 7.28
N SER A 545 -1.64 3.13 7.04
CA SER A 545 -1.01 3.27 5.74
C SER A 545 -1.38 2.16 4.76
N SER A 546 -2.30 1.28 5.13
CA SER A 546 -2.76 0.22 4.24
C SER A 546 -3.95 0.63 3.40
N LEU A 547 -4.48 1.83 3.60
CA LEU A 547 -5.68 2.31 2.93
C LEU A 547 -5.40 3.57 2.12
N VAL A 548 -4.21 3.68 1.53
CA VAL A 548 -3.83 4.90 0.84
C VAL A 548 -4.33 4.94 -0.60
N GLU A 549 -4.45 3.79 -1.26
CA GLU A 549 -4.88 3.77 -2.65
C GLU A 549 -6.39 3.91 -2.81
N GLU A 550 -7.15 3.69 -1.74
CA GLU A 550 -8.60 3.85 -1.82
C GLU A 550 -9.03 5.31 -1.98
N LEU A 551 -8.16 6.25 -1.60
CA LEU A 551 -8.52 7.67 -1.71
C LEU A 551 -8.77 8.09 -3.14
N GLY A 552 -8.30 7.32 -4.12
CA GLY A 552 -8.56 7.58 -5.52
C GLY A 552 -9.76 6.86 -6.09
N GLN A 553 -10.59 6.25 -5.26
CA GLN A 553 -11.76 5.52 -5.72
C GLN A 553 -12.84 5.54 -4.65
N ILE A 554 -13.33 6.72 -4.31
CA ILE A 554 -14.40 6.91 -3.33
C ILE A 554 -15.65 7.37 -4.08
N GLU A 555 -16.80 6.80 -3.71
CA GLU A 555 -18.06 7.16 -4.33
C GLU A 555 -19.09 7.75 -3.37
N TYR A 556 -19.07 7.35 -2.10
CA TYR A 556 -20.00 7.87 -1.10
C TYR A 556 -19.22 8.56 0.01
N ILE A 557 -19.79 9.65 0.51
CA ILE A 557 -19.20 10.41 1.62
C ILE A 557 -20.29 10.64 2.65
N PHE A 558 -20.21 9.94 3.78
CA PHE A 558 -21.16 10.07 4.88
C PHE A 558 -20.60 11.08 5.86
N SER A 559 -21.02 12.33 5.74
CA SER A 559 -20.45 13.43 6.50
C SER A 559 -21.34 13.83 7.67
N ASP A 560 -20.73 14.59 8.58
CA ASP A 560 -21.43 15.20 9.70
C ASP A 560 -21.61 16.69 9.42
N LYS A 561 -22.48 17.33 10.19
CA LYS A 561 -22.71 18.77 10.06
C LYS A 561 -22.16 19.56 11.24
N THR A 562 -22.54 19.21 12.46
CA THR A 562 -22.05 19.90 13.65
C THR A 562 -20.62 19.47 13.90
N GLY A 563 -19.66 20.31 13.52
CA GLY A 563 -18.25 20.00 13.68
C GLY A 563 -17.54 19.80 12.36
N THR A 564 -18.04 18.90 11.53
CA THR A 564 -17.41 18.66 10.24
C THR A 564 -17.70 19.77 9.25
N LEU A 565 -18.95 20.25 9.20
CA LEU A 565 -19.34 21.35 8.34
C LEU A 565 -19.31 22.70 9.04
N THR A 566 -19.68 22.73 10.32
CA THR A 566 -19.69 23.96 11.09
C THR A 566 -18.44 24.06 11.95
N ARG A 567 -18.18 25.26 12.46
CA ARG A 567 -17.04 25.50 13.33
C ARG A 567 -17.26 25.04 14.75
N ASN A 568 -18.48 24.61 15.10
CA ASN A 568 -18.82 24.11 16.43
C ASN A 568 -18.63 25.17 17.52
N ILE A 569 -18.59 26.45 17.14
CA ILE A 569 -18.51 27.55 18.09
C ILE A 569 -19.75 28.42 17.92
N MET A 570 -20.46 28.64 19.02
CA MET A 570 -21.68 29.43 18.96
C MET A 570 -21.35 30.92 19.08
N GLU A 571 -22.27 31.74 18.59
CA GLU A 571 -22.07 33.19 18.56
C GLU A 571 -23.43 33.86 18.56
N PHE A 572 -23.70 34.67 19.59
CA PHE A 572 -24.95 35.40 19.68
C PHE A 572 -25.11 36.33 18.49
N LYS A 573 -26.10 36.06 17.64
CA LYS A 573 -26.27 36.76 16.38
C LYS A 573 -27.32 37.86 16.44
N SER A 574 -28.55 37.53 16.86
CA SER A 574 -29.64 38.49 16.81
C SER A 574 -30.53 38.36 18.03
N CYS A 575 -31.25 39.44 18.34
CA CYS A 575 -32.26 39.44 19.39
C CYS A 575 -33.47 40.21 18.89
N SER A 576 -34.65 39.75 19.29
CA SER A 576 -35.91 40.37 18.87
C SER A 576 -36.81 40.46 20.09
N ILE A 577 -37.04 41.68 20.59
CA ILE A 577 -37.89 41.90 21.75
C ILE A 577 -38.81 43.08 21.46
N ALA A 578 -39.99 43.05 22.08
CA ALA A 578 -41.01 44.09 21.93
C ALA A 578 -41.44 44.28 20.48
N GLY A 579 -41.24 43.25 19.66
CA GLY A 579 -41.66 43.32 18.27
C GLY A 579 -40.71 44.01 17.32
N HIS A 580 -39.46 44.25 17.74
CA HIS A 580 -38.45 44.85 16.89
C HIS A 580 -37.35 43.82 16.63
N CYS A 581 -36.34 44.23 15.87
CA CYS A 581 -35.21 43.36 15.53
C CYS A 581 -33.94 44.19 15.53
N TYR A 582 -32.88 43.64 16.12
CA TYR A 582 -31.61 44.35 16.26
C TYR A 582 -30.47 43.41 15.93
N ILE A 583 -29.63 43.82 14.97
CA ILE A 583 -28.42 43.10 14.60
C ILE A 583 -27.28 44.09 14.42
N ASP A 584 -26.05 43.59 14.60
CA ASP A 584 -24.88 44.46 14.46
C ASP A 584 -24.57 44.74 12.99
N LYS A 585 -24.49 43.69 12.18
CA LYS A 585 -24.23 43.81 10.75
C LYS A 585 -25.58 43.80 10.03
N ILE A 586 -26.06 44.98 9.65
CA ILE A 586 -27.31 45.12 8.92
C ILE A 586 -27.00 45.01 7.43
N PRO A 587 -27.50 43.99 6.75
CA PRO A 587 -27.28 43.90 5.30
C PRO A 587 -28.19 44.85 4.54
N GLU A 588 -27.73 45.24 3.35
CA GLU A 588 -28.45 46.18 2.51
C GLU A 588 -29.63 45.55 1.79
N ASP A 589 -29.99 44.30 2.10
CA ASP A 589 -31.11 43.66 1.43
C ASP A 589 -32.45 44.14 1.96
N LYS A 590 -32.55 44.40 3.27
CA LYS A 590 -33.81 44.83 3.87
C LYS A 590 -33.54 45.70 5.09
N THR A 591 -32.52 46.54 5.02
CA THR A 591 -32.24 47.46 6.13
C THR A 591 -33.34 48.50 6.27
N ALA A 592 -33.78 49.07 5.15
CA ALA A 592 -34.85 50.07 5.17
C ALA A 592 -36.17 49.38 5.53
N THR A 593 -36.67 49.66 6.73
CA THR A 593 -37.94 49.08 7.18
C THR A 593 -39.08 49.68 6.39
N VAL A 594 -39.81 48.83 5.65
CA VAL A 594 -40.92 49.32 4.83
C VAL A 594 -42.13 49.67 5.67
N GLU A 595 -42.23 49.15 6.90
CA GLU A 595 -43.33 49.43 7.81
C GLU A 595 -44.69 49.04 7.20
N ASP A 596 -44.73 47.81 6.67
CA ASP A 596 -45.97 47.26 6.10
C ASP A 596 -46.87 46.77 7.23
N GLY A 597 -47.42 47.73 7.97
CA GLY A 597 -48.21 47.43 9.14
C GLY A 597 -47.35 47.31 10.38
N ILE A 598 -47.05 46.07 10.78
CA ILE A 598 -46.14 45.84 11.90
C ILE A 598 -44.71 46.04 11.41
N GLU A 599 -43.86 46.58 12.28
CA GLU A 599 -42.49 46.91 11.91
C GLU A 599 -41.71 45.65 11.58
N VAL A 600 -41.20 45.57 10.35
CA VAL A 600 -40.37 44.47 9.88
C VAL A 600 -39.11 45.05 9.26
N GLY A 601 -37.95 44.54 9.68
CA GLY A 601 -36.70 45.02 9.14
C GLY A 601 -35.55 44.69 10.09
N TYR A 602 -34.42 45.33 9.82
CA TYR A 602 -33.19 45.12 10.58
C TYR A 602 -32.70 46.46 11.12
N ARG A 603 -32.38 46.49 12.41
CA ARG A 603 -31.87 47.69 13.06
C ARG A 603 -30.55 47.35 13.76
N LYS A 604 -29.83 48.39 14.16
CA LYS A 604 -28.59 48.22 14.89
C LYS A 604 -28.85 48.28 16.40
N PHE A 605 -27.85 47.84 17.17
CA PHE A 605 -27.92 47.94 18.62
C PHE A 605 -27.78 49.38 19.10
N ASP A 606 -27.25 50.26 18.26
CA ASP A 606 -27.15 51.67 18.63
C ASP A 606 -28.54 52.27 18.84
N ASP A 607 -29.49 51.93 17.97
CA ASP A 607 -30.86 52.39 18.18
C ASP A 607 -31.47 51.78 19.43
N LEU A 608 -31.11 50.53 19.75
CA LEU A 608 -31.57 49.93 21.00
C LEU A 608 -31.06 50.72 22.20
N LYS A 609 -29.78 51.11 22.19
CA LYS A 609 -29.24 51.88 23.30
C LYS A 609 -29.86 53.28 23.35
N LYS A 610 -30.09 53.90 22.19
CA LYS A 610 -30.67 55.23 22.15
C LYS A 610 -32.14 55.25 22.56
N LYS A 611 -32.84 54.13 22.45
CA LYS A 611 -34.19 54.03 22.97
C LYS A 611 -34.25 53.43 24.37
N LEU A 612 -33.15 52.88 24.86
CA LEU A 612 -33.11 52.30 26.21
C LEU A 612 -32.60 53.27 27.26
N ASN A 613 -31.67 54.16 26.91
CA ASN A 613 -31.07 55.03 27.92
C ASN A 613 -32.13 55.92 28.58
N ASP A 614 -32.97 56.56 27.78
CA ASP A 614 -34.03 57.39 28.33
C ASP A 614 -35.22 56.51 28.72
N PRO A 615 -35.75 56.67 29.93
CA PRO A 615 -36.87 55.83 30.38
C PRO A 615 -38.24 56.25 29.83
N SER A 616 -38.29 57.20 28.89
CA SER A 616 -39.57 57.66 28.37
C SER A 616 -40.26 56.60 27.51
N ASP A 617 -39.53 55.59 27.06
CA ASP A 617 -40.11 54.56 26.21
C ASP A 617 -40.82 53.51 27.06
N GLU A 618 -41.87 52.91 26.48
CA GLU A 618 -42.64 51.91 27.20
C GLU A 618 -41.91 50.57 27.27
N ASP A 619 -41.17 50.22 26.23
CA ASP A 619 -40.48 48.93 26.17
C ASP A 619 -39.20 48.90 26.99
N SER A 620 -38.78 50.02 27.59
CA SER A 620 -37.53 50.04 28.33
C SER A 620 -37.50 49.07 29.51
N PRO A 621 -38.54 48.96 30.35
CA PRO A 621 -38.53 47.91 31.38
C PRO A 621 -38.45 46.51 30.79
N ILE A 622 -39.10 46.27 29.65
CA ILE A 622 -39.02 44.95 29.03
C ILE A 622 -37.60 44.69 28.53
N ILE A 623 -36.93 45.72 28.01
CA ILE A 623 -35.55 45.55 27.57
C ILE A 623 -34.64 45.28 28.75
N ASN A 624 -34.88 45.95 29.88
CA ASN A 624 -34.10 45.68 31.09
C ASN A 624 -34.32 44.25 31.57
N ASP A 625 -35.56 43.79 31.56
CA ASP A 625 -35.85 42.42 31.99
C ASP A 625 -35.18 41.41 31.07
N PHE A 626 -35.19 41.68 29.76
CA PHE A 626 -34.53 40.79 28.81
C PHE A 626 -33.03 40.75 29.03
N LEU A 627 -32.41 41.93 29.17
CA LEU A 627 -30.96 42.00 29.35
C LEU A 627 -30.52 41.44 30.70
N THR A 628 -31.41 41.41 31.69
CA THR A 628 -31.10 40.72 32.94
C THR A 628 -31.29 39.22 32.81
N LEU A 629 -32.32 38.79 32.06
CA LEU A 629 -32.51 37.37 31.81
C LEU A 629 -31.32 36.77 31.07
N LEU A 630 -30.69 37.56 30.19
CA LEU A 630 -29.53 37.05 29.47
C LEU A 630 -28.36 36.77 30.40
N ALA A 631 -28.31 37.43 31.56
CA ALA A 631 -27.18 37.32 32.48
C ALA A 631 -27.59 36.81 33.86
N THR A 632 -28.75 36.16 33.98
CA THR A 632 -29.19 35.68 35.28
C THR A 632 -29.84 34.30 35.17
N CYS A 633 -30.62 34.08 34.11
CA CYS A 633 -31.34 32.81 33.96
C CYS A 633 -30.42 31.65 33.61
N HIS A 634 -29.19 31.93 33.18
CA HIS A 634 -28.27 30.89 32.77
C HIS A 634 -27.71 30.15 33.99
N THR A 635 -26.83 29.18 33.72
CA THR A 635 -26.16 28.40 34.76
C THR A 635 -24.67 28.29 34.44
N VAL A 636 -24.07 29.43 34.10
CA VAL A 636 -22.66 29.49 33.70
C VAL A 636 -21.84 29.91 34.91
N ILE A 637 -20.64 29.34 35.03
CA ILE A 637 -19.75 29.59 36.16
C ILE A 637 -18.70 30.61 35.71
N PRO A 638 -18.54 31.72 36.42
CA PRO A 638 -17.53 32.71 36.05
C PRO A 638 -16.18 32.44 36.71
N GLU A 639 -15.12 32.85 36.01
CA GLU A 639 -13.76 32.76 36.51
C GLU A 639 -13.03 34.06 36.19
N PHE A 640 -12.35 34.61 37.20
CA PHE A 640 -11.57 35.83 37.01
C PHE A 640 -10.08 35.49 36.87
N GLN A 641 -9.40 36.26 36.04
CA GLN A 641 -7.98 36.07 35.77
C GLN A 641 -7.21 37.33 36.14
N SER A 642 -5.89 37.24 36.03
CA SER A 642 -5.04 38.39 36.34
C SER A 642 -5.11 39.47 35.27
N ASP A 643 -5.39 39.07 34.02
CA ASP A 643 -5.48 40.05 32.94
C ASP A 643 -6.74 40.89 33.02
N GLY A 644 -7.77 40.42 33.70
CA GLY A 644 -9.04 41.11 33.82
C GLY A 644 -10.15 40.54 32.97
N SER A 645 -9.82 39.78 31.93
CA SER A 645 -10.84 39.18 31.09
C SER A 645 -11.48 38.00 31.82
N ILE A 646 -12.79 38.08 32.05
CA ILE A 646 -13.50 37.04 32.77
C ILE A 646 -13.89 35.93 31.81
N LYS A 647 -13.70 34.69 32.24
CA LYS A 647 -14.03 33.52 31.44
C LYS A 647 -15.31 32.88 31.94
N TYR A 648 -16.10 32.35 31.02
CA TYR A 648 -17.37 31.71 31.34
C TYR A 648 -17.27 30.22 31.04
N GLN A 649 -17.68 29.39 32.00
CA GLN A 649 -17.67 27.94 31.86
C GLN A 649 -19.11 27.45 31.92
N ALA A 650 -19.64 27.02 30.78
CA ALA A 650 -20.99 26.51 30.68
C ALA A 650 -20.97 25.08 30.14
N ALA A 651 -21.97 24.29 30.52
CA ALA A 651 -22.07 22.92 30.04
C ALA A 651 -22.45 22.84 28.57
N SER A 652 -22.93 23.94 27.98
CA SER A 652 -23.31 23.98 26.58
C SER A 652 -22.81 25.30 25.97
N PRO A 653 -22.36 25.28 24.72
CA PRO A 653 -21.84 26.52 24.12
C PRO A 653 -22.92 27.55 23.82
N ASP A 654 -24.18 27.14 23.68
CA ASP A 654 -25.23 28.10 23.36
C ASP A 654 -25.48 29.05 24.53
N GLU A 655 -25.48 28.53 25.76
CA GLU A 655 -25.67 29.40 26.91
C GLU A 655 -24.49 30.34 27.09
N GLY A 656 -23.27 29.86 26.83
CA GLY A 656 -22.12 30.73 26.88
C GLY A 656 -22.17 31.84 25.84
N ALA A 657 -22.63 31.50 24.63
CA ALA A 657 -22.78 32.51 23.60
C ALA A 657 -23.87 33.51 23.96
N LEU A 658 -24.94 33.04 24.60
CA LEU A 658 -25.98 33.97 25.06
C LEU A 658 -25.43 34.93 26.11
N VAL A 659 -24.65 34.41 27.06
CA VAL A 659 -24.07 35.27 28.10
C VAL A 659 -23.11 36.28 27.47
N GLN A 660 -22.30 35.84 26.51
CA GLN A 660 -21.35 36.75 25.88
C GLN A 660 -22.07 37.82 25.06
N GLY A 661 -23.17 37.45 24.40
CA GLY A 661 -23.92 38.42 23.62
C GLY A 661 -24.73 39.37 24.48
N GLY A 662 -25.13 38.95 25.67
CA GLY A 662 -25.82 39.82 26.60
C GLY A 662 -24.92 40.64 27.50
N ALA A 663 -23.64 40.30 27.57
CA ALA A 663 -22.70 41.00 28.44
C ALA A 663 -21.90 42.08 27.74
N ASP A 664 -21.70 41.98 26.42
CA ASP A 664 -20.82 42.90 25.72
C ASP A 664 -21.41 44.29 25.55
N LEU A 665 -22.69 44.50 25.87
CA LEU A 665 -23.30 45.81 25.73
C LEU A 665 -23.38 46.57 27.05
N GLY A 666 -23.16 45.91 28.19
CA GLY A 666 -23.14 46.61 29.46
C GLY A 666 -23.56 45.79 30.66
N TYR A 667 -24.34 44.73 30.43
CA TYR A 667 -24.84 43.90 31.52
C TYR A 667 -24.00 42.62 31.60
N LYS A 668 -22.83 42.75 32.21
CA LYS A 668 -21.92 41.62 32.32
C LYS A 668 -22.28 40.73 33.50
N PHE A 669 -21.94 39.45 33.37
CA PHE A 669 -22.11 38.48 34.43
C PHE A 669 -20.78 38.29 35.15
N ILE A 670 -20.79 38.49 36.46
CA ILE A 670 -19.55 38.43 37.25
C ILE A 670 -19.66 37.35 38.31
N ILE A 671 -18.95 37.55 39.43
CA ILE A 671 -18.86 36.53 40.48
C ILE A 671 -20.26 36.11 40.92
N ARG A 672 -20.50 34.80 40.93
CA ARG A 672 -21.80 34.23 41.29
C ARG A 672 -21.63 33.43 42.57
N LYS A 673 -22.13 33.96 43.68
CA LYS A 673 -22.17 33.24 44.93
C LYS A 673 -23.42 32.38 45.02
N PRO A 674 -23.41 31.35 45.87
CA PRO A 674 -24.56 30.44 45.92
C PRO A 674 -25.86 31.16 46.25
N ASN A 675 -26.94 30.72 45.60
CA ASN A 675 -28.30 31.17 45.84
C ASN A 675 -28.54 32.63 45.46
N SER A 676 -27.72 33.18 44.58
CA SER A 676 -27.93 34.54 44.09
C SER A 676 -27.07 34.76 42.85
N VAL A 677 -27.42 35.79 42.09
CA VAL A 677 -26.74 36.12 40.84
C VAL A 677 -26.41 37.62 40.85
N THR A 678 -25.15 37.94 40.58
CA THR A 678 -24.69 39.32 40.54
C THR A 678 -24.47 39.74 39.09
N VAL A 679 -24.94 40.95 38.76
CA VAL A 679 -24.83 41.48 37.41
C VAL A 679 -24.18 42.85 37.47
N LEU A 680 -23.12 43.04 36.71
CA LEU A 680 -22.41 44.31 36.65
C LEU A 680 -22.97 45.14 35.49
N LEU A 681 -23.48 46.33 35.82
CA LEU A 681 -24.08 47.22 34.84
C LEU A 681 -23.03 48.26 34.42
N GLU A 682 -22.55 48.14 33.18
CA GLU A 682 -21.55 49.07 32.68
C GLU A 682 -22.17 50.40 32.23
N GLU A 683 -23.49 50.44 32.00
CA GLU A 683 -24.12 51.70 31.61
C GLU A 683 -24.21 52.65 32.80
N THR A 684 -24.50 52.12 33.99
CA THR A 684 -24.58 52.92 35.21
C THR A 684 -23.30 52.90 36.02
N GLY A 685 -22.58 51.77 36.03
CA GLY A 685 -21.37 51.62 36.80
C GLY A 685 -21.53 50.90 38.12
N GLU A 686 -22.76 50.58 38.51
CA GLU A 686 -23.04 49.90 39.76
C GLU A 686 -23.42 48.45 39.50
N GLU A 687 -23.11 47.59 40.47
CA GLU A 687 -23.40 46.17 40.39
C GLU A 687 -24.63 45.84 41.20
N LYS A 688 -25.58 45.14 40.57
CA LYS A 688 -26.79 44.70 41.24
C LYS A 688 -26.70 43.21 41.55
N GLU A 689 -27.61 42.76 42.42
CA GLU A 689 -27.63 41.36 42.85
C GLU A 689 -29.06 40.94 43.08
N TYR A 690 -29.42 39.76 42.58
CA TYR A 690 -30.76 39.22 42.71
C TYR A 690 -30.71 37.86 43.39
N GLN A 691 -31.69 37.60 44.25
CA GLN A 691 -31.73 36.36 45.03
C GLN A 691 -32.34 35.26 44.18
N LEU A 692 -31.52 34.31 43.76
CA LEU A 692 -32.00 33.15 43.01
C LEU A 692 -32.71 32.21 43.96
N LEU A 693 -34.03 32.09 43.81
CA LEU A 693 -34.81 31.30 44.77
C LEU A 693 -34.76 29.81 44.43
N ASN A 694 -35.03 29.47 43.17
CA ASN A 694 -35.02 28.08 42.74
C ASN A 694 -34.87 28.04 41.22
N ILE A 695 -34.22 26.99 40.73
CA ILE A 695 -34.02 26.78 39.31
C ILE A 695 -34.45 25.37 38.95
N CYS A 696 -35.04 25.21 37.76
CA CYS A 696 -35.45 23.92 37.26
C CYS A 696 -34.49 23.44 36.17
N GLU A 697 -34.17 22.15 36.20
CA GLU A 697 -33.23 21.59 35.24
C GLU A 697 -33.88 21.46 33.86
N PHE A 698 -33.03 21.40 32.84
CA PHE A 698 -33.50 21.28 31.47
C PHE A 698 -34.02 19.88 31.20
N ASN A 699 -35.02 19.80 30.31
CA ASN A 699 -35.62 18.54 29.92
C ASN A 699 -35.61 18.43 28.39
N SER A 700 -35.38 17.22 27.89
CA SER A 700 -35.35 17.01 26.44
C SER A 700 -36.75 17.04 25.84
N THR A 701 -37.77 16.69 26.62
CA THR A 701 -39.14 16.68 26.10
C THR A 701 -39.77 18.06 26.20
N ARG A 702 -39.69 18.69 27.38
CA ARG A 702 -40.27 20.02 27.55
C ARG A 702 -39.45 21.07 26.82
N LYS A 703 -38.14 20.87 26.71
CA LYS A 703 -37.23 21.83 26.07
C LYS A 703 -37.39 23.23 26.67
N ARG A 704 -37.60 23.28 27.99
CA ARG A 704 -37.76 24.54 28.70
C ARG A 704 -36.92 24.53 29.97
N MET A 705 -36.76 25.71 30.55
CA MET A 705 -35.99 25.88 31.78
C MET A 705 -36.48 27.14 32.47
N SER A 706 -36.91 27.01 33.72
CA SER A 706 -37.46 28.12 34.49
C SER A 706 -36.54 28.44 35.67
N ALA A 707 -36.61 29.70 36.11
CA ALA A 707 -35.77 30.16 37.22
C ALA A 707 -36.45 31.34 37.88
N ILE A 708 -36.69 31.25 39.18
CA ILE A 708 -37.38 32.28 39.94
C ILE A 708 -36.36 33.13 40.69
N PHE A 709 -36.57 34.45 40.66
CA PHE A 709 -35.65 35.39 41.27
C PHE A 709 -36.42 36.41 42.10
N ARG A 710 -35.73 36.98 43.08
CA ARG A 710 -36.24 38.04 43.93
C ARG A 710 -35.35 39.27 43.79
N PHE A 711 -35.96 40.42 43.53
CA PHE A 711 -35.24 41.65 43.29
C PHE A 711 -35.22 42.51 44.55
N PRO A 712 -34.26 43.44 44.65
CA PRO A 712 -34.27 44.37 45.79
C PRO A 712 -35.52 45.24 45.85
N ASP A 713 -36.25 45.38 44.75
CA ASP A 713 -37.48 46.16 44.74
C ASP A 713 -38.65 45.45 45.41
N GLY A 714 -38.46 44.21 45.87
CA GLY A 714 -39.52 43.45 46.50
C GLY A 714 -40.39 42.64 45.57
N SER A 715 -40.08 42.63 44.27
CA SER A 715 -40.87 41.89 43.30
C SER A 715 -40.26 40.51 43.06
N ILE A 716 -41.12 39.51 42.88
CA ILE A 716 -40.72 38.13 42.61
C ILE A 716 -41.02 37.86 41.15
N LYS A 717 -39.98 37.57 40.37
CA LYS A 717 -40.11 37.42 38.92
C LYS A 717 -39.55 36.07 38.48
N LEU A 718 -40.33 35.36 37.68
CA LEU A 718 -39.95 34.05 37.17
C LEU A 718 -39.61 34.19 35.69
N PHE A 719 -38.39 33.80 35.33
CA PHE A 719 -37.94 33.75 33.94
C PHE A 719 -38.08 32.33 33.41
N CYS A 720 -38.33 32.22 32.10
CA CYS A 720 -38.48 30.91 31.48
C CYS A 720 -37.97 30.99 30.06
N LYS A 721 -37.03 30.10 29.72
CA LYS A 721 -36.50 29.99 28.38
C LYS A 721 -36.95 28.67 27.76
N GLY A 722 -37.11 28.67 26.45
CA GLY A 722 -37.59 27.46 25.80
C GLY A 722 -37.51 27.57 24.29
N ALA A 723 -38.14 26.60 23.63
CA ALA A 723 -38.17 26.54 22.18
C ALA A 723 -39.27 27.45 21.64
N ASP A 724 -39.39 27.50 20.31
CA ASP A 724 -40.38 28.35 19.66
C ASP A 724 -41.75 27.69 19.53
N THR A 725 -41.84 26.37 19.72
CA THR A 725 -43.10 25.66 19.53
C THR A 725 -43.63 25.03 20.81
N VAL A 726 -43.15 25.44 21.98
CA VAL A 726 -43.56 24.83 23.23
C VAL A 726 -44.14 25.88 24.17
N ILE A 727 -43.39 26.97 24.38
CA ILE A 727 -43.80 27.95 25.37
C ILE A 727 -44.86 28.90 24.80
N LEU A 728 -44.84 29.14 23.48
CA LEU A 728 -45.78 30.09 22.87
C LEU A 728 -47.24 29.64 23.02
N GLU A 729 -47.48 28.36 23.32
CA GLU A 729 -48.84 27.88 23.48
C GLU A 729 -49.46 28.29 24.81
N ARG A 730 -48.65 28.71 25.78
CA ARG A 730 -49.16 29.10 27.09
C ARG A 730 -48.96 30.59 27.33
N LEU A 731 -49.44 31.41 26.41
CA LEU A 731 -49.32 32.86 26.50
C LEU A 731 -50.69 33.49 26.74
N ASP A 732 -50.66 34.79 27.04
CA ASP A 732 -51.87 35.60 27.21
C ASP A 732 -51.98 36.51 26.00
N ASP A 733 -52.88 36.17 25.09
CA ASP A 733 -53.02 36.93 23.84
C ASP A 733 -53.53 38.34 24.07
N GLU A 734 -54.20 38.61 25.19
CA GLU A 734 -54.72 39.94 25.46
C GLU A 734 -53.68 40.85 26.11
N ALA A 735 -52.58 40.29 26.63
CA ALA A 735 -51.57 41.09 27.30
C ALA A 735 -50.46 41.55 26.35
N ASN A 736 -49.88 40.62 25.59
CA ASN A 736 -48.80 40.95 24.67
C ASN A 736 -49.38 41.35 23.32
N GLN A 737 -48.77 42.36 22.71
CA GLN A 737 -49.22 42.88 21.41
C GLN A 737 -48.20 42.65 20.30
N TYR A 738 -47.19 41.82 20.54
CA TYR A 738 -46.14 41.55 19.56
C TYR A 738 -46.00 40.05 19.31
N VAL A 739 -47.12 39.34 19.26
CA VAL A 739 -47.08 37.90 19.05
C VAL A 739 -46.71 37.58 17.61
N GLU A 740 -47.41 38.19 16.65
CA GLU A 740 -47.12 37.93 15.25
C GLU A 740 -45.72 38.41 14.86
N ALA A 741 -45.26 39.50 15.48
CA ALA A 741 -43.89 39.96 15.23
C ALA A 741 -42.88 38.92 15.68
N THR A 742 -43.10 38.31 16.85
CA THR A 742 -42.19 37.26 17.32
C THR A 742 -42.27 36.03 16.44
N MET A 743 -43.47 35.68 15.95
CA MET A 743 -43.59 34.53 15.07
C MET A 743 -42.84 34.78 13.76
N ARG A 744 -42.93 35.98 13.21
CA ARG A 744 -42.19 36.29 11.98
C ARG A 744 -40.70 36.33 12.24
N HIS A 745 -40.27 36.84 13.40
CA HIS A 745 -38.86 36.89 13.72
C HIS A 745 -38.29 35.50 13.97
N LEU A 746 -39.13 34.56 14.36
CA LEU A 746 -38.68 33.17 14.47
C LEU A 746 -38.67 32.49 13.10
N GLU A 747 -39.65 32.83 12.25
CA GLU A 747 -39.76 32.17 10.95
C GLU A 747 -38.62 32.60 10.02
N ASP A 748 -38.32 33.89 9.97
CA ASP A 748 -37.26 34.36 9.06
C ASP A 748 -35.88 34.00 9.59
N TYR A 749 -35.75 33.76 10.90
CA TYR A 749 -34.46 33.31 11.43
C TYR A 749 -34.26 31.81 11.23
N ALA A 750 -35.33 31.03 11.38
CA ALA A 750 -35.23 29.60 11.13
C ALA A 750 -34.99 29.28 9.65
N SER A 751 -35.20 30.25 8.76
CA SER A 751 -34.94 30.07 7.34
C SER A 751 -33.46 30.19 6.99
N GLU A 752 -32.61 30.58 7.94
CA GLU A 752 -31.18 30.66 7.71
C GLU A 752 -30.38 29.70 8.57
N GLY A 753 -31.04 28.85 9.36
CA GLY A 753 -30.34 27.89 10.17
C GLY A 753 -29.86 28.40 11.52
N LEU A 754 -30.42 29.51 12.00
CA LEU A 754 -30.06 30.07 13.29
C LEU A 754 -30.84 29.40 14.40
N ARG A 755 -30.15 28.98 15.45
CA ARG A 755 -30.82 28.38 16.60
C ARG A 755 -31.55 29.45 17.39
N THR A 756 -32.85 29.29 17.57
CA THR A 756 -33.70 30.27 18.21
C THR A 756 -34.13 29.80 19.59
N LEU A 757 -34.24 30.75 20.52
CA LEU A 757 -34.67 30.47 21.88
C LEU A 757 -35.57 31.59 22.37
N CYS A 758 -36.75 31.23 22.87
CA CYS A 758 -37.71 32.21 23.35
C CYS A 758 -37.58 32.40 24.85
N LEU A 759 -37.73 33.65 25.29
CA LEU A 759 -37.59 34.04 26.69
C LEU A 759 -38.85 34.77 27.13
N ALA A 760 -39.37 34.38 28.29
CA ALA A 760 -40.58 34.97 28.85
C ALA A 760 -40.39 35.19 30.34
N MET A 761 -41.27 36.02 30.92
CA MET A 761 -41.21 36.33 32.35
C MET A 761 -42.62 36.43 32.90
N ARG A 762 -42.70 36.40 34.23
CA ARG A 762 -43.98 36.57 34.91
C ARG A 762 -43.75 37.02 36.35
N ASP A 763 -44.51 38.02 36.79
CA ASP A 763 -44.47 38.45 38.18
C ASP A 763 -45.40 37.58 39.01
N ILE A 764 -44.91 37.09 40.14
CA ILE A 764 -45.71 36.25 41.03
C ILE A 764 -45.76 36.89 42.41
N SER A 765 -46.73 36.43 43.21
CA SER A 765 -46.93 36.90 44.56
C SER A 765 -46.30 35.93 45.56
N GLU A 766 -46.48 36.23 46.85
CA GLU A 766 -45.86 35.41 47.89
C GLU A 766 -46.62 34.12 48.16
N GLY A 767 -47.95 34.14 48.03
CA GLY A 767 -48.73 32.95 48.30
C GLY A 767 -48.47 31.84 47.29
N GLU A 768 -48.54 32.18 46.00
CA GLU A 768 -48.23 31.20 44.97
C GLU A 768 -46.76 30.80 45.01
N TYR A 769 -45.88 31.69 45.46
CA TYR A 769 -44.47 31.34 45.61
C TYR A 769 -44.29 30.30 46.71
N GLU A 770 -44.98 30.46 47.84
CA GLU A 770 -44.90 29.46 48.90
C GLU A 770 -45.54 28.16 48.47
N GLU A 771 -46.63 28.23 47.70
CA GLU A 771 -47.24 27.00 47.19
C GLU A 771 -46.30 26.26 46.26
N TRP A 772 -45.61 26.99 45.37
CA TRP A 772 -44.66 26.37 44.47
C TRP A 772 -43.46 25.81 45.23
N ASN A 773 -43.03 26.48 46.30
CA ASN A 773 -41.97 25.94 47.13
C ASN A 773 -42.39 24.65 47.81
N SER A 774 -43.63 24.59 48.30
CA SER A 774 -44.12 23.36 48.92
C SER A 774 -44.21 22.23 47.89
N ILE A 775 -44.66 22.55 46.66
CA ILE A 775 -44.73 21.54 45.62
C ILE A 775 -43.33 21.06 45.25
N TYR A 776 -42.35 21.97 45.21
CA TYR A 776 -40.97 21.56 44.91
C TYR A 776 -40.40 20.69 46.02
N ASN A 777 -40.74 20.99 47.28
CA ASN A 777 -40.28 20.15 48.39
C ASN A 777 -40.92 18.76 48.32
N GLU A 778 -42.21 18.70 48.00
CA GLU A 778 -42.88 17.41 47.85
C GLU A 778 -42.31 16.62 46.68
N ALA A 779 -41.85 17.31 45.63
CA ALA A 779 -41.23 16.62 44.50
C ALA A 779 -39.82 16.17 44.82
N ALA A 780 -39.09 16.93 45.64
CA ALA A 780 -37.74 16.55 46.03
C ALA A 780 -37.71 15.45 47.08
N THR A 781 -38.78 15.31 47.88
CA THR A 781 -38.85 14.23 48.84
C THR A 781 -38.98 12.87 48.17
N THR A 782 -39.51 12.82 46.95
CA THR A 782 -39.65 11.57 46.20
C THR A 782 -38.46 11.45 45.25
N LEU A 783 -37.41 10.78 45.72
CA LEU A 783 -36.20 10.60 44.93
C LEU A 783 -36.36 9.53 43.85
N ASP A 784 -37.45 8.76 43.87
CA ASP A 784 -37.63 7.72 42.87
C ASP A 784 -37.96 8.32 41.51
N ASN A 785 -38.74 9.40 41.48
CA ASN A 785 -39.16 10.05 40.25
C ASN A 785 -38.55 11.45 40.21
N ARG A 786 -37.73 11.71 39.20
CA ARG A 786 -37.11 13.02 39.02
C ARG A 786 -37.38 13.58 37.64
N ALA A 787 -37.48 12.70 36.63
CA ALA A 787 -37.70 13.17 35.27
C ALA A 787 -39.11 13.70 35.09
N GLU A 788 -40.10 13.02 35.65
CA GLU A 788 -41.50 13.43 35.52
C GLU A 788 -42.01 14.24 36.71
N LYS A 789 -41.52 13.94 37.92
CA LYS A 789 -42.06 14.61 39.10
C LYS A 789 -41.61 16.07 39.17
N LEU A 790 -40.32 16.32 38.98
CA LEU A 790 -39.82 17.69 39.04
C LEU A 790 -40.37 18.53 37.88
N ASP A 791 -40.50 17.93 36.70
CA ASP A 791 -41.04 18.67 35.56
C ASP A 791 -42.51 19.03 35.78
N GLU A 792 -43.30 18.11 36.32
CA GLU A 792 -44.69 18.41 36.61
C GLU A 792 -44.84 19.37 37.78
N ALA A 793 -43.86 19.39 38.70
CA ALA A 793 -43.89 20.35 39.79
C ALA A 793 -43.56 21.75 39.30
N ALA A 794 -42.59 21.86 38.39
CA ALA A 794 -42.27 23.17 37.82
C ALA A 794 -43.36 23.66 36.88
N ASN A 795 -44.01 22.74 36.14
CA ASN A 795 -45.08 23.10 35.23
C ASN A 795 -46.40 23.35 35.93
N LEU A 796 -46.49 23.05 37.23
CA LEU A 796 -47.72 23.32 37.97
C LEU A 796 -48.00 24.82 38.03
N ILE A 797 -46.96 25.65 38.00
CA ILE A 797 -47.14 27.10 38.02
C ILE A 797 -46.97 27.71 36.63
N GLU A 798 -46.48 26.95 35.65
CA GLU A 798 -46.27 27.45 34.29
C GLU A 798 -47.57 27.36 33.48
N LYS A 799 -48.63 27.95 34.04
CA LYS A 799 -49.92 27.96 33.37
C LYS A 799 -50.11 29.16 32.47
N ASN A 800 -49.40 30.25 32.72
CA ASN A 800 -49.49 31.45 31.90
C ASN A 800 -48.18 32.22 32.03
N LEU A 801 -47.72 32.78 30.92
CA LEU A 801 -46.46 33.51 30.89
C LEU A 801 -46.59 34.74 29.99
N ILE A 802 -45.75 35.73 30.26
CA ILE A 802 -45.66 36.94 29.46
C ILE A 802 -44.37 36.87 28.64
N LEU A 803 -44.51 36.78 27.33
CA LEU A 803 -43.36 36.56 26.46
C LEU A 803 -42.54 37.84 26.33
N ILE A 804 -41.25 37.75 26.63
CA ILE A 804 -40.36 38.89 26.46
C ILE A 804 -39.89 38.98 25.01
N GLY A 805 -39.27 37.91 24.51
CA GLY A 805 -38.78 37.93 23.15
C GLY A 805 -38.03 36.68 22.74
N ALA A 806 -37.08 36.81 21.82
CA ALA A 806 -36.34 35.67 21.32
C ALA A 806 -34.91 36.07 20.99
N THR A 807 -34.02 35.08 21.02
CA THR A 807 -32.64 35.23 20.62
C THR A 807 -32.31 34.20 19.55
N ALA A 808 -31.32 34.53 18.71
CA ALA A 808 -30.92 33.68 17.61
C ALA A 808 -29.40 33.63 17.56
N ILE A 809 -28.85 32.42 17.67
CA ILE A 809 -27.41 32.18 17.65
C ILE A 809 -27.06 31.48 16.36
N GLU A 810 -26.00 31.93 15.70
CA GLU A 810 -25.54 31.35 14.44
C GLU A 810 -24.41 30.35 14.70
N ASP A 811 -24.07 29.62 13.65
CA ASP A 811 -22.93 28.70 13.67
C ASP A 811 -22.39 28.62 12.24
N LYS A 812 -21.37 29.41 11.96
CA LYS A 812 -20.87 29.55 10.59
C LYS A 812 -20.21 28.25 10.12
N LEU A 813 -20.08 28.14 8.81
CA LEU A 813 -19.43 27.00 8.18
C LEU A 813 -17.93 27.29 8.03
N GLN A 814 -17.14 26.22 8.01
CA GLN A 814 -15.71 26.35 7.85
C GLN A 814 -15.38 27.00 6.50
N ASP A 815 -14.19 27.57 6.42
CA ASP A 815 -13.75 28.24 5.20
C ASP A 815 -13.44 27.21 4.13
N GLY A 816 -14.04 27.37 2.95
CA GLY A 816 -13.78 26.50 1.83
C GLY A 816 -14.76 25.36 1.66
N VAL A 817 -15.64 25.13 2.64
CA VAL A 817 -16.60 24.02 2.52
C VAL A 817 -17.55 24.20 1.34
N PRO A 818 -18.17 25.36 1.12
CA PRO A 818 -19.03 25.52 -0.06
C PRO A 818 -18.30 25.30 -1.38
N GLU A 819 -16.98 25.42 -1.40
CA GLU A 819 -16.22 25.16 -2.61
C GLU A 819 -15.80 23.70 -2.72
N THR A 820 -15.35 23.11 -1.60
CA THR A 820 -14.93 21.70 -1.64
C THR A 820 -16.10 20.79 -1.92
N ILE A 821 -17.28 21.08 -1.37
CA ILE A 821 -18.44 20.22 -1.62
C ILE A 821 -18.85 20.30 -3.09
N HIS A 822 -18.85 21.50 -3.66
CA HIS A 822 -19.18 21.64 -5.07
C HIS A 822 -18.15 20.95 -5.96
N THR A 823 -16.87 21.02 -5.59
CA THR A 823 -15.84 20.37 -6.38
C THR A 823 -15.94 18.84 -6.28
N LEU A 824 -16.30 18.33 -5.10
CA LEU A 824 -16.48 16.89 -4.95
C LEU A 824 -17.70 16.41 -5.73
N GLN A 825 -18.80 17.17 -5.70
CA GLN A 825 -19.96 16.79 -6.49
C GLN A 825 -19.67 16.87 -7.98
N GLU A 826 -18.87 17.84 -8.41
CA GLU A 826 -18.51 17.93 -9.82
C GLU A 826 -17.64 16.77 -10.25
N ALA A 827 -16.90 16.17 -9.33
CA ALA A 827 -16.07 15.01 -9.64
C ALA A 827 -16.87 13.72 -9.70
N GLY A 828 -18.12 13.73 -9.25
CA GLY A 828 -18.96 12.54 -9.34
C GLY A 828 -19.00 11.73 -8.06
N ILE A 829 -19.20 12.41 -6.92
CA ILE A 829 -19.28 11.77 -5.62
C ILE A 829 -20.61 12.16 -4.98
N LYS A 830 -21.31 11.19 -4.42
CA LYS A 830 -22.59 11.42 -3.77
C LYS A 830 -22.37 11.64 -2.28
N ILE A 831 -23.00 12.69 -1.74
CA ILE A 831 -22.81 13.11 -0.36
C ILE A 831 -24.10 12.87 0.42
N TRP A 832 -23.97 12.23 1.58
CA TRP A 832 -25.07 12.01 2.50
C TRP A 832 -24.77 12.78 3.78
N VAL A 833 -25.43 13.93 3.94
CA VAL A 833 -25.23 14.77 5.11
C VAL A 833 -26.20 14.33 6.20
N LEU A 834 -25.65 13.85 7.31
CA LEU A 834 -26.46 13.43 8.47
C LEU A 834 -26.60 14.63 9.40
N THR A 835 -27.70 15.36 9.24
CA THR A 835 -27.94 16.59 9.99
C THR A 835 -28.81 16.31 11.21
N GLY A 836 -28.51 16.99 12.30
CA GLY A 836 -29.31 16.89 13.51
C GLY A 836 -30.45 17.88 13.60
N ASP A 837 -30.67 18.68 12.57
CA ASP A 837 -31.73 19.69 12.58
C ASP A 837 -33.02 19.08 12.03
N ARG A 838 -34.01 19.92 11.77
CA ARG A 838 -35.27 19.49 11.20
C ARG A 838 -35.21 19.63 9.68
N GLN A 839 -36.37 19.56 9.02
CA GLN A 839 -36.40 19.54 7.56
C GLN A 839 -35.94 20.87 6.97
N GLU A 840 -36.66 21.96 7.31
CA GLU A 840 -36.40 23.24 6.65
C GLU A 840 -35.03 23.79 7.00
N THR A 841 -34.61 23.63 8.26
CA THR A 841 -33.28 24.09 8.66
C THR A 841 -32.20 23.36 7.88
N ALA A 842 -32.31 22.04 7.77
CA ALA A 842 -31.32 21.27 7.03
C ALA A 842 -31.31 21.64 5.55
N ILE A 843 -32.50 21.85 4.96
CA ILE A 843 -32.57 22.23 3.56
C ILE A 843 -31.90 23.58 3.34
N ASN A 844 -32.12 24.53 4.25
CA ASN A 844 -31.54 25.85 4.10
C ASN A 844 -30.01 25.82 4.27
N ILE A 845 -29.52 25.07 5.27
CA ILE A 845 -28.08 25.02 5.46
C ILE A 845 -27.42 24.24 4.32
N GLY A 846 -28.15 23.31 3.70
CA GLY A 846 -27.61 22.62 2.54
C GLY A 846 -27.56 23.50 1.31
N MET A 847 -28.58 24.34 1.13
CA MET A 847 -28.56 25.27 0.01
C MET A 847 -27.50 26.35 0.21
N SER A 848 -27.23 26.74 1.45
CA SER A 848 -26.15 27.69 1.71
C SER A 848 -24.79 27.03 1.54
N CYS A 849 -24.68 25.75 1.86
CA CYS A 849 -23.45 24.98 1.71
C CYS A 849 -23.17 24.60 0.26
N ARG A 850 -23.97 25.07 -0.69
CA ARG A 850 -23.87 24.74 -2.10
C ARG A 850 -23.96 23.25 -2.36
N LEU A 851 -24.55 22.49 -1.43
CA LEU A 851 -24.81 21.08 -1.66
C LEU A 851 -25.94 20.88 -2.66
N LEU A 852 -27.08 21.53 -2.39
CA LEU A 852 -28.22 21.48 -3.30
C LEU A 852 -28.19 22.65 -4.26
N SER A 853 -29.35 23.09 -4.74
CA SER A 853 -29.45 24.23 -5.64
C SER A 853 -30.86 24.78 -5.56
N GLU A 854 -31.14 25.76 -6.42
CA GLU A 854 -32.47 26.36 -6.47
C GLU A 854 -33.44 25.56 -7.35
N ASP A 855 -32.95 24.62 -8.14
CA ASP A 855 -33.79 23.82 -9.02
C ASP A 855 -33.70 22.33 -8.73
N MET A 856 -33.08 21.93 -7.62
CA MET A 856 -32.93 20.52 -7.28
C MET A 856 -34.22 20.00 -6.69
N ASN A 857 -34.86 19.05 -7.39
CA ASN A 857 -36.13 18.50 -6.95
C ASN A 857 -35.95 17.74 -5.64
N LEU A 858 -36.58 18.23 -4.58
CA LEU A 858 -36.48 17.64 -3.26
C LEU A 858 -37.54 16.54 -3.12
N LEU A 859 -37.09 15.32 -2.85
CA LEU A 859 -38.00 14.20 -2.61
C LEU A 859 -38.22 14.04 -1.11
N ILE A 860 -39.03 14.95 -0.56
CA ILE A 860 -39.25 15.01 0.87
C ILE A 860 -39.95 13.73 1.33
N ILE A 861 -39.43 13.11 2.38
CA ILE A 861 -40.02 11.93 2.99
C ILE A 861 -40.02 12.16 4.50
N ASN A 862 -41.11 12.73 5.01
CA ASN A 862 -41.28 12.99 6.44
C ASN A 862 -42.64 12.46 6.87
N GLU A 863 -42.68 11.21 7.30
CA GLU A 863 -43.92 10.57 7.72
C GLU A 863 -43.67 9.67 8.91
N GLU A 864 -44.64 9.63 9.82
CA GLU A 864 -44.54 8.82 11.03
C GLU A 864 -45.10 7.41 10.82
N THR A 865 -46.15 7.27 10.01
CA THR A 865 -46.72 5.96 9.75
C THR A 865 -45.83 5.17 8.81
N ARG A 866 -45.48 3.95 9.23
CA ARG A 866 -44.61 3.10 8.40
C ARG A 866 -45.27 2.77 7.08
N ASP A 867 -46.58 2.50 7.09
CA ASP A 867 -47.28 2.23 5.84
C ASP A 867 -47.28 3.45 4.93
N ASP A 868 -47.38 4.65 5.50
CA ASP A 868 -47.32 5.86 4.68
C ASP A 868 -45.92 6.07 4.10
N THR A 869 -44.87 5.72 4.85
CA THR A 869 -43.53 5.77 4.29
C THR A 869 -43.36 4.76 3.15
N GLU A 870 -43.94 3.57 3.30
CA GLU A 870 -43.92 2.59 2.22
C GLU A 870 -44.61 3.14 0.98
N ARG A 871 -45.79 3.75 1.17
CA ARG A 871 -46.53 4.32 0.04
C ARG A 871 -45.75 5.44 -0.61
N ASN A 872 -45.08 6.27 0.20
CA ASN A 872 -44.27 7.35 -0.36
C ASN A 872 -43.10 6.83 -1.17
N LEU A 873 -42.41 5.80 -0.66
CA LEU A 873 -41.32 5.19 -1.40
C LEU A 873 -41.81 4.57 -2.70
N LEU A 874 -42.96 3.90 -2.66
CA LEU A 874 -43.52 3.31 -3.87
C LEU A 874 -43.87 4.39 -4.89
N GLU A 875 -44.49 5.48 -4.43
CA GLU A 875 -44.81 6.59 -5.34
C GLU A 875 -43.56 7.16 -5.96
N LYS A 876 -42.52 7.38 -5.16
CA LYS A 876 -41.27 7.92 -5.70
C LYS A 876 -40.68 6.98 -6.75
N ILE A 877 -40.57 5.69 -6.43
CA ILE A 877 -39.89 4.77 -7.33
C ILE A 877 -40.69 4.58 -8.62
N ASN A 878 -42.03 4.58 -8.53
CA ASN A 878 -42.80 4.38 -9.75
C ASN A 878 -42.84 5.65 -10.59
N ALA A 879 -42.94 6.83 -9.98
CA ALA A 879 -42.83 8.06 -10.73
C ALA A 879 -41.46 8.24 -11.35
N LEU A 880 -40.43 7.59 -10.79
CA LEU A 880 -39.10 7.68 -11.38
C LEU A 880 -38.91 6.67 -12.51
N ASN A 881 -39.48 5.47 -12.37
CA ASN A 881 -39.26 4.44 -13.38
C ASN A 881 -40.25 4.50 -14.54
N GLU A 882 -41.37 5.20 -14.38
CA GLU A 882 -42.37 5.26 -15.45
C GLU A 882 -41.90 6.05 -16.66
N HIS A 883 -40.81 6.81 -16.55
CA HIS A 883 -40.30 7.58 -17.66
C HIS A 883 -38.78 7.48 -17.70
N GLN A 884 -38.20 7.82 -18.85
CA GLN A 884 -36.76 7.77 -19.01
C GLN A 884 -36.09 8.87 -18.19
N LEU A 885 -34.82 8.63 -17.84
CA LEU A 885 -34.03 9.56 -17.05
C LEU A 885 -33.17 10.39 -18.02
N SER A 886 -33.52 11.66 -18.18
CA SER A 886 -32.76 12.54 -19.04
C SER A 886 -31.45 12.95 -18.36
N THR A 887 -30.54 13.51 -19.16
CA THR A 887 -29.26 13.95 -18.64
C THR A 887 -29.43 15.07 -17.62
N HIS A 888 -30.34 16.01 -17.90
CA HIS A 888 -30.61 17.10 -16.98
C HIS A 888 -31.48 16.68 -15.80
N ASP A 889 -32.24 15.58 -15.94
CA ASP A 889 -33.14 15.14 -14.89
C ASP A 889 -32.45 14.23 -13.88
N MET A 890 -31.53 13.39 -14.33
CA MET A 890 -30.84 12.50 -13.40
C MET A 890 -29.79 13.23 -12.56
N ASN A 891 -29.22 14.30 -13.10
CA ASN A 891 -28.19 15.06 -12.39
C ASN A 891 -28.78 16.05 -11.39
N THR A 892 -30.08 16.28 -11.42
CA THR A 892 -30.73 17.27 -10.56
C THR A 892 -31.80 16.58 -9.73
N LEU A 893 -31.36 15.78 -8.75
CA LEU A 893 -32.25 15.09 -7.84
C LEU A 893 -31.61 15.01 -6.47
N ALA A 894 -32.41 15.19 -5.43
CA ALA A 894 -31.94 15.09 -4.05
C ALA A 894 -33.00 14.43 -3.19
N LEU A 895 -32.56 13.88 -2.07
CA LEU A 895 -33.44 13.19 -1.15
C LEU A 895 -33.30 13.77 0.25
N VAL A 896 -34.43 13.88 0.96
CA VAL A 896 -34.47 14.35 2.34
C VAL A 896 -35.32 13.40 3.14
N ILE A 897 -34.81 12.94 4.27
CA ILE A 897 -35.55 12.00 5.11
C ILE A 897 -35.22 12.28 6.58
N ASP A 898 -36.25 12.21 7.42
CA ASP A 898 -36.08 12.53 8.84
C ASP A 898 -35.55 11.31 9.61
N GLY A 899 -35.69 11.36 10.93
CA GLY A 899 -35.16 10.30 11.79
C GLY A 899 -36.06 9.09 11.89
N LYS A 900 -37.35 9.31 12.18
CA LYS A 900 -38.27 8.19 12.32
C LYS A 900 -38.53 7.51 10.98
N SER A 901 -38.64 8.30 9.90
CA SER A 901 -38.80 7.72 8.58
C SER A 901 -37.59 6.89 8.19
N LEU A 902 -36.39 7.34 8.56
CA LEU A 902 -35.19 6.57 8.28
C LEU A 902 -35.15 5.29 9.11
N GLY A 903 -35.53 5.38 10.39
CA GLY A 903 -35.56 4.19 11.22
C GLY A 903 -36.58 3.17 10.74
N PHE A 904 -37.65 3.63 10.11
CA PHE A 904 -38.62 2.72 9.52
C PHE A 904 -38.22 2.25 8.13
N ALA A 905 -37.34 2.97 7.46
CA ALA A 905 -36.87 2.60 6.13
C ALA A 905 -35.57 1.80 6.16
N LEU A 906 -35.10 1.41 7.33
CA LEU A 906 -33.93 0.57 7.46
C LEU A 906 -34.27 -0.88 7.79
N GLU A 907 -35.55 -1.21 7.88
CA GLU A 907 -35.94 -2.58 8.14
C GLU A 907 -35.58 -3.47 6.95
N PRO A 908 -35.35 -4.77 7.16
CA PRO A 908 -34.97 -5.65 6.05
C PRO A 908 -36.05 -5.78 4.99
N GLU A 909 -37.27 -5.33 5.24
CA GLU A 909 -38.34 -5.42 4.26
C GLU A 909 -38.49 -4.17 3.41
N LEU A 910 -37.92 -3.04 3.84
CA LEU A 910 -38.07 -1.77 3.14
C LEU A 910 -36.75 -1.14 2.74
N GLU A 911 -35.61 -1.77 3.04
CA GLU A 911 -34.32 -1.16 2.76
C GLU A 911 -34.03 -1.08 1.27
N ASP A 912 -34.59 -2.01 0.48
CA ASP A 912 -34.31 -2.02 -0.94
C ASP A 912 -34.90 -0.81 -1.64
N TYR A 913 -36.12 -0.41 -1.25
CA TYR A 913 -36.73 0.77 -1.84
C TYR A 913 -35.91 2.02 -1.53
N LEU A 914 -35.50 2.17 -0.27
CA LEU A 914 -34.69 3.31 0.12
C LEU A 914 -33.37 3.33 -0.64
N LEU A 915 -32.75 2.16 -0.80
CA LEU A 915 -31.46 2.09 -1.49
C LEU A 915 -31.61 2.45 -2.97
N THR A 916 -32.64 1.92 -3.63
CA THR A 916 -32.83 2.19 -5.05
C THR A 916 -33.34 3.60 -5.32
N VAL A 917 -33.96 4.24 -4.33
CA VAL A 917 -34.34 5.64 -4.50
C VAL A 917 -33.22 6.59 -4.09
N ALA A 918 -32.25 6.13 -3.30
CA ALA A 918 -31.09 6.95 -2.94
C ALA A 918 -29.97 6.84 -3.96
N LYS A 919 -29.84 5.71 -4.65
CA LYS A 919 -28.79 5.56 -5.65
C LYS A 919 -29.01 6.45 -6.88
N LEU A 920 -30.18 7.06 -7.02
CA LEU A 920 -30.46 7.92 -8.16
C LEU A 920 -30.23 9.40 -7.86
N CYS A 921 -30.47 9.83 -6.62
CA CYS A 921 -30.29 11.23 -6.27
C CYS A 921 -28.83 11.54 -6.01
N LYS A 922 -28.47 12.81 -6.20
CA LYS A 922 -27.08 13.24 -6.10
C LYS A 922 -26.69 13.70 -4.70
N ALA A 923 -27.66 13.99 -3.83
CA ALA A 923 -27.36 14.43 -2.48
C ALA A 923 -28.48 13.99 -1.55
N VAL A 924 -28.10 13.36 -0.44
CA VAL A 924 -29.05 12.89 0.56
C VAL A 924 -28.86 13.68 1.84
N ILE A 925 -29.98 14.00 2.49
CA ILE A 925 -29.96 14.79 3.73
C ILE A 925 -30.82 14.05 4.75
N CYS A 926 -30.18 13.51 5.78
CA CYS A 926 -30.88 12.88 6.89
C CYS A 926 -30.99 13.86 8.04
N CYS A 927 -32.22 14.08 8.50
CA CYS A 927 -32.51 15.02 9.56
C CYS A 927 -32.94 14.29 10.83
N ARG A 928 -32.69 14.92 11.98
CA ARG A 928 -33.04 14.36 13.28
C ARG A 928 -32.45 12.97 13.45
N VAL A 929 -31.19 12.81 13.05
CA VAL A 929 -30.56 11.50 13.05
C VAL A 929 -30.18 11.12 14.48
N SER A 930 -30.59 9.92 14.89
CA SER A 930 -30.15 9.38 16.15
C SER A 930 -28.65 9.08 16.10
N PRO A 931 -27.94 9.19 17.23
CA PRO A 931 -26.49 8.92 17.22
C PRO A 931 -26.13 7.55 16.68
N LEU A 932 -26.63 6.49 17.32
CA LEU A 932 -26.28 5.14 16.90
C LEU A 932 -26.73 4.86 15.47
N GLN A 933 -27.88 5.40 15.07
CA GLN A 933 -28.35 5.22 13.70
C GLN A 933 -27.36 5.74 12.68
N LYS A 934 -26.49 6.69 13.06
CA LYS A 934 -25.46 7.17 12.16
C LYS A 934 -24.58 6.05 11.64
N ALA A 935 -24.49 4.94 12.36
CA ALA A 935 -23.76 3.77 11.88
C ALA A 935 -24.62 2.89 10.98
N LEU A 936 -25.91 2.77 11.28
CA LEU A 936 -26.77 1.85 10.53
C LEU A 936 -26.95 2.31 9.08
N VAL A 937 -26.82 3.61 8.83
CA VAL A 937 -26.90 4.11 7.45
C VAL A 937 -25.67 3.70 6.65
N VAL A 938 -24.56 3.42 7.32
CA VAL A 938 -23.34 3.01 6.62
C VAL A 938 -23.27 1.50 6.45
N LYS A 939 -23.45 0.75 7.54
CA LYS A 939 -23.40 -0.70 7.48
C LYS A 939 -24.51 -1.30 6.61
N MET A 940 -25.50 -0.49 6.21
CA MET A 940 -26.52 -0.95 5.28
C MET A 940 -26.11 -0.78 3.83
N VAL A 941 -25.20 0.16 3.53
CA VAL A 941 -24.82 0.39 2.15
C VAL A 941 -23.72 -0.57 1.72
N LYS A 942 -22.67 -0.69 2.53
CA LYS A 942 -21.53 -1.52 2.14
C LYS A 942 -21.91 -2.99 2.05
N ARG A 943 -22.95 -3.42 2.78
CA ARG A 943 -23.41 -4.80 2.68
C ARG A 943 -24.32 -5.03 1.49
N LYS A 944 -24.75 -3.98 0.79
CA LYS A 944 -25.64 -4.10 -0.35
C LYS A 944 -25.16 -3.28 -1.53
N SER A 945 -23.84 -3.09 -1.64
CA SER A 945 -23.27 -2.34 -2.75
C SER A 945 -21.79 -2.71 -2.87
N SER A 946 -21.17 -2.23 -3.96
CA SER A 946 -19.77 -2.48 -4.22
C SER A 946 -18.92 -1.21 -4.20
N SER A 947 -19.51 -0.06 -3.93
CA SER A 947 -18.76 1.18 -3.88
C SER A 947 -18.00 1.31 -2.57
N LEU A 948 -17.00 2.19 -2.58
CA LEU A 948 -16.18 2.45 -1.41
C LEU A 948 -16.70 3.66 -0.66
N LEU A 949 -16.68 3.60 0.66
CA LEU A 949 -17.28 4.60 1.51
C LEU A 949 -16.22 5.39 2.27
N LEU A 950 -16.51 6.67 2.51
CA LEU A 950 -15.65 7.56 3.27
C LEU A 950 -16.50 8.27 4.31
N ALA A 951 -16.26 7.97 5.58
CA ALA A 951 -16.99 8.57 6.69
C ALA A 951 -16.09 9.56 7.39
N ILE A 952 -16.42 10.85 7.29
CA ILE A 952 -15.67 11.91 7.94
C ILE A 952 -16.52 12.48 9.06
N GLY A 953 -15.92 12.66 10.23
CA GLY A 953 -16.69 13.13 11.37
C GLY A 953 -15.80 13.64 12.49
N ASP A 954 -16.46 14.09 13.55
CA ASP A 954 -15.79 14.62 14.73
C ASP A 954 -16.56 14.19 15.96
N GLY A 955 -15.86 14.10 17.09
CA GLY A 955 -16.49 13.75 18.35
C GLY A 955 -16.71 12.26 18.49
N ALA A 956 -17.13 11.87 19.69
CA ALA A 956 -17.32 10.45 20.00
C ALA A 956 -18.67 9.92 19.52
N ASN A 957 -19.68 10.78 19.47
CA ASN A 957 -21.04 10.33 19.17
C ASN A 957 -21.15 9.63 17.81
N ASP A 958 -20.17 9.82 16.93
CA ASP A 958 -20.19 9.18 15.62
C ASP A 958 -18.94 8.34 15.37
N VAL A 959 -18.20 7.98 16.43
CA VAL A 959 -16.98 7.20 16.24
C VAL A 959 -17.30 5.84 15.62
N SER A 960 -18.45 5.25 15.99
CA SER A 960 -18.84 3.98 15.40
C SER A 960 -19.06 4.11 13.90
N MET A 961 -19.39 5.30 13.41
CA MET A 961 -19.45 5.52 11.98
C MET A 961 -18.07 5.44 11.35
N ILE A 962 -17.07 6.04 12.00
CA ILE A 962 -15.72 6.10 11.43
C ILE A 962 -15.13 4.70 11.30
N GLN A 963 -15.45 3.83 12.25
CA GLN A 963 -14.99 2.44 12.20
C GLN A 963 -15.87 1.55 11.33
N ALA A 964 -16.89 2.11 10.67
CA ALA A 964 -17.81 1.32 9.86
C ALA A 964 -17.55 1.43 8.37
N ALA A 965 -17.21 2.62 7.88
CA ALA A 965 -17.01 2.82 6.45
C ALA A 965 -15.65 2.26 6.04
N HIS A 966 -15.27 2.48 4.79
CA HIS A 966 -14.00 1.97 4.29
C HIS A 966 -12.85 2.90 4.61
N VAL A 967 -13.07 4.22 4.55
CA VAL A 967 -12.05 5.22 4.86
C VAL A 967 -12.61 6.15 5.92
N GLY A 968 -12.03 6.12 7.11
CA GLY A 968 -12.48 6.96 8.21
C GLY A 968 -11.61 8.18 8.37
N VAL A 969 -12.26 9.34 8.52
CA VAL A 969 -11.58 10.62 8.66
C VAL A 969 -12.07 11.30 9.94
N GLY A 970 -11.12 11.76 10.75
CA GLY A 970 -11.44 12.42 12.00
C GLY A 970 -11.00 13.87 12.04
N ILE A 971 -11.90 14.75 12.46
CA ILE A 971 -11.62 16.18 12.55
C ILE A 971 -11.21 16.50 13.99
N SER A 972 -10.20 17.35 14.13
CA SER A 972 -9.74 17.82 15.43
C SER A 972 -10.55 19.05 15.82
N GLY A 973 -11.44 18.90 16.80
CA GLY A 973 -12.29 19.99 17.21
C GLY A 973 -12.45 20.11 18.71
N MET A 974 -13.55 20.72 19.14
CA MET A 974 -13.80 20.96 20.56
C MET A 974 -14.53 19.80 21.25
N GLU A 975 -15.00 18.82 20.49
CA GLU A 975 -15.70 17.67 21.06
C GLU A 975 -14.76 16.64 21.67
N GLY A 976 -13.46 16.89 21.66
CA GLY A 976 -12.48 15.95 22.17
C GLY A 976 -11.74 15.22 21.05
N MET A 977 -10.64 14.60 21.44
CA MET A 977 -9.80 13.86 20.51
C MET A 977 -10.19 12.38 20.41
N GLN A 978 -11.45 12.05 20.73
CA GLN A 978 -11.87 10.66 20.69
C GLN A 978 -12.00 10.16 19.25
N ALA A 979 -12.35 11.04 18.32
CA ALA A 979 -12.54 10.62 16.93
C ALA A 979 -11.22 10.57 16.16
N ALA A 980 -10.28 11.45 16.47
CA ALA A 980 -9.02 11.46 15.74
C ALA A 980 -8.13 10.28 16.11
N ARG A 981 -8.28 9.75 17.33
CA ARG A 981 -7.48 8.61 17.75
C ARG A 981 -8.04 7.29 17.24
N SER A 982 -9.22 7.29 16.62
CA SER A 982 -9.82 6.07 16.10
C SER A 982 -10.09 6.13 14.60
N ALA A 983 -9.67 7.20 13.93
CA ALA A 983 -9.88 7.33 12.50
C ALA A 983 -8.65 6.86 11.74
N ASP A 984 -8.87 6.42 10.50
CA ASP A 984 -7.75 6.01 9.65
C ASP A 984 -6.92 7.21 9.21
N ILE A 985 -7.55 8.36 9.02
CA ILE A 985 -6.86 9.60 8.69
C ILE A 985 -7.36 10.68 9.66
N ALA A 986 -6.45 11.54 10.09
CA ALA A 986 -6.78 12.65 10.99
C ALA A 986 -6.51 13.95 10.25
N VAL A 987 -7.57 14.71 9.98
CA VAL A 987 -7.46 15.95 9.22
C VAL A 987 -7.91 17.11 10.11
N GLY A 988 -7.31 18.27 9.91
CA GLY A 988 -7.63 19.42 10.74
C GLY A 988 -9.01 19.97 10.47
N GLN A 989 -9.41 20.06 9.20
CA GLN A 989 -10.70 20.62 8.83
C GLN A 989 -11.20 19.90 7.58
N PHE A 990 -12.25 20.46 6.96
CA PHE A 990 -12.90 19.86 5.81
C PHE A 990 -12.27 20.29 4.49
N LYS A 991 -11.84 21.56 4.40
CA LYS A 991 -11.36 22.13 3.15
C LYS A 991 -10.29 21.27 2.49
N PHE A 992 -9.52 20.51 3.28
CA PHE A 992 -8.40 19.77 2.74
C PHE A 992 -8.83 18.59 1.88
N LEU A 993 -10.09 18.14 1.99
CA LEU A 993 -10.52 16.98 1.23
C LEU A 993 -10.36 17.20 -0.27
N LYS A 994 -10.60 18.43 -0.74
CA LYS A 994 -10.45 18.73 -2.16
C LYS A 994 -9.07 18.36 -2.68
N LYS A 995 -8.06 18.37 -1.82
CA LYS A 995 -6.73 17.95 -2.22
C LYS A 995 -6.38 16.55 -1.72
N LEU A 996 -7.09 16.04 -0.71
CA LEU A 996 -6.78 14.72 -0.19
C LEU A 996 -7.25 13.61 -1.12
N LEU A 997 -8.35 13.85 -1.86
CA LEU A 997 -8.91 12.85 -2.75
C LEU A 997 -8.59 13.11 -4.22
N LEU A 998 -8.63 14.36 -4.67
CA LEU A 998 -8.41 14.65 -6.08
C LEU A 998 -6.94 14.45 -6.46
N VAL A 999 -6.02 14.95 -5.63
CA VAL A 999 -4.59 14.88 -5.93
C VAL A 999 -3.91 13.73 -5.23
N HIS A 1000 -4.10 13.61 -3.91
CA HIS A 1000 -3.49 12.52 -3.16
C HIS A 1000 -4.28 11.22 -3.26
N GLY A 1001 -5.21 11.13 -4.22
CA GLY A 1001 -5.91 9.89 -4.48
C GLY A 1001 -5.65 9.42 -5.90
N SER A 1002 -5.95 10.28 -6.88
CA SER A 1002 -5.69 9.94 -8.28
C SER A 1002 -4.23 9.56 -8.50
N TRP A 1003 -3.31 10.18 -7.75
CA TRP A 1003 -1.93 9.73 -7.76
C TRP A 1003 -1.78 8.41 -7.02
N SER A 1004 -2.27 8.35 -5.78
CA SER A 1004 -2.08 7.17 -4.94
C SER A 1004 -2.73 5.92 -5.51
N TYR A 1005 -3.58 6.05 -6.52
CA TYR A 1005 -4.12 4.90 -7.23
C TYR A 1005 -3.40 4.60 -8.54
N GLN A 1006 -2.89 5.64 -9.21
CA GLN A 1006 -2.20 5.42 -10.47
C GLN A 1006 -0.78 4.93 -10.26
N ARG A 1007 -0.16 5.28 -9.14
CA ARG A 1007 1.21 4.84 -8.86
C ARG A 1007 1.25 3.36 -8.50
N ILE A 1008 0.65 2.99 -7.37
CA ILE A 1008 0.79 1.64 -6.84
C ILE A 1008 0.35 0.61 -7.88
N SER A 1009 -0.70 0.91 -8.64
CA SER A 1009 -1.13 0.00 -9.70
C SER A 1009 0.01 -0.29 -10.67
N VAL A 1010 0.61 0.75 -11.22
CA VAL A 1010 1.76 0.56 -12.11
C VAL A 1010 2.91 -0.06 -11.34
N ALA A 1011 2.99 0.20 -10.02
CA ALA A 1011 4.04 -0.41 -9.21
C ALA A 1011 3.80 -1.89 -8.96
N ILE A 1012 2.64 -2.42 -9.34
CA ILE A 1012 2.35 -3.84 -9.16
C ILE A 1012 2.37 -4.59 -10.49
N LEU A 1013 1.69 -4.04 -11.50
CA LEU A 1013 1.70 -4.68 -12.82
C LEU A 1013 3.11 -4.83 -13.34
N TYR A 1014 3.90 -3.74 -13.29
CA TYR A 1014 5.31 -3.82 -13.65
C TYR A 1014 6.05 -4.85 -12.82
N SER A 1015 5.68 -4.99 -11.55
CA SER A 1015 6.31 -5.99 -10.70
C SER A 1015 6.06 -7.40 -11.18
N PHE A 1016 5.00 -7.62 -11.96
CA PHE A 1016 4.77 -8.92 -12.58
C PHE A 1016 5.43 -9.04 -13.95
N TYR A 1017 5.82 -7.93 -14.56
CA TYR A 1017 6.42 -7.97 -15.89
C TYR A 1017 7.91 -8.30 -15.83
N LYS A 1018 8.67 -7.51 -15.06
CA LYS A 1018 10.12 -7.70 -15.00
C LYS A 1018 10.50 -9.11 -14.58
N ASN A 1019 9.64 -9.77 -13.80
CA ASN A 1019 9.88 -11.16 -13.47
C ASN A 1019 9.66 -12.06 -14.68
N THR A 1020 8.49 -11.92 -15.32
CA THR A 1020 8.16 -12.76 -16.47
C THR A 1020 9.14 -12.56 -17.61
N ALA A 1021 9.67 -11.35 -17.77
CA ALA A 1021 10.64 -11.09 -18.84
C ALA A 1021 11.96 -11.81 -18.62
N LEU A 1022 12.15 -12.48 -17.48
CA LEU A 1022 13.41 -13.18 -17.20
C LEU A 1022 13.17 -14.69 -17.10
N TYR A 1023 12.53 -15.16 -16.02
CA TYR A 1023 12.44 -16.59 -15.75
C TYR A 1023 11.63 -17.34 -16.80
N MET A 1024 10.93 -16.65 -17.70
CA MET A 1024 10.27 -17.35 -18.79
C MET A 1024 11.27 -17.93 -19.77
N THR A 1025 12.48 -17.37 -19.86
CA THR A 1025 13.55 -18.02 -20.61
C THR A 1025 13.91 -19.37 -20.00
N GLN A 1026 13.58 -19.59 -18.73
CA GLN A 1026 13.76 -20.90 -18.12
C GLN A 1026 12.80 -21.93 -18.70
N PHE A 1027 11.73 -21.49 -19.36
CA PHE A 1027 10.76 -22.39 -19.98
C PHE A 1027 11.03 -22.63 -21.46
N TRP A 1028 11.41 -21.60 -22.21
CA TRP A 1028 11.76 -21.80 -23.61
C TRP A 1028 13.04 -22.59 -23.79
N TYR A 1029 13.74 -22.92 -22.71
CA TYR A 1029 14.99 -23.66 -22.78
C TYR A 1029 14.80 -25.16 -22.60
N VAL A 1030 13.66 -25.60 -22.06
CA VAL A 1030 13.41 -27.03 -21.93
C VAL A 1030 13.23 -27.72 -23.27
N PHE A 1031 13.09 -26.95 -24.36
CA PHE A 1031 13.03 -27.52 -25.69
C PHE A 1031 14.41 -27.77 -26.29
N ALA A 1032 15.47 -27.35 -25.61
CA ALA A 1032 16.83 -27.53 -26.10
C ALA A 1032 17.67 -28.46 -25.24
N ASN A 1033 17.35 -28.61 -23.96
CA ASN A 1033 18.08 -29.51 -23.06
C ASN A 1033 17.32 -30.82 -22.85
N ALA A 1034 16.54 -31.25 -23.83
CA ALA A 1034 15.83 -32.53 -23.78
C ALA A 1034 14.90 -32.63 -22.58
N PHE A 1035 14.27 -31.49 -22.23
CA PHE A 1035 13.29 -31.43 -21.14
C PHE A 1035 13.89 -31.94 -19.83
N SER A 1036 15.05 -31.41 -19.47
CA SER A 1036 15.75 -31.84 -18.27
C SER A 1036 15.64 -30.84 -17.12
N GLY A 1037 15.46 -29.56 -17.41
CA GLY A 1037 15.37 -28.55 -16.38
C GLY A 1037 16.71 -27.94 -16.04
N GLN A 1038 17.42 -27.47 -17.06
CA GLN A 1038 18.74 -26.88 -16.89
C GLN A 1038 18.63 -25.37 -16.73
N SER A 1039 19.26 -24.84 -15.69
CA SER A 1039 19.26 -23.40 -15.46
C SER A 1039 20.06 -22.69 -16.54
N ILE A 1040 19.43 -21.74 -17.22
CA ILE A 1040 20.11 -21.00 -18.28
C ILE A 1040 21.12 -20.02 -17.70
N MET A 1041 20.87 -19.52 -16.49
CA MET A 1041 21.72 -18.52 -15.84
C MET A 1041 22.25 -19.07 -14.52
N GLU A 1042 23.12 -18.29 -13.89
CA GLU A 1042 23.75 -18.69 -12.65
C GLU A 1042 22.73 -18.79 -11.52
N SER A 1043 23.13 -19.47 -10.44
CA SER A 1043 22.22 -19.70 -9.33
C SER A 1043 22.06 -18.46 -8.45
N TRP A 1044 23.10 -17.62 -8.36
CA TRP A 1044 23.07 -16.46 -7.50
C TRP A 1044 22.72 -15.16 -8.23
N THR A 1045 23.03 -15.06 -9.53
CA THR A 1045 22.64 -13.89 -10.29
C THR A 1045 21.12 -13.78 -10.39
N MET A 1046 20.45 -14.92 -10.55
CA MET A 1046 18.99 -14.92 -10.55
C MET A 1046 18.44 -14.45 -9.20
N SER A 1047 19.09 -14.84 -8.11
CA SER A 1047 18.64 -14.41 -6.79
C SER A 1047 18.91 -12.93 -6.56
N PHE A 1048 19.96 -12.38 -7.16
CA PHE A 1048 20.26 -10.96 -7.06
C PHE A 1048 19.42 -10.12 -8.01
N TYR A 1049 18.79 -10.74 -9.00
CA TYR A 1049 17.92 -10.00 -9.91
C TYR A 1049 16.76 -9.34 -9.16
N ASN A 1050 16.26 -9.99 -8.12
CA ASN A 1050 15.11 -9.49 -7.37
C ASN A 1050 15.50 -8.63 -6.17
N LEU A 1051 16.79 -8.39 -5.94
CA LEU A 1051 17.23 -7.69 -4.75
C LEU A 1051 18.05 -6.44 -5.01
N PHE A 1052 18.91 -6.45 -6.03
CA PHE A 1052 19.87 -5.35 -6.23
C PHE A 1052 19.61 -4.53 -7.48
N PHE A 1053 19.17 -5.14 -8.57
CA PHE A 1053 19.15 -4.47 -9.86
C PHE A 1053 17.76 -4.03 -10.31
N THR A 1054 16.69 -4.59 -9.75
CA THR A 1054 15.32 -4.28 -10.16
C THR A 1054 14.44 -4.03 -8.94
N VAL A 1055 14.93 -3.20 -8.01
CA VAL A 1055 14.16 -2.85 -6.82
C VAL A 1055 13.93 -1.35 -6.68
N TRP A 1056 14.50 -0.52 -7.55
CA TRP A 1056 14.36 0.92 -7.39
C TRP A 1056 13.40 1.55 -8.40
N PRO A 1057 13.35 1.09 -9.66
CA PRO A 1057 12.31 1.58 -10.58
C PRO A 1057 10.90 1.39 -10.02
N PRO A 1058 10.59 0.26 -9.36
CA PRO A 1058 9.26 0.16 -8.75
C PRO A 1058 8.98 1.24 -7.71
N PHE A 1059 9.94 1.51 -6.82
CA PHE A 1059 9.74 2.55 -5.81
C PHE A 1059 9.60 3.93 -6.46
N VAL A 1060 10.38 4.19 -7.51
CA VAL A 1060 10.32 5.49 -8.15
C VAL A 1060 8.99 5.69 -8.87
N ILE A 1061 8.46 4.63 -9.51
CA ILE A 1061 7.18 4.77 -10.19
C ILE A 1061 6.00 4.66 -9.23
N GLY A 1062 6.21 4.17 -8.01
CA GLY A 1062 5.11 4.03 -7.08
C GLY A 1062 5.06 5.06 -5.97
N VAL A 1063 6.11 5.87 -5.82
CA VAL A 1063 6.18 6.88 -4.77
C VAL A 1063 6.40 8.28 -5.33
N PHE A 1064 7.22 8.41 -6.37
CA PHE A 1064 7.63 9.72 -6.88
C PHE A 1064 7.07 10.06 -8.25
N ASP A 1065 6.25 9.21 -8.85
CA ASP A 1065 5.74 9.48 -10.18
C ASP A 1065 4.42 10.24 -10.11
N GLN A 1066 4.24 11.18 -11.05
CA GLN A 1066 3.03 11.99 -11.12
C GLN A 1066 2.57 12.02 -12.57
N PHE A 1067 1.49 11.31 -12.89
CA PHE A 1067 1.02 11.23 -14.27
C PHE A 1067 0.38 12.52 -14.73
N VAL A 1068 -0.08 13.37 -13.81
CA VAL A 1068 -0.66 14.67 -14.15
C VAL A 1068 -0.36 15.64 -13.02
N SER A 1069 -0.13 16.89 -13.38
CA SER A 1069 0.23 17.90 -12.38
C SER A 1069 -0.94 18.17 -11.45
N SER A 1070 -0.60 18.60 -10.23
CA SER A 1070 -1.64 18.94 -9.25
C SER A 1070 -2.34 20.25 -9.61
N ARG A 1071 -1.73 21.08 -10.45
CA ARG A 1071 -2.39 22.32 -10.87
C ARG A 1071 -3.55 22.04 -11.81
N LEU A 1072 -3.43 21.03 -12.66
CA LEU A 1072 -4.50 20.64 -13.57
C LEU A 1072 -5.36 19.49 -13.05
N LEU A 1073 -4.91 18.81 -12.00
CA LEU A 1073 -5.72 17.73 -11.42
C LEU A 1073 -6.85 18.28 -10.55
N GLU A 1074 -6.76 19.52 -10.09
CA GLU A 1074 -7.84 20.16 -9.37
C GLU A 1074 -8.74 21.00 -10.25
N ARG A 1075 -8.23 21.48 -11.39
CA ARG A 1075 -9.06 22.26 -12.31
C ARG A 1075 -10.08 21.37 -13.02
N TYR A 1076 -9.70 20.14 -13.33
CA TYR A 1076 -10.59 19.17 -14.00
C TYR A 1076 -10.80 18.01 -13.05
N PRO A 1077 -11.78 18.10 -12.13
CA PRO A 1077 -11.98 17.03 -11.15
C PRO A 1077 -12.53 15.74 -11.75
N GLN A 1078 -13.07 15.79 -12.97
CA GLN A 1078 -13.63 14.58 -13.58
C GLN A 1078 -12.59 13.49 -13.78
N LEU A 1079 -11.30 13.84 -13.79
CA LEU A 1079 -10.25 12.82 -13.86
C LEU A 1079 -10.37 11.83 -12.71
N TYR A 1080 -10.96 12.24 -11.59
CA TYR A 1080 -11.16 11.32 -10.48
C TYR A 1080 -11.96 10.10 -10.91
N LYS A 1081 -12.89 10.27 -11.84
CA LYS A 1081 -13.66 9.14 -12.34
C LYS A 1081 -12.77 8.06 -12.94
N LEU A 1082 -11.65 8.46 -13.56
CA LEU A 1082 -10.72 7.49 -14.11
C LEU A 1082 -10.23 6.52 -13.04
N GLY A 1083 -10.14 6.97 -11.79
CA GLY A 1083 -9.75 6.09 -10.71
C GLY A 1083 -10.95 5.53 -9.99
N GLN A 1084 -12.12 6.17 -10.18
CA GLN A 1084 -13.31 5.75 -9.48
C GLN A 1084 -13.91 4.47 -10.07
N LYS A 1085 -13.71 4.25 -11.36
CA LYS A 1085 -14.21 3.04 -12.02
C LYS A 1085 -13.24 1.88 -11.91
N GLY A 1086 -11.95 2.12 -12.14
CA GLY A 1086 -10.95 1.08 -12.12
C GLY A 1086 -10.29 0.90 -13.46
N GLN A 1087 -9.93 2.00 -14.11
CA GLN A 1087 -9.33 1.99 -15.43
C GLN A 1087 -7.82 1.87 -15.40
N PHE A 1088 -7.24 1.54 -14.25
CA PHE A 1088 -5.79 1.45 -14.12
C PHE A 1088 -5.30 0.16 -13.50
N PHE A 1089 -6.17 -0.68 -12.95
CA PHE A 1089 -5.73 -1.91 -12.29
C PHE A 1089 -6.84 -2.95 -12.43
N SER A 1090 -6.59 -3.98 -13.23
CA SER A 1090 -7.55 -5.05 -13.46
C SER A 1090 -6.81 -6.27 -13.99
N VAL A 1091 -7.54 -7.38 -14.08
CA VAL A 1091 -6.95 -8.61 -14.59
C VAL A 1091 -6.76 -8.55 -16.10
N TYR A 1092 -7.63 -7.82 -16.80
CA TYR A 1092 -7.50 -7.71 -18.25
C TYR A 1092 -6.21 -6.99 -18.64
N ILE A 1093 -5.69 -6.12 -17.77
CA ILE A 1093 -4.40 -5.49 -18.02
C ILE A 1093 -3.25 -6.33 -17.47
N PHE A 1094 -3.49 -7.08 -16.39
CA PHE A 1094 -2.49 -7.99 -15.88
C PHE A 1094 -2.12 -9.04 -16.92
N TRP A 1095 -3.11 -9.58 -17.63
CA TRP A 1095 -2.81 -10.53 -18.69
C TRP A 1095 -2.07 -9.88 -19.85
N GLY A 1096 -2.35 -8.62 -20.14
CA GLY A 1096 -1.59 -7.92 -21.17
C GLY A 1096 -0.14 -7.77 -20.78
N TRP A 1097 0.13 -7.39 -19.53
CA TRP A 1097 1.51 -7.33 -19.06
C TRP A 1097 2.18 -8.69 -19.13
N ILE A 1098 1.45 -9.75 -18.75
CA ILE A 1098 2.02 -11.10 -18.77
C ILE A 1098 2.39 -11.50 -20.19
N ILE A 1099 1.50 -11.27 -21.16
CA ILE A 1099 1.79 -11.69 -22.52
C ILE A 1099 2.88 -10.81 -23.13
N ASN A 1100 2.99 -9.54 -22.71
CA ASN A 1100 4.11 -8.73 -23.16
C ASN A 1100 5.42 -9.28 -22.64
N GLY A 1101 5.45 -9.71 -21.37
CA GLY A 1101 6.64 -10.36 -20.84
C GLY A 1101 6.98 -11.64 -21.58
N PHE A 1102 5.97 -12.45 -21.89
CA PHE A 1102 6.18 -13.65 -22.69
C PHE A 1102 6.81 -13.31 -24.04
N PHE A 1103 6.27 -12.29 -24.71
CA PHE A 1103 6.77 -11.89 -26.02
C PHE A 1103 8.23 -11.46 -25.93
N HIS A 1104 8.56 -10.63 -24.94
CA HIS A 1104 9.95 -10.17 -24.82
C HIS A 1104 10.89 -11.31 -24.47
N SER A 1105 10.45 -12.24 -23.62
CA SER A 1105 11.27 -13.40 -23.29
C SER A 1105 11.55 -14.25 -24.52
N ALA A 1106 10.52 -14.51 -25.32
CA ALA A 1106 10.73 -15.27 -26.55
C ALA A 1106 11.65 -14.55 -27.51
N ILE A 1107 11.51 -13.22 -27.60
CA ILE A 1107 12.37 -12.43 -28.48
C ILE A 1107 13.83 -12.59 -28.07
N VAL A 1108 14.12 -12.38 -26.78
CA VAL A 1108 15.52 -12.46 -26.34
C VAL A 1108 16.05 -13.87 -26.49
N PHE A 1109 15.21 -14.89 -26.24
CA PHE A 1109 15.68 -16.26 -26.35
C PHE A 1109 16.05 -16.60 -27.79
N ILE A 1110 15.17 -16.30 -28.74
CA ILE A 1110 15.47 -16.63 -30.14
C ILE A 1110 16.64 -15.80 -30.64
N GLY A 1111 16.74 -14.53 -30.21
CA GLY A 1111 17.85 -13.71 -30.65
C GLY A 1111 19.18 -14.16 -30.11
N THR A 1112 19.19 -14.74 -28.91
CA THR A 1112 20.44 -15.25 -28.36
C THR A 1112 20.81 -16.61 -28.94
N ILE A 1113 19.81 -17.46 -29.25
CA ILE A 1113 20.14 -18.75 -29.83
C ILE A 1113 20.46 -18.66 -31.31
N LEU A 1114 20.07 -17.57 -31.98
CA LEU A 1114 20.44 -17.40 -33.38
C LEU A 1114 21.87 -16.91 -33.55
N ILE A 1115 22.48 -16.34 -32.51
CA ILE A 1115 23.85 -15.84 -32.57
C ILE A 1115 24.85 -16.84 -32.02
N TYR A 1116 24.55 -17.43 -30.86
CA TYR A 1116 25.38 -18.50 -30.30
C TYR A 1116 24.89 -19.84 -30.86
N ARG A 1117 25.04 -19.99 -32.19
CA ARG A 1117 24.52 -21.16 -32.86
C ARG A 1117 25.26 -22.43 -32.42
N TYR A 1118 26.56 -22.47 -32.63
CA TYR A 1118 27.41 -23.55 -32.12
C TYR A 1118 28.36 -23.06 -31.05
N GLY A 1119 28.13 -21.87 -30.49
CA GLY A 1119 29.11 -21.22 -29.66
C GLY A 1119 30.21 -20.53 -30.44
N PHE A 1120 30.26 -20.71 -31.75
CA PHE A 1120 31.32 -20.15 -32.60
C PHE A 1120 30.94 -18.71 -32.99
N ALA A 1121 31.00 -17.82 -32.00
CA ALA A 1121 30.68 -16.42 -32.19
C ALA A 1121 31.74 -15.50 -31.58
N LEU A 1122 32.96 -15.98 -31.42
CA LEU A 1122 34.05 -15.21 -30.84
C LEU A 1122 35.17 -15.05 -31.85
N ASN A 1123 36.09 -14.13 -31.55
CA ASN A 1123 37.22 -13.85 -32.42
C ASN A 1123 38.55 -13.94 -31.67
N MET A 1124 38.56 -14.58 -30.50
CA MET A 1124 39.76 -14.67 -29.68
C MET A 1124 40.43 -16.03 -29.91
N HIS A 1125 41.22 -16.10 -30.99
CA HIS A 1125 42.03 -17.26 -31.31
C HIS A 1125 41.21 -18.54 -31.44
N GLY A 1126 40.03 -18.40 -32.04
CA GLY A 1126 39.19 -19.55 -32.32
C GLY A 1126 38.56 -20.22 -31.11
N GLU A 1127 38.69 -19.64 -29.93
CA GLU A 1127 38.05 -20.22 -28.75
C GLU A 1127 36.55 -19.99 -28.81
N LEU A 1128 35.80 -20.95 -28.27
CA LEU A 1128 34.35 -20.96 -28.36
C LEU A 1128 33.74 -20.57 -27.02
N ALA A 1129 32.52 -20.03 -27.08
CA ALA A 1129 31.75 -19.73 -25.88
C ALA A 1129 31.16 -21.02 -25.33
N ASP A 1130 30.32 -20.88 -24.31
CA ASP A 1130 29.70 -22.05 -23.70
C ASP A 1130 28.34 -21.72 -23.09
N HIS A 1131 27.97 -22.45 -22.04
CA HIS A 1131 26.66 -22.28 -21.43
C HIS A 1131 26.56 -20.97 -20.68
N TRP A 1132 27.52 -20.69 -19.79
CA TRP A 1132 27.43 -19.53 -18.93
C TRP A 1132 27.75 -18.23 -19.67
N SER A 1133 28.68 -18.27 -20.63
CA SER A 1133 28.97 -17.10 -21.43
C SER A 1133 27.78 -16.67 -22.28
N TRP A 1134 26.79 -17.54 -22.46
CA TRP A 1134 25.55 -17.24 -23.14
C TRP A 1134 24.43 -16.86 -22.18
N GLY A 1135 24.36 -17.54 -21.03
CA GLY A 1135 23.41 -17.14 -20.00
C GLY A 1135 23.65 -15.73 -19.49
N VAL A 1136 24.92 -15.31 -19.44
CA VAL A 1136 25.23 -13.94 -19.00
C VAL A 1136 24.67 -12.94 -20.00
N THR A 1137 24.83 -13.20 -21.30
CA THR A 1137 24.28 -12.31 -22.30
C THR A 1137 22.76 -12.28 -22.23
N VAL A 1138 22.14 -13.43 -22.01
CA VAL A 1138 20.69 -13.49 -21.85
C VAL A 1138 20.25 -12.60 -20.68
N TYR A 1139 20.91 -12.76 -19.53
CA TYR A 1139 20.56 -11.98 -18.34
C TYR A 1139 20.75 -10.48 -18.58
N THR A 1140 21.85 -10.11 -19.24
CA THR A 1140 22.12 -8.69 -19.48
C THR A 1140 21.08 -8.08 -20.41
N THR A 1141 20.76 -8.78 -21.50
CA THR A 1141 19.73 -8.27 -22.40
C THR A 1141 18.38 -8.18 -21.70
N SER A 1142 18.07 -9.16 -20.85
CA SER A 1142 16.81 -9.13 -20.11
C SER A 1142 16.72 -7.90 -19.21
N VAL A 1143 17.78 -7.62 -18.44
CA VAL A 1143 17.72 -6.48 -17.54
C VAL A 1143 17.71 -5.17 -18.32
N ILE A 1144 18.41 -5.11 -19.46
CA ILE A 1144 18.39 -3.89 -20.25
C ILE A 1144 16.99 -3.63 -20.80
N ILE A 1145 16.30 -4.67 -21.25
CA ILE A 1145 14.95 -4.48 -21.78
C ILE A 1145 13.98 -4.13 -20.67
N VAL A 1146 14.16 -4.71 -19.48
CA VAL A 1146 13.32 -4.36 -18.34
C VAL A 1146 13.49 -2.89 -17.99
N LEU A 1147 14.73 -2.41 -17.96
CA LEU A 1147 14.97 -1.00 -17.66
C LEU A 1147 14.44 -0.09 -18.76
N GLY A 1148 14.52 -0.53 -20.02
CA GLY A 1148 13.94 0.25 -21.10
C GLY A 1148 12.42 0.36 -20.98
N LYS A 1149 11.76 -0.73 -20.59
CA LYS A 1149 10.32 -0.67 -20.34
C LYS A 1149 10.01 0.28 -19.20
N ALA A 1150 10.79 0.22 -18.12
CA ALA A 1150 10.59 1.16 -17.01
C ALA A 1150 10.73 2.60 -17.48
N ALA A 1151 11.74 2.87 -18.31
CA ALA A 1151 11.94 4.23 -18.82
C ALA A 1151 10.80 4.65 -19.74
N LEU A 1152 10.20 3.70 -20.46
CA LEU A 1152 9.06 4.04 -21.31
C LEU A 1152 7.80 4.29 -20.49
N VAL A 1153 7.70 3.67 -19.31
CA VAL A 1153 6.48 3.80 -18.52
C VAL A 1153 6.43 5.13 -17.77
N THR A 1154 7.58 5.61 -17.28
CA THR A 1154 7.59 6.77 -16.39
C THR A 1154 7.11 8.02 -17.12
N ASN A 1155 6.52 8.94 -16.33
CA ASN A 1155 6.10 10.25 -16.82
C ASN A 1155 6.92 11.40 -16.25
N GLN A 1156 7.41 11.27 -15.03
CA GLN A 1156 8.14 12.33 -14.35
C GLN A 1156 9.63 11.96 -14.33
N TRP A 1157 10.44 12.75 -15.04
CA TRP A 1157 11.89 12.51 -15.13
C TRP A 1157 12.60 13.41 -14.12
N THR A 1158 12.56 13.00 -12.86
CA THR A 1158 13.27 13.71 -11.80
C THR A 1158 14.73 13.27 -11.75
N LYS A 1159 15.28 13.15 -10.54
CA LYS A 1159 16.61 12.61 -10.35
C LYS A 1159 16.60 11.18 -9.81
N PHE A 1160 15.58 10.82 -9.03
CA PHE A 1160 15.47 9.45 -8.55
C PHE A 1160 15.24 8.48 -9.70
N THR A 1161 14.63 8.94 -10.80
CA THR A 1161 14.49 8.09 -11.97
C THR A 1161 15.84 7.80 -12.60
N LEU A 1162 16.71 8.81 -12.68
CA LEU A 1162 18.06 8.59 -13.20
C LEU A 1162 18.89 7.74 -12.24
N ILE A 1163 18.59 7.79 -10.94
CA ILE A 1163 19.29 6.92 -10.01
C ILE A 1163 18.77 5.49 -10.11
N ALA A 1164 17.50 5.31 -10.48
CA ALA A 1164 16.86 4.00 -10.47
C ALA A 1164 17.10 3.22 -11.75
N ILE A 1165 16.95 3.85 -12.91
CA ILE A 1165 17.03 3.08 -14.16
C ILE A 1165 18.47 3.05 -14.69
N PRO A 1166 19.06 4.17 -15.14
CA PRO A 1166 20.46 4.08 -15.59
C PRO A 1166 21.40 3.80 -14.44
N GLY A 1167 21.05 4.24 -13.22
CA GLY A 1167 21.83 3.87 -12.06
C GLY A 1167 21.92 2.37 -11.87
N SER A 1168 20.78 1.67 -12.01
CA SER A 1168 20.80 0.22 -11.87
C SER A 1168 21.52 -0.44 -13.04
N LEU A 1169 21.38 0.13 -14.24
CA LEU A 1169 22.12 -0.41 -15.39
C LEU A 1169 23.63 -0.37 -15.13
N LEU A 1170 24.14 0.80 -14.76
CA LEU A 1170 25.57 0.91 -14.46
C LEU A 1170 25.96 0.09 -13.24
N PHE A 1171 25.07 -0.03 -12.26
CA PHE A 1171 25.36 -0.85 -11.10
C PHE A 1171 25.59 -2.30 -11.49
N TRP A 1172 24.74 -2.84 -12.37
CA TRP A 1172 24.96 -4.21 -12.86
C TRP A 1172 26.24 -4.30 -13.68
N LEU A 1173 26.45 -3.33 -14.59
CA LEU A 1173 27.61 -3.39 -15.46
C LEU A 1173 28.92 -3.30 -14.68
N ILE A 1174 28.90 -2.71 -13.49
CA ILE A 1174 30.11 -2.59 -12.69
C ILE A 1174 30.20 -3.75 -11.69
N PHE A 1175 29.05 -4.27 -11.27
CA PHE A 1175 29.03 -5.32 -10.26
C PHE A 1175 29.36 -6.69 -10.84
N PHE A 1176 29.01 -6.94 -12.12
CA PHE A 1176 29.26 -8.26 -12.67
C PHE A 1176 30.75 -8.58 -12.76
N PRO A 1177 31.62 -7.74 -13.34
CA PRO A 1177 33.04 -8.11 -13.41
C PRO A 1177 33.69 -8.32 -12.05
N ILE A 1178 33.41 -7.43 -11.09
CA ILE A 1178 34.01 -7.55 -9.76
C ILE A 1178 33.60 -8.86 -9.12
N TYR A 1179 32.30 -9.18 -9.16
CA TYR A 1179 31.80 -10.41 -8.57
C TYR A 1179 32.43 -11.62 -9.25
N ALA A 1180 32.35 -11.68 -10.58
CA ALA A 1180 32.85 -12.84 -11.31
C ALA A 1180 34.37 -12.97 -11.27
N SER A 1181 35.08 -11.91 -10.86
CA SER A 1181 36.53 -12.00 -10.71
C SER A 1181 36.98 -12.30 -9.29
N ILE A 1182 36.16 -11.97 -8.28
CA ILE A 1182 36.55 -12.15 -6.89
C ILE A 1182 35.94 -13.41 -6.29
N PHE A 1183 34.62 -13.57 -6.40
CA PHE A 1183 33.90 -14.61 -5.66
C PHE A 1183 34.18 -16.05 -6.11
N PRO A 1184 34.44 -16.32 -7.40
CA PRO A 1184 34.79 -17.70 -7.78
C PRO A 1184 35.95 -18.30 -6.99
N HIS A 1185 36.88 -17.47 -6.52
CA HIS A 1185 38.03 -17.95 -5.76
C HIS A 1185 37.67 -18.35 -4.34
N ALA A 1186 36.42 -18.22 -3.92
CA ALA A 1186 35.99 -18.58 -2.59
C ALA A 1186 34.99 -19.72 -2.57
N ASN A 1187 34.86 -20.45 -3.68
CA ASN A 1187 33.92 -21.57 -3.81
C ASN A 1187 32.48 -21.10 -3.63
N ILE A 1188 32.13 -20.02 -4.33
CA ILE A 1188 30.78 -19.46 -4.29
C ILE A 1188 30.10 -19.56 -5.65
N SER A 1189 30.81 -19.26 -6.74
CA SER A 1189 30.23 -19.30 -8.08
C SER A 1189 31.34 -19.70 -9.05
N ARG A 1190 31.69 -21.00 -9.02
CA ARG A 1190 32.76 -21.51 -9.87
C ARG A 1190 32.38 -21.59 -11.34
N GLU A 1191 31.14 -21.26 -11.70
CA GLU A 1191 30.72 -21.27 -13.10
C GLU A 1191 31.11 -20.01 -13.84
N TYR A 1192 31.85 -19.10 -13.21
CA TYR A 1192 32.19 -17.81 -13.82
C TYR A 1192 33.68 -17.68 -14.10
N TYR A 1193 34.42 -18.78 -14.12
CA TYR A 1193 35.84 -18.74 -14.42
C TYR A 1193 36.06 -18.39 -15.89
N GLY A 1194 36.73 -17.27 -16.13
CA GLY A 1194 37.08 -16.86 -17.47
C GLY A 1194 35.93 -16.35 -18.32
N VAL A 1195 34.72 -16.23 -17.77
CA VAL A 1195 33.60 -15.76 -18.58
C VAL A 1195 33.69 -14.26 -18.81
N VAL A 1196 34.37 -13.53 -17.94
CA VAL A 1196 34.44 -12.08 -18.08
C VAL A 1196 35.16 -11.70 -19.38
N LYS A 1197 36.26 -12.39 -19.69
CA LYS A 1197 36.97 -12.11 -20.92
C LYS A 1197 36.10 -12.43 -22.14
N HIS A 1198 35.57 -13.64 -22.19
CA HIS A 1198 34.79 -14.09 -23.34
C HIS A 1198 33.48 -13.33 -23.50
N THR A 1199 33.04 -12.60 -22.48
CA THR A 1199 31.86 -11.74 -22.60
C THR A 1199 32.24 -10.31 -22.97
N TYR A 1200 32.99 -9.62 -22.12
CA TYR A 1200 33.28 -8.21 -22.35
C TYR A 1200 34.23 -8.01 -23.53
N GLY A 1201 35.31 -8.80 -23.59
CA GLY A 1201 36.25 -8.66 -24.69
C GLY A 1201 35.72 -9.08 -26.03
N SER A 1202 34.56 -9.74 -26.08
CA SER A 1202 33.99 -10.18 -27.33
C SER A 1202 33.28 -9.03 -28.03
N GLY A 1203 33.53 -8.87 -29.32
CA GLY A 1203 32.95 -7.80 -30.12
C GLY A 1203 31.51 -8.00 -30.52
N VAL A 1204 30.90 -9.13 -30.19
CA VAL A 1204 29.50 -9.37 -30.50
C VAL A 1204 28.59 -9.10 -29.31
N PHE A 1205 29.12 -9.12 -28.08
CA PHE A 1205 28.33 -8.80 -26.89
C PHE A 1205 27.79 -7.38 -26.96
N TRP A 1206 28.67 -6.41 -27.24
CA TRP A 1206 28.30 -5.01 -27.35
C TRP A 1206 27.56 -4.69 -28.63
N LEU A 1207 27.25 -5.68 -29.45
CA LEU A 1207 26.38 -5.51 -30.61
C LEU A 1207 25.00 -6.13 -30.41
N THR A 1208 24.93 -7.32 -29.80
CA THR A 1208 23.62 -7.86 -29.44
C THR A 1208 22.96 -7.02 -28.36
N LEU A 1209 23.75 -6.49 -27.42
CA LEU A 1209 23.17 -5.63 -26.38
C LEU A 1209 22.58 -4.35 -26.96
N ILE A 1210 22.96 -3.97 -28.17
CA ILE A 1210 22.40 -2.80 -28.84
C ILE A 1210 21.25 -3.18 -29.75
N VAL A 1211 21.35 -4.33 -30.42
CA VAL A 1211 20.36 -4.69 -31.43
C VAL A 1211 19.13 -5.40 -30.87
N LEU A 1212 19.22 -6.01 -29.69
CA LEU A 1212 18.07 -6.76 -29.20
C LEU A 1212 17.07 -5.89 -28.42
N PRO A 1213 17.52 -5.02 -27.49
CA PRO A 1213 16.53 -4.20 -26.76
C PRO A 1213 15.72 -3.28 -27.66
N ILE A 1214 16.34 -2.68 -28.67
CA ILE A 1214 15.59 -1.83 -29.59
C ILE A 1214 14.58 -2.66 -30.38
N PHE A 1215 15.01 -3.84 -30.84
CA PHE A 1215 14.11 -4.72 -31.58
C PHE A 1215 12.93 -5.18 -30.73
N ALA A 1216 13.13 -5.28 -29.41
CA ALA A 1216 12.05 -5.72 -28.54
C ALA A 1216 11.17 -4.59 -28.03
N LEU A 1217 11.67 -3.35 -27.98
CA LEU A 1217 10.91 -2.23 -27.47
C LEU A 1217 10.35 -1.31 -28.55
N VAL A 1218 10.68 -1.55 -29.82
CA VAL A 1218 10.09 -0.77 -30.90
C VAL A 1218 8.58 -0.93 -30.91
N ARG A 1219 8.08 -2.12 -30.56
CA ARG A 1219 6.63 -2.35 -30.50
C ARG A 1219 5.99 -1.42 -29.48
N ASP A 1220 6.51 -1.41 -28.25
CA ASP A 1220 5.94 -0.56 -27.21
C ASP A 1220 6.05 0.91 -27.59
N PHE A 1221 7.20 1.31 -28.16
CA PHE A 1221 7.37 2.70 -28.54
C PHE A 1221 6.35 3.13 -29.58
N LEU A 1222 6.18 2.34 -30.64
CA LEU A 1222 5.25 2.69 -31.70
C LEU A 1222 3.81 2.67 -31.21
N TRP A 1223 3.46 1.69 -30.36
CA TRP A 1223 2.10 1.63 -29.84
C TRP A 1223 1.80 2.82 -28.93
N LYS A 1224 2.77 3.22 -28.10
CA LYS A 1224 2.58 4.40 -27.27
C LYS A 1224 2.38 5.65 -28.12
N TYR A 1225 3.22 5.82 -29.14
CA TYR A 1225 3.07 6.98 -30.02
C TYR A 1225 1.70 6.98 -30.70
N TYR A 1226 1.25 5.82 -31.18
CA TYR A 1226 -0.03 5.76 -31.87
C TYR A 1226 -1.19 6.07 -30.93
N LYS A 1227 -1.19 5.45 -29.74
CA LYS A 1227 -2.28 5.70 -28.80
C LYS A 1227 -2.27 7.14 -28.30
N ARG A 1228 -1.11 7.78 -28.25
CA ARG A 1228 -1.08 9.18 -27.84
C ARG A 1228 -1.53 10.11 -28.96
N MET A 1229 -1.19 9.78 -30.21
CA MET A 1229 -1.43 10.71 -31.30
C MET A 1229 -2.82 10.57 -31.91
N TYR A 1230 -3.24 9.34 -32.26
CA TYR A 1230 -4.45 9.15 -33.04
C TYR A 1230 -5.59 8.49 -32.27
N GLU A 1231 -5.37 8.06 -31.03
CA GLU A 1231 -6.43 7.48 -30.21
C GLU A 1231 -6.25 7.91 -28.76
N PRO A 1232 -6.32 9.22 -28.49
CA PRO A 1232 -6.00 9.73 -27.15
C PRO A 1232 -7.14 9.48 -26.18
N GLU A 1233 -6.92 9.91 -24.94
CA GLU A 1233 -7.97 9.90 -23.92
C GLU A 1233 -8.11 11.29 -23.31
N THR A 1234 -8.65 11.36 -22.09
CA THR A 1234 -8.77 12.66 -21.43
C THR A 1234 -7.41 13.14 -20.93
N TYR A 1235 -6.75 12.34 -20.09
CA TYR A 1235 -5.46 12.76 -19.58
C TYR A 1235 -4.39 12.78 -20.65
N HIS A 1236 -4.57 12.04 -21.75
CA HIS A 1236 -3.63 12.14 -22.86
C HIS A 1236 -3.65 13.51 -23.51
N VAL A 1237 -4.73 14.27 -23.35
CA VAL A 1237 -4.83 15.63 -23.90
C VAL A 1237 -4.49 16.62 -22.79
N ILE A 1238 -4.83 16.26 -21.55
CA ILE A 1238 -4.50 17.13 -20.43
C ILE A 1238 -2.99 17.23 -20.25
N GLN A 1239 -2.27 16.13 -20.47
CA GLN A 1239 -0.81 16.16 -20.41
C GLN A 1239 -0.22 17.01 -21.53
N GLU A 1240 -0.84 16.97 -22.71
CA GLU A 1240 -0.38 17.83 -23.80
C GLU A 1240 -0.59 19.30 -23.46
N MET A 1241 -1.75 19.63 -22.89
CA MET A 1241 -1.99 21.01 -22.47
C MET A 1241 -1.00 21.43 -21.38
N GLN A 1242 -0.68 20.52 -20.46
CA GLN A 1242 0.30 20.82 -19.42
C GLN A 1242 1.68 21.06 -20.02
N LYS A 1243 2.04 20.28 -21.04
CA LYS A 1243 3.36 20.40 -21.64
C LYS A 1243 3.49 21.68 -22.45
N TYR A 1244 2.47 22.01 -23.26
CA TYR A 1244 2.57 23.16 -24.15
C TYR A 1244 2.02 24.45 -23.54
N ASN A 1245 1.29 24.37 -22.44
CA ASN A 1245 0.78 25.57 -21.78
C ASN A 1245 1.12 25.57 -20.29
N THR B 19 8.52 20.51 19.29
CA THR B 19 7.31 21.25 19.65
C THR B 19 6.46 21.54 18.41
N SER B 20 7.03 22.30 17.47
CA SER B 20 6.32 22.64 16.25
C SER B 20 6.15 21.40 15.37
N LYS B 21 4.95 21.23 14.83
CA LYS B 21 4.62 20.10 13.99
C LYS B 21 4.46 20.47 12.53
N LYS B 22 4.92 21.66 12.14
CA LYS B 22 4.77 22.09 10.75
C LYS B 22 5.82 21.42 9.88
N PRO B 23 5.41 20.76 8.79
CA PRO B 23 6.39 20.12 7.90
C PRO B 23 7.24 21.15 7.19
N PRO B 24 8.44 20.79 6.76
CA PRO B 24 9.32 21.75 6.08
C PRO B 24 8.78 22.12 4.71
N ASN B 25 9.32 23.21 4.17
CA ASN B 25 8.96 23.72 2.85
C ASN B 25 10.19 23.60 1.95
N THR B 26 10.33 22.42 1.33
CA THR B 26 11.44 22.16 0.42
C THR B 26 10.91 21.47 -0.82
N ALA B 27 11.75 21.39 -1.85
CA ALA B 27 11.34 20.81 -3.12
C ALA B 27 11.06 19.31 -3.01
N PHE B 28 11.56 18.65 -1.97
CA PHE B 28 11.35 17.21 -1.82
C PHE B 28 10.11 16.89 -1.01
N ARG B 29 9.99 17.45 0.20
CA ARG B 29 8.86 17.12 1.07
C ARG B 29 7.53 17.63 0.51
N GLN B 30 7.56 18.62 -0.38
CA GLN B 30 6.35 19.16 -0.99
C GLN B 30 6.08 18.61 -2.38
N GLN B 31 6.90 17.65 -2.82
CA GLN B 31 6.75 17.03 -4.14
C GLN B 31 6.75 18.08 -5.25
N ARG B 32 7.78 18.93 -5.23
CA ARG B 32 7.92 20.02 -6.19
C ARG B 32 9.27 19.96 -6.90
N LEU B 33 9.85 18.77 -7.00
CA LEU B 33 11.13 18.60 -7.65
C LEU B 33 11.02 18.93 -9.14
N LYS B 34 12.04 19.58 -9.67
CA LYS B 34 12.07 19.88 -11.09
C LYS B 34 12.30 18.61 -11.90
N ALA B 35 11.56 18.47 -12.99
CA ALA B 35 11.61 17.25 -13.78
C ALA B 35 11.41 17.61 -15.26
N TRP B 36 11.34 16.58 -16.09
CA TRP B 36 11.17 16.72 -17.53
C TRP B 36 10.01 15.86 -17.99
N GLN B 37 9.19 16.41 -18.88
CA GLN B 37 8.02 15.70 -19.38
C GLN B 37 8.29 15.18 -20.78
N PRO B 38 8.43 13.87 -20.98
CA PRO B 38 8.69 13.34 -22.32
C PRO B 38 7.43 13.33 -23.16
N ILE B 39 7.42 14.11 -24.25
CA ILE B 39 6.29 14.18 -25.16
C ILE B 39 6.66 13.44 -26.44
N LEU B 40 5.65 12.84 -27.07
CA LEU B 40 5.87 12.05 -28.27
C LEU B 40 5.32 12.76 -29.50
N SER B 41 5.72 14.00 -29.71
CA SER B 41 5.34 14.74 -30.89
C SER B 41 5.94 14.08 -32.14
N PRO B 42 5.23 14.13 -33.27
CA PRO B 42 5.80 13.55 -34.50
C PRO B 42 7.11 14.17 -34.92
N GLN B 43 7.26 15.49 -34.73
CA GLN B 43 8.52 16.14 -35.07
C GLN B 43 9.67 15.69 -34.19
N SER B 44 9.37 15.02 -33.07
CA SER B 44 10.41 14.48 -32.20
C SER B 44 10.54 12.97 -32.31
N VAL B 45 9.64 12.30 -33.02
CA VAL B 45 9.68 10.85 -33.19
C VAL B 45 10.19 10.45 -34.56
N LEU B 46 9.66 11.08 -35.62
CA LEU B 46 10.08 10.71 -36.97
C LEU B 46 11.57 10.95 -37.22
N PRO B 47 12.18 12.05 -36.81
CA PRO B 47 13.64 12.16 -36.93
C PRO B 47 14.37 11.07 -36.16
N LEU B 48 13.85 10.65 -35.02
CA LEU B 48 14.48 9.55 -34.28
C LEU B 48 14.46 8.27 -35.10
N LEU B 49 13.33 7.97 -35.75
CA LEU B 49 13.23 6.76 -36.54
C LEU B 49 14.14 6.82 -37.76
N ILE B 50 14.18 7.95 -38.46
CA ILE B 50 15.06 8.03 -39.62
C ILE B 50 16.52 7.98 -39.20
N PHE B 51 16.86 8.52 -38.03
CA PHE B 51 18.23 8.44 -37.54
C PHE B 51 18.60 6.99 -37.20
N VAL B 52 17.70 6.27 -36.54
CA VAL B 52 17.96 4.87 -36.21
C VAL B 52 18.15 4.07 -37.50
N ALA B 53 17.32 4.31 -38.51
CA ALA B 53 17.48 3.61 -39.79
C ALA B 53 18.81 3.95 -40.44
N CYS B 54 19.18 5.23 -40.46
CA CYS B 54 20.41 5.66 -41.13
C CYS B 54 21.66 5.22 -40.39
N ILE B 55 21.56 4.91 -39.09
CA ILE B 55 22.72 4.38 -38.38
C ILE B 55 22.74 2.85 -38.32
N PHE B 56 21.60 2.19 -38.55
CA PHE B 56 21.57 0.74 -38.52
C PHE B 56 21.72 0.10 -39.89
N THR B 57 21.48 0.85 -40.98
CA THR B 57 21.75 0.28 -42.30
C THR B 57 23.23 0.05 -42.56
N PRO B 58 24.13 1.02 -42.31
CA PRO B 58 25.56 0.73 -42.57
C PRO B 58 26.11 -0.36 -41.66
N ILE B 59 25.70 -0.38 -40.40
CA ILE B 59 26.16 -1.45 -39.49
C ILE B 59 25.70 -2.80 -40.00
N GLY B 60 24.45 -2.88 -40.45
CA GLY B 60 23.94 -4.15 -40.94
C GLY B 60 24.66 -4.63 -42.19
N ILE B 61 24.87 -3.72 -43.15
CA ILE B 61 25.55 -4.14 -44.37
C ILE B 61 27.00 -4.49 -44.08
N GLY B 62 27.65 -3.78 -43.15
CA GLY B 62 29.01 -4.11 -42.78
C GLY B 62 29.10 -5.47 -42.11
N LEU B 63 28.13 -5.80 -41.26
CA LEU B 63 28.15 -7.10 -40.59
C LEU B 63 27.88 -8.23 -41.59
N ILE B 64 26.97 -8.02 -42.54
CA ILE B 64 26.74 -9.09 -43.52
C ILE B 64 27.92 -9.23 -44.46
N VAL B 65 28.64 -8.13 -44.75
CA VAL B 65 29.84 -8.24 -45.57
C VAL B 65 30.94 -8.97 -44.81
N SER B 66 31.06 -8.70 -43.50
CA SER B 66 32.07 -9.40 -42.70
C SER B 66 31.76 -10.88 -42.59
N ALA B 67 30.48 -11.23 -42.47
CA ALA B 67 30.09 -12.64 -42.40
C ALA B 67 30.13 -13.32 -43.76
N THR B 68 30.13 -12.55 -44.86
CA THR B 68 30.21 -13.13 -46.19
C THR B 68 31.62 -13.60 -46.51
N LYS B 69 32.64 -12.85 -46.07
CA LYS B 69 34.02 -13.15 -46.43
C LYS B 69 34.58 -14.39 -45.74
N VAL B 70 33.82 -15.04 -44.87
CA VAL B 70 34.29 -16.24 -44.20
C VAL B 70 34.25 -17.41 -45.18
N GLN B 71 35.38 -18.11 -45.31
CA GLN B 71 35.50 -19.28 -46.16
C GLN B 71 35.59 -20.51 -45.27
N ASP B 72 34.70 -21.47 -45.48
CA ASP B 72 34.63 -22.63 -44.61
C ASP B 72 34.32 -23.88 -45.42
N LEU B 73 34.46 -25.03 -44.77
CA LEU B 73 34.20 -26.32 -45.39
C LEU B 73 33.77 -27.29 -44.29
N THR B 74 32.84 -28.18 -44.63
CA THR B 74 32.30 -29.13 -43.68
C THR B 74 32.03 -30.45 -44.40
N ILE B 75 32.46 -31.55 -43.79
CA ILE B 75 32.28 -32.88 -44.37
C ILE B 75 31.70 -33.79 -43.30
N ASP B 76 30.54 -34.36 -43.57
CA ASP B 76 29.89 -35.30 -42.66
C ASP B 76 30.50 -36.67 -42.88
N TYR B 77 31.53 -36.98 -42.09
CA TYR B 77 32.23 -38.25 -42.22
C TYR B 77 31.57 -39.38 -41.42
N SER B 78 30.37 -39.15 -40.90
CA SER B 78 29.62 -40.24 -40.28
C SER B 78 29.21 -41.26 -41.34
N HIS B 79 29.01 -42.50 -40.91
CA HIS B 79 28.70 -43.62 -41.79
C HIS B 79 29.80 -43.87 -42.82
N CYS B 80 31.02 -43.41 -42.54
CA CYS B 80 32.13 -43.69 -43.46
C CYS B 80 32.52 -45.15 -43.43
N ASP B 81 32.23 -45.85 -42.32
CA ASP B 81 32.51 -47.27 -42.22
C ASP B 81 31.47 -48.13 -42.92
N THR B 82 30.48 -47.53 -43.56
CA THR B 82 29.42 -48.28 -44.24
C THR B 82 29.24 -47.88 -45.69
N LYS B 83 29.36 -46.60 -46.02
CA LYS B 83 29.03 -46.11 -47.36
C LYS B 83 30.25 -45.57 -48.10
N ALA B 84 31.46 -45.86 -47.63
CA ALA B 84 32.68 -45.42 -48.28
C ALA B 84 33.43 -46.63 -48.82
N SER B 85 34.03 -46.46 -50.00
CA SER B 85 34.76 -47.55 -50.63
C SER B 85 36.04 -47.86 -49.85
N THR B 86 36.71 -48.93 -50.28
CA THR B 86 37.94 -49.38 -49.66
C THR B 86 39.12 -49.46 -50.62
N THR B 87 38.86 -49.72 -51.90
CA THR B 87 39.94 -49.89 -52.88
C THR B 87 40.33 -48.61 -53.59
N ALA B 88 39.45 -47.62 -53.66
CA ALA B 88 39.75 -46.39 -54.38
C ALA B 88 38.98 -45.24 -53.74
N PHE B 89 39.32 -44.03 -54.18
CA PHE B 89 38.69 -42.80 -53.67
C PHE B 89 37.44 -42.52 -54.50
N GLU B 90 36.27 -42.84 -53.95
CA GLU B 90 35.01 -42.53 -54.58
C GLU B 90 34.48 -41.20 -54.06
N ASP B 91 33.57 -40.60 -54.82
CA ASP B 91 33.03 -39.30 -54.46
C ASP B 91 32.17 -39.37 -53.20
N ILE B 92 32.10 -38.25 -52.50
CA ILE B 92 31.22 -38.10 -51.35
C ILE B 92 29.89 -37.58 -51.83
N PRO B 93 28.76 -38.14 -51.37
CA PRO B 93 27.45 -37.63 -51.79
C PRO B 93 27.30 -36.15 -51.47
N LYS B 94 26.63 -35.43 -52.37
CA LYS B 94 26.43 -34.00 -52.19
C LYS B 94 25.61 -33.69 -50.95
N LYS B 95 24.90 -34.69 -50.40
CA LYS B 95 24.12 -34.50 -49.19
C LYS B 95 25.01 -34.14 -48.00
N TYR B 96 26.24 -34.63 -47.98
CA TYR B 96 27.10 -34.50 -46.81
C TYR B 96 28.01 -33.26 -46.86
N ILE B 97 28.56 -32.92 -48.01
CA ILE B 97 29.57 -31.88 -48.09
C ILE B 97 28.91 -30.51 -48.14
N LYS B 98 29.58 -29.53 -47.53
CA LYS B 98 29.21 -28.13 -47.61
C LYS B 98 30.48 -27.32 -47.72
N TYR B 99 30.46 -26.25 -48.52
CA TYR B 99 31.66 -25.44 -48.65
C TYR B 99 31.29 -24.05 -49.13
N HIS B 100 32.02 -23.06 -48.63
CA HIS B 100 31.89 -21.67 -49.06
C HIS B 100 33.30 -21.13 -49.26
N PHE B 101 33.65 -20.83 -50.52
CA PHE B 101 34.95 -20.29 -50.86
C PHE B 101 34.76 -19.08 -51.78
N LYS B 102 35.83 -18.31 -51.93
CA LYS B 102 35.82 -17.14 -52.79
C LYS B 102 35.85 -17.49 -54.27
N SER B 103 36.07 -18.77 -54.60
CA SER B 103 36.12 -19.21 -55.99
C SER B 103 35.38 -20.53 -56.11
N LYS B 104 35.33 -21.07 -57.32
CA LYS B 104 34.59 -22.29 -57.61
C LYS B 104 35.48 -23.51 -57.45
N VAL B 105 34.94 -24.55 -56.83
CA VAL B 105 35.64 -25.81 -56.62
C VAL B 105 35.43 -26.69 -57.85
N GLU B 106 36.53 -27.21 -58.40
CA GLU B 106 36.47 -28.01 -59.62
C GLU B 106 36.25 -29.49 -59.34
N ASN B 107 36.84 -30.02 -58.28
CA ASN B 107 36.76 -31.44 -57.96
C ASN B 107 36.00 -31.64 -56.66
N LYS B 108 34.99 -32.50 -56.70
CA LYS B 108 34.19 -32.78 -55.52
C LYS B 108 35.02 -33.56 -54.50
N PRO B 109 34.84 -33.28 -53.21
CA PRO B 109 35.56 -34.05 -52.19
C PRO B 109 35.23 -35.54 -52.26
N GLN B 110 36.25 -36.36 -52.03
CA GLN B 110 36.13 -37.81 -52.09
C GLN B 110 36.53 -38.40 -50.74
N TRP B 111 36.23 -39.68 -50.55
CA TRP B 111 36.58 -40.34 -49.29
C TRP B 111 36.86 -41.80 -49.54
N ARG B 112 37.60 -42.40 -48.60
CA ARG B 112 37.95 -43.81 -48.67
C ARG B 112 38.05 -44.36 -47.25
N LEU B 113 37.94 -45.68 -47.14
CA LEU B 113 38.05 -46.38 -45.86
C LEU B 113 39.33 -47.21 -45.85
N THR B 114 39.91 -47.35 -44.66
CA THR B 114 41.11 -48.16 -44.48
C THR B 114 41.02 -48.85 -43.13
N GLU B 115 41.74 -49.96 -42.99
CA GLU B 115 41.82 -50.67 -41.72
C GLU B 115 43.22 -51.21 -41.53
N ASN B 116 43.64 -51.30 -40.27
CA ASN B 116 44.98 -51.77 -39.93
C ASN B 116 44.83 -53.05 -39.13
N GLU B 117 45.40 -53.13 -37.93
CA GLU B 117 45.34 -54.32 -37.10
C GLU B 117 44.33 -54.13 -35.99
N ASN B 118 43.65 -55.22 -35.62
CA ASN B 118 42.66 -55.22 -34.54
C ASN B 118 41.51 -54.27 -34.85
N GLY B 119 41.11 -54.22 -36.11
CA GLY B 119 39.96 -53.42 -36.52
C GLY B 119 40.11 -51.92 -36.33
N GLU B 120 41.32 -51.40 -36.52
CA GLU B 120 41.56 -49.97 -36.42
C GLU B 120 41.14 -49.31 -37.73
N GLN B 121 39.87 -48.96 -37.83
CA GLN B 121 39.33 -48.34 -39.03
C GLN B 121 39.73 -46.88 -39.09
N SER B 122 39.76 -46.33 -40.31
CA SER B 122 40.12 -44.94 -40.52
C SER B 122 39.47 -44.44 -41.80
N CYS B 123 38.99 -43.21 -41.76
CA CYS B 123 38.36 -42.55 -42.89
C CYS B 123 39.31 -41.51 -43.45
N GLU B 124 39.62 -41.61 -44.74
CA GLU B 124 40.53 -40.69 -45.41
C GLU B 124 39.71 -39.82 -46.35
N LEU B 125 39.61 -38.53 -46.02
CA LEU B 125 38.90 -37.57 -46.84
C LEU B 125 39.90 -36.79 -47.68
N GLN B 126 39.49 -36.43 -48.90
CA GLN B 126 40.32 -35.65 -49.80
C GLN B 126 39.49 -34.52 -50.37
N PHE B 127 39.96 -33.29 -50.20
CA PHE B 127 39.25 -32.10 -50.67
C PHE B 127 40.22 -31.22 -51.45
N GLU B 128 39.70 -30.12 -51.99
CA GLU B 128 40.48 -29.19 -52.77
C GLU B 128 40.19 -27.78 -52.30
N ILE B 129 41.24 -27.06 -51.87
CA ILE B 129 41.13 -25.66 -51.50
C ILE B 129 41.50 -24.83 -52.72
N PRO B 130 40.53 -24.21 -53.41
CA PRO B 130 40.83 -23.48 -54.64
C PRO B 130 41.29 -22.05 -54.44
N ASN B 131 41.29 -21.55 -53.21
CA ASN B 131 41.59 -20.15 -52.94
C ASN B 131 42.60 -20.06 -51.81
N ASP B 132 43.57 -19.16 -51.97
CA ASP B 132 44.60 -18.95 -50.94
C ASP B 132 43.96 -18.30 -49.73
N ILE B 133 43.84 -19.05 -48.64
CA ILE B 133 43.22 -18.57 -47.41
C ILE B 133 44.31 -17.91 -46.58
N LYS B 134 44.30 -16.57 -46.52
CA LYS B 134 45.30 -15.85 -45.75
C LYS B 134 45.02 -15.89 -44.26
N LYS B 135 43.76 -16.03 -43.86
CA LYS B 135 43.41 -16.04 -42.45
C LYS B 135 43.92 -17.30 -41.77
N SER B 136 43.89 -17.29 -40.45
CA SER B 136 44.31 -18.45 -39.68
C SER B 136 43.27 -19.55 -39.77
N ILE B 137 43.73 -20.78 -39.96
CA ILE B 137 42.85 -21.92 -40.18
C ILE B 137 42.53 -22.57 -38.84
N PHE B 138 41.27 -22.99 -38.67
CA PHE B 138 40.84 -23.72 -37.50
C PHE B 138 40.09 -24.97 -37.94
N ILE B 139 40.18 -26.02 -37.13
CA ILE B 139 39.58 -27.31 -37.47
C ILE B 139 38.86 -27.83 -36.23
N TYR B 140 37.54 -28.01 -36.35
CA TYR B 140 36.67 -28.47 -35.30
C TYR B 140 36.02 -29.79 -35.70
N TYR B 141 35.46 -30.48 -34.71
CA TYR B 141 34.54 -31.59 -34.95
C TYR B 141 33.17 -31.20 -34.45
N LYS B 142 32.17 -31.32 -35.32
CA LYS B 142 30.81 -30.91 -35.04
C LYS B 142 29.97 -32.13 -34.68
N ILE B 143 29.29 -32.05 -33.53
CA ILE B 143 28.45 -33.12 -33.03
C ILE B 143 27.02 -32.62 -32.95
N THR B 144 26.07 -33.48 -33.33
CA THR B 144 24.65 -33.14 -33.34
C THR B 144 23.90 -34.12 -32.46
N ASN B 145 22.79 -33.64 -31.88
CA ASN B 145 21.90 -34.45 -31.04
C ASN B 145 22.62 -34.98 -29.80
N PHE B 146 23.61 -34.24 -29.30
CA PHE B 146 24.31 -34.59 -28.08
C PHE B 146 23.94 -33.55 -27.02
N TYR B 147 23.12 -33.96 -26.05
CA TYR B 147 22.63 -33.04 -25.02
C TYR B 147 23.66 -32.97 -23.89
N GLN B 148 24.69 -32.15 -24.12
CA GLN B 148 25.61 -31.84 -23.03
C GLN B 148 24.96 -30.94 -22.00
N ASN B 149 23.97 -30.14 -22.40
CA ASN B 149 23.26 -29.24 -21.51
C ASN B 149 22.25 -29.96 -20.62
N HIS B 150 22.25 -31.29 -20.60
CA HIS B 150 21.36 -32.02 -19.72
C HIS B 150 21.75 -31.76 -18.27
N ARG B 151 20.74 -31.64 -17.41
CA ARG B 151 20.99 -31.29 -16.01
C ARG B 151 21.78 -32.39 -15.30
N ARG B 152 21.41 -33.64 -15.53
CA ARG B 152 22.15 -34.76 -14.95
C ARG B 152 23.57 -34.85 -15.50
N TYR B 153 23.83 -34.29 -16.67
CA TYR B 153 25.11 -34.43 -17.35
C TYR B 153 26.03 -33.24 -17.13
N VAL B 154 25.47 -32.05 -16.89
CA VAL B 154 26.30 -30.85 -16.80
C VAL B 154 26.98 -30.74 -15.44
N GLN B 155 26.36 -31.28 -14.39
CA GLN B 155 26.89 -31.16 -13.03
C GLN B 155 27.62 -32.41 -12.57
N SER B 156 27.83 -33.39 -13.46
CA SER B 156 28.42 -34.67 -13.09
C SER B 156 29.90 -34.64 -13.44
N PHE B 157 30.68 -34.04 -12.54
CA PHE B 157 32.14 -34.06 -12.59
C PHE B 157 32.71 -33.48 -11.31
N ASP B 158 33.70 -34.14 -10.73
CA ASP B 158 34.30 -33.67 -9.48
C ASP B 158 35.36 -32.61 -9.79
N THR B 159 35.16 -31.40 -9.25
CA THR B 159 36.06 -30.29 -9.53
C THR B 159 37.34 -30.37 -8.72
N LYS B 160 37.36 -31.13 -7.62
CA LYS B 160 38.58 -31.26 -6.83
C LYS B 160 39.62 -32.10 -7.55
N GLN B 161 39.19 -33.23 -8.14
CA GLN B 161 40.11 -34.07 -8.89
C GLN B 161 40.66 -33.36 -10.12
N ILE B 162 39.91 -32.37 -10.65
CA ILE B 162 40.44 -31.57 -11.75
C ILE B 162 41.64 -30.76 -11.28
N LEU B 163 41.62 -30.31 -10.03
CA LEU B 163 42.77 -29.61 -9.45
C LEU B 163 43.90 -30.57 -9.07
N GLY B 164 43.66 -31.88 -9.10
CA GLY B 164 44.68 -32.86 -8.79
C GLY B 164 44.89 -33.07 -7.31
N GLU B 165 43.98 -33.83 -6.69
CA GLU B 165 44.07 -34.13 -5.27
C GLU B 165 43.64 -35.57 -5.03
N PRO B 166 44.22 -36.23 -4.04
CA PRO B 166 43.85 -37.63 -3.73
C PRO B 166 42.63 -37.73 -2.83
N ILE B 167 41.46 -37.44 -3.38
CA ILE B 167 40.22 -37.52 -2.61
C ILE B 167 39.86 -38.97 -2.37
N LYS B 168 39.53 -39.29 -1.12
CA LYS B 168 39.16 -40.65 -0.75
C LYS B 168 37.79 -40.99 -1.35
N LYS B 169 37.40 -42.26 -1.20
CA LYS B 169 36.14 -42.72 -1.76
C LYS B 169 34.95 -42.05 -1.07
N ASP B 170 34.94 -42.06 0.26
CA ASP B 170 33.83 -41.49 1.01
C ASP B 170 33.74 -39.97 0.93
N ASP B 171 34.68 -39.31 0.24
CA ASP B 171 34.66 -37.87 0.10
C ASP B 171 34.50 -37.43 -1.35
N LEU B 172 34.19 -38.35 -2.26
CA LEU B 172 34.01 -37.99 -3.66
C LEU B 172 32.69 -37.24 -3.85
N ASP B 173 32.64 -36.44 -4.90
CA ASP B 173 31.43 -35.70 -5.23
C ASP B 173 30.31 -36.66 -5.60
N THR B 174 29.19 -36.54 -4.90
CA THR B 174 28.05 -37.41 -5.17
C THR B 174 27.29 -37.05 -6.44
N SER B 175 27.73 -36.00 -7.15
CA SER B 175 27.06 -35.66 -8.41
C SER B 175 27.42 -36.63 -9.52
N CYS B 176 28.63 -37.20 -9.49
CA CYS B 176 29.02 -38.25 -10.43
C CYS B 176 28.74 -39.62 -9.80
N SER B 177 27.43 -39.87 -9.59
CA SER B 177 27.04 -41.08 -8.86
C SER B 177 27.12 -42.35 -9.70
N PRO B 178 26.57 -42.42 -10.93
CA PRO B 178 26.60 -43.70 -11.65
C PRO B 178 28.00 -44.20 -11.95
N ILE B 179 28.96 -43.30 -12.09
CA ILE B 179 30.36 -43.68 -12.32
C ILE B 179 31.18 -43.24 -11.12
N ARG B 180 31.07 -43.98 -10.02
CA ARG B 180 31.74 -43.61 -8.77
C ARG B 180 32.12 -44.89 -8.04
N SER B 181 33.43 -45.09 -7.84
CA SER B 181 33.95 -46.22 -7.09
C SER B 181 33.53 -47.55 -7.71
N ARG B 182 34.17 -47.93 -8.81
CA ARG B 182 33.97 -49.25 -9.39
C ARG B 182 34.90 -50.26 -8.73
N GLU B 183 34.40 -51.49 -8.56
CA GLU B 183 35.08 -52.59 -7.90
C GLU B 183 35.89 -52.14 -6.68
N ASP B 184 35.30 -51.25 -5.89
CA ASP B 184 35.90 -50.76 -4.64
C ASP B 184 37.24 -50.06 -4.90
N LYS B 185 37.25 -49.20 -5.92
CA LYS B 185 38.42 -48.40 -6.23
C LYS B 185 37.97 -47.05 -6.77
N ILE B 186 38.65 -45.99 -6.34
CA ILE B 186 38.25 -44.63 -6.67
C ILE B 186 38.50 -44.39 -8.16
N ILE B 187 37.43 -44.30 -8.94
CA ILE B 187 37.56 -43.93 -10.34
C ILE B 187 38.14 -42.53 -10.42
N TYR B 188 39.30 -42.39 -11.09
CA TYR B 188 39.97 -41.09 -11.07
C TYR B 188 39.20 -40.04 -11.84
N PRO B 189 38.80 -40.24 -13.10
CA PRO B 189 37.98 -39.20 -13.75
C PRO B 189 36.48 -39.41 -13.51
N CYS B 190 36.04 -39.11 -12.29
CA CYS B 190 34.63 -39.26 -11.93
C CYS B 190 33.80 -38.27 -12.73
N GLY B 191 32.74 -38.76 -13.35
CA GLY B 191 31.81 -37.92 -14.08
C GLY B 191 31.40 -38.52 -15.41
N LEU B 192 30.26 -38.06 -15.91
CA LEU B 192 29.75 -38.49 -17.20
C LEU B 192 30.34 -37.69 -18.35
N ILE B 193 30.93 -36.52 -18.07
CA ILE B 193 31.51 -35.71 -19.13
C ILE B 193 32.85 -36.29 -19.58
N ALA B 194 33.64 -36.82 -18.63
CA ALA B 194 34.92 -37.43 -18.97
C ALA B 194 34.73 -38.82 -19.56
N ASN B 195 33.79 -39.59 -19.03
CA ASN B 195 33.57 -40.95 -19.51
C ASN B 195 33.07 -40.98 -20.95
N SER B 196 32.27 -39.99 -21.34
CA SER B 196 31.70 -39.92 -22.68
C SER B 196 32.52 -39.02 -23.60
N MET B 197 33.85 -39.11 -23.53
CA MET B 197 34.70 -38.20 -24.29
C MET B 197 34.77 -38.61 -25.76
N PHE B 198 34.74 -37.61 -26.64
CA PHE B 198 34.90 -37.84 -28.07
C PHE B 198 36.33 -38.26 -28.36
N ASN B 199 36.50 -39.46 -28.90
CA ASN B 199 37.84 -40.04 -29.04
C ASN B 199 38.19 -40.41 -30.48
N ASP B 200 37.92 -39.54 -31.43
CA ASP B 200 38.31 -39.74 -32.82
C ASP B 200 39.58 -38.92 -33.09
N THR B 201 40.69 -39.60 -33.27
CA THR B 201 41.97 -38.93 -33.49
C THR B 201 42.06 -38.42 -34.92
N PHE B 202 42.54 -37.19 -35.05
CA PHE B 202 42.70 -36.55 -36.36
C PHE B 202 44.14 -36.67 -36.83
N SER B 203 44.36 -36.29 -38.09
CA SER B 203 45.66 -36.48 -38.72
C SER B 203 46.71 -35.48 -38.23
N GLN B 204 46.30 -34.34 -37.69
CA GLN B 204 47.19 -33.29 -37.21
C GLN B 204 48.07 -32.73 -38.32
N VAL B 205 47.71 -32.99 -39.58
CA VAL B 205 48.43 -32.46 -40.74
C VAL B 205 47.57 -32.69 -41.98
N LEU B 206 47.48 -31.68 -42.84
CA LEU B 206 46.76 -31.79 -44.10
C LEU B 206 47.74 -32.32 -45.15
N SER B 207 47.74 -33.64 -45.35
CA SER B 207 48.69 -34.27 -46.27
C SER B 207 48.40 -33.82 -47.69
N GLY B 208 49.27 -32.98 -48.24
CA GLY B 208 49.09 -32.51 -49.60
C GLY B 208 49.24 -33.63 -50.61
N ILE B 209 48.57 -33.46 -51.75
CA ILE B 209 48.57 -34.45 -52.83
C ILE B 209 48.88 -33.74 -54.14
N ASP B 210 49.67 -34.39 -54.99
CA ASP B 210 49.99 -33.89 -56.33
C ASP B 210 50.71 -32.54 -56.27
N ASP B 211 52.00 -32.56 -55.94
CA ASP B 211 52.85 -31.36 -55.96
C ASP B 211 52.33 -30.27 -55.03
N THR B 212 51.70 -30.67 -53.92
CA THR B 212 51.22 -29.74 -52.91
C THR B 212 51.87 -30.11 -51.58
N GLU B 213 52.56 -29.15 -50.97
CA GLU B 213 53.23 -29.39 -49.70
C GLU B 213 52.21 -29.57 -48.58
N ASP B 214 52.65 -30.24 -47.52
CA ASP B 214 51.79 -30.48 -46.37
C ASP B 214 51.53 -29.17 -45.64
N TYR B 215 50.65 -29.24 -44.63
CA TYR B 215 50.24 -28.07 -43.85
C TYR B 215 50.08 -28.53 -42.40
N ASN B 216 51.14 -28.37 -41.61
CA ASN B 216 51.10 -28.80 -40.22
C ASN B 216 50.14 -27.95 -39.41
N LEU B 217 49.59 -28.54 -38.36
CA LEU B 217 48.59 -27.89 -37.52
C LEU B 217 48.97 -28.06 -36.06
N THR B 218 48.76 -27.00 -35.27
CA THR B 218 49.08 -27.03 -33.85
C THR B 218 47.94 -27.67 -33.07
N ASN B 219 48.31 -28.44 -32.04
CA ASN B 219 47.33 -29.11 -31.20
C ASN B 219 47.19 -28.49 -29.82
N LYS B 220 48.07 -27.57 -29.45
CA LYS B 220 48.06 -26.96 -28.12
C LYS B 220 47.54 -25.54 -28.20
N HIS B 221 47.28 -24.97 -27.02
CA HIS B 221 46.71 -23.62 -26.87
C HIS B 221 45.33 -23.53 -27.52
N ILE B 222 44.55 -24.59 -27.42
CA ILE B 222 43.22 -24.62 -28.00
C ILE B 222 42.11 -24.48 -26.96
N SER B 223 42.41 -24.69 -25.68
CA SER B 223 41.42 -24.59 -24.61
C SER B 223 41.50 -23.20 -23.97
N TRP B 224 40.68 -23.00 -22.93
CA TRP B 224 40.66 -21.74 -22.22
C TRP B 224 41.84 -21.65 -21.25
N SER B 225 42.34 -20.42 -21.07
CA SER B 225 43.48 -20.21 -20.20
C SER B 225 43.18 -20.63 -18.77
N ILE B 226 41.98 -20.31 -18.28
CA ILE B 226 41.61 -20.69 -16.93
C ILE B 226 41.48 -22.21 -16.81
N ASP B 227 41.15 -22.89 -17.90
CA ASP B 227 41.13 -24.35 -17.87
C ASP B 227 42.54 -24.92 -17.77
N ARG B 228 43.47 -24.38 -18.55
CA ARG B 228 44.86 -24.80 -18.45
C ARG B 228 45.43 -24.47 -17.07
N HIS B 229 44.90 -23.45 -16.41
CA HIS B 229 45.39 -23.07 -15.09
C HIS B 229 44.79 -23.91 -13.97
N ARG B 230 43.54 -24.38 -14.15
CA ARG B 230 42.88 -25.15 -13.11
C ARG B 230 43.04 -26.65 -13.29
N PHE B 231 43.13 -27.14 -14.52
CA PHE B 231 43.38 -28.55 -14.77
C PHE B 231 44.83 -28.86 -14.44
N LYS B 232 45.08 -29.37 -13.24
CA LYS B 232 46.43 -29.64 -12.78
C LYS B 232 46.72 -31.14 -12.83
N THR B 233 47.99 -31.47 -13.02
CA THR B 233 48.42 -32.87 -13.06
C THR B 233 48.06 -33.56 -11.76
N THR B 234 47.50 -34.77 -11.87
CA THR B 234 46.98 -35.46 -10.71
C THR B 234 48.10 -35.87 -9.75
N LYS B 235 47.76 -35.92 -8.47
CA LYS B 235 48.64 -36.45 -7.44
C LYS B 235 48.24 -37.86 -7.00
N TYR B 236 47.40 -38.52 -7.78
CA TYR B 236 47.00 -39.89 -7.47
C TYR B 236 48.13 -40.86 -7.79
N ASN B 237 48.00 -42.08 -7.25
CA ASN B 237 48.93 -43.15 -7.57
C ASN B 237 48.46 -43.89 -8.82
N ALA B 238 48.70 -45.20 -8.84
CA ALA B 238 48.18 -46.05 -9.91
C ALA B 238 47.56 -47.34 -9.40
N SER B 239 47.70 -47.67 -8.13
CA SER B 239 47.14 -48.89 -7.56
C SER B 239 45.87 -48.64 -6.75
N ASP B 240 45.35 -47.41 -6.74
CA ASP B 240 44.13 -47.09 -6.03
C ASP B 240 43.09 -46.41 -6.92
N ILE B 241 43.31 -46.38 -8.23
CA ILE B 241 42.36 -45.78 -9.16
C ILE B 241 42.14 -46.71 -10.34
N VAL B 242 40.96 -46.61 -10.94
CA VAL B 242 40.59 -47.42 -12.09
C VAL B 242 40.08 -46.50 -13.20
N PRO B 243 40.31 -46.81 -14.47
CA PRO B 243 39.81 -45.95 -15.55
C PRO B 243 38.29 -45.99 -15.61
N PRO B 244 37.67 -45.00 -16.26
CA PRO B 244 36.22 -45.05 -16.43
C PRO B 244 35.84 -46.20 -17.35
N PRO B 245 34.61 -46.71 -17.24
CA PRO B 245 34.24 -47.91 -18.01
C PRO B 245 34.39 -47.76 -19.51
N ASN B 246 34.38 -46.54 -20.04
CA ASN B 246 34.52 -46.33 -21.47
C ASN B 246 35.96 -46.19 -21.94
N TRP B 247 36.90 -46.01 -21.02
CA TRP B 247 38.31 -45.88 -21.35
C TRP B 247 39.09 -47.18 -21.17
N MET B 248 38.40 -48.28 -20.87
CA MET B 248 39.09 -49.54 -20.65
C MET B 248 39.70 -50.11 -21.92
N LYS B 249 39.30 -49.63 -23.09
CA LYS B 249 39.89 -50.12 -24.33
C LYS B 249 41.29 -49.56 -24.53
N LYS B 250 41.50 -48.28 -24.23
CA LYS B 250 42.81 -47.67 -24.39
C LYS B 250 43.71 -47.92 -23.18
N TYR B 251 43.13 -48.10 -22.00
CA TYR B 251 43.87 -48.37 -20.77
C TYR B 251 43.44 -49.71 -20.18
N PRO B 252 43.84 -50.82 -20.79
CA PRO B 252 43.49 -52.13 -20.24
C PRO B 252 44.34 -52.45 -19.03
N ASP B 253 43.87 -53.44 -18.26
CA ASP B 253 44.51 -53.91 -17.04
C ASP B 253 44.66 -52.80 -16.00
N GLY B 254 43.91 -51.71 -16.14
CA GLY B 254 43.93 -50.64 -15.17
C GLY B 254 44.99 -49.60 -15.47
N TYR B 255 45.29 -48.80 -14.45
CA TYR B 255 46.28 -47.74 -14.53
C TYR B 255 47.63 -48.23 -14.02
N THR B 256 48.70 -47.70 -14.61
CA THR B 256 50.07 -47.97 -14.19
C THR B 256 50.81 -46.64 -14.08
N ASP B 257 52.11 -46.73 -13.76
CA ASP B 257 52.91 -45.53 -13.57
C ASP B 257 53.07 -44.75 -14.87
N GLU B 258 53.00 -45.43 -16.02
CA GLU B 258 53.10 -44.77 -17.31
C GLU B 258 51.76 -44.55 -17.99
N ASN B 259 50.79 -45.44 -17.77
CA ASN B 259 49.47 -45.26 -18.36
C ASN B 259 48.71 -44.10 -17.73
N LEU B 260 49.05 -43.72 -16.51
CA LEU B 260 48.36 -42.64 -15.82
C LEU B 260 48.51 -41.34 -16.61
N PRO B 261 47.42 -40.73 -17.07
CA PRO B 261 47.50 -39.53 -17.90
C PRO B 261 47.76 -38.29 -17.03
N ASP B 262 47.84 -37.15 -17.70
CA ASP B 262 47.97 -35.85 -17.05
C ASP B 262 46.96 -34.91 -17.68
N ILE B 263 45.98 -34.47 -16.90
CA ILE B 263 44.89 -33.66 -17.43
C ILE B 263 45.36 -32.22 -17.64
N HIS B 264 46.61 -31.94 -17.28
CA HIS B 264 47.15 -30.61 -17.50
C HIS B 264 47.59 -30.41 -18.94
N THR B 265 48.32 -31.39 -19.49
CA THR B 265 48.77 -31.31 -20.88
C THR B 265 47.73 -31.87 -21.85
N TRP B 266 46.90 -32.80 -21.40
CA TRP B 266 45.83 -33.36 -22.23
C TRP B 266 44.80 -32.27 -22.53
N GLU B 267 45.02 -31.50 -23.59
CA GLU B 267 44.21 -30.33 -23.83
C GLU B 267 42.85 -30.67 -24.46
N GLU B 268 42.77 -31.77 -25.22
CA GLU B 268 41.48 -32.19 -25.76
C GLU B 268 40.50 -32.53 -24.64
N PHE B 269 41.00 -33.08 -23.54
CA PHE B 269 40.15 -33.33 -22.38
C PHE B 269 39.56 -32.02 -21.84
N GLN B 270 40.40 -30.98 -21.74
CA GLN B 270 39.91 -29.69 -21.27
C GLN B 270 38.92 -29.07 -22.24
N VAL B 271 39.14 -29.24 -23.55
CA VAL B 271 38.21 -28.71 -24.53
C VAL B 271 36.87 -29.42 -24.45
N TRP B 272 36.90 -30.74 -24.22
CA TRP B 272 35.65 -31.49 -24.13
C TRP B 272 34.92 -31.21 -22.82
N MET B 273 35.65 -30.92 -21.74
CA MET B 273 35.00 -30.70 -20.45
C MET B 273 34.22 -29.39 -20.40
N ARG B 274 34.36 -28.52 -21.39
CA ARG B 274 33.57 -27.30 -21.45
C ARG B 274 32.19 -27.64 -22.01
N THR B 275 31.23 -27.82 -21.12
CA THR B 275 29.87 -28.17 -21.53
C THR B 275 29.27 -27.08 -22.40
N ALA B 276 28.74 -27.47 -23.56
CA ALA B 276 28.12 -26.52 -24.47
C ALA B 276 26.67 -26.28 -24.07
N ALA B 277 26.01 -25.35 -24.78
CA ALA B 277 24.65 -24.95 -24.45
C ALA B 277 23.59 -25.65 -25.28
N PHE B 278 23.91 -26.05 -26.52
CA PHE B 278 22.93 -26.61 -27.43
C PHE B 278 23.43 -27.95 -27.96
N PRO B 279 22.51 -28.84 -28.37
CA PRO B 279 22.94 -30.14 -28.90
C PRO B 279 23.66 -30.08 -30.23
N LYS B 280 23.83 -28.90 -30.83
CA LYS B 280 24.63 -28.71 -32.04
C LYS B 280 25.77 -27.77 -31.68
N PHE B 281 26.96 -28.33 -31.45
CA PHE B 281 28.08 -27.55 -30.94
C PHE B 281 29.36 -27.90 -31.67
N TYR B 282 30.26 -26.94 -31.74
CA TYR B 282 31.62 -27.15 -32.22
C TYR B 282 32.55 -27.46 -31.04
N LYS B 283 33.70 -28.04 -31.36
CA LYS B 283 34.77 -28.28 -30.39
C LYS B 283 36.08 -28.08 -31.11
N LEU B 284 36.91 -27.15 -30.63
CA LEU B 284 38.16 -26.85 -31.29
C LEU B 284 39.14 -28.01 -31.13
N THR B 285 39.71 -28.45 -32.25
CA THR B 285 40.71 -29.53 -32.25
C THR B 285 42.07 -29.07 -32.73
N LEU B 286 42.15 -28.44 -33.90
CA LEU B 286 43.42 -28.04 -34.46
C LEU B 286 43.35 -26.61 -34.96
N LYS B 287 44.53 -26.00 -35.16
CA LYS B 287 44.58 -24.64 -35.67
C LYS B 287 45.97 -24.37 -36.22
N ASN B 288 46.06 -23.32 -37.02
CA ASN B 288 47.33 -22.88 -37.60
C ASN B 288 47.21 -21.39 -37.90
N GLU B 289 48.04 -20.58 -37.26
CA GLU B 289 47.98 -19.13 -37.39
C GLU B 289 49.30 -18.52 -37.85
N SER B 290 50.22 -19.34 -38.36
CA SER B 290 51.56 -18.86 -38.68
C SER B 290 51.83 -18.72 -40.18
N ALA B 291 50.93 -19.19 -41.04
CA ALA B 291 51.16 -19.10 -42.47
C ALA B 291 49.83 -19.22 -43.20
N SER B 292 49.88 -18.97 -44.51
CA SER B 292 48.72 -19.06 -45.37
C SER B 292 48.55 -20.48 -45.90
N LEU B 293 47.30 -20.86 -46.14
CA LEU B 293 46.99 -22.17 -46.70
C LEU B 293 46.84 -22.04 -48.21
N PRO B 294 47.81 -22.46 -49.00
CA PRO B 294 47.73 -22.27 -50.46
C PRO B 294 46.71 -23.21 -51.08
N LYS B 295 46.43 -22.97 -52.36
CA LYS B 295 45.48 -23.76 -53.10
C LYS B 295 46.07 -25.12 -53.45
N GLY B 296 45.21 -26.13 -53.52
CA GLY B 296 45.64 -27.46 -53.89
C GLY B 296 44.77 -28.51 -53.25
N LYS B 297 45.13 -29.76 -53.52
CA LYS B 297 44.41 -30.91 -53.00
C LYS B 297 45.01 -31.34 -51.67
N TYR B 298 44.16 -31.51 -50.66
CA TYR B 298 44.60 -31.91 -49.33
C TYR B 298 43.84 -33.15 -48.89
N GLN B 299 44.40 -33.84 -47.90
CA GLN B 299 43.86 -35.09 -47.38
C GLN B 299 43.92 -35.08 -45.86
N MET B 300 42.87 -35.60 -45.25
CA MET B 300 42.75 -35.65 -43.80
C MET B 300 42.33 -37.06 -43.37
N ASN B 301 43.04 -37.62 -42.40
CA ASN B 301 42.75 -38.94 -41.87
C ASN B 301 42.07 -38.82 -40.51
N ILE B 302 41.03 -39.61 -40.28
CA ILE B 302 40.31 -39.62 -39.02
C ILE B 302 40.19 -41.06 -38.55
N GLU B 303 40.71 -41.35 -37.37
CA GLU B 303 40.64 -42.69 -36.79
C GLU B 303 39.25 -42.86 -36.17
N LEU B 304 38.37 -43.57 -36.87
CA LEU B 304 37.00 -43.76 -36.41
C LEU B 304 36.98 -44.65 -35.18
N ASN B 305 36.65 -44.06 -34.03
CA ASN B 305 36.56 -44.80 -32.78
C ASN B 305 35.23 -44.53 -32.08
N TYR B 306 34.64 -43.37 -32.35
CA TYR B 306 33.42 -42.95 -31.67
C TYR B 306 32.21 -43.30 -32.54
N PRO B 307 31.37 -44.25 -32.14
CA PRO B 307 30.21 -44.61 -32.96
C PRO B 307 29.06 -43.65 -32.77
N ILE B 308 28.40 -43.31 -33.88
CA ILE B 308 27.26 -42.41 -33.83
C ILE B 308 26.01 -43.07 -33.27
N SER B 309 26.02 -44.40 -33.10
CA SER B 309 24.88 -45.09 -32.51
C SER B 309 24.75 -44.82 -31.02
N LEU B 310 25.75 -44.21 -30.39
CA LEU B 310 25.65 -43.88 -28.97
C LEU B 310 24.71 -42.72 -28.72
N PHE B 311 24.59 -41.80 -29.68
CA PHE B 311 23.75 -40.63 -29.52
C PHE B 311 22.87 -40.32 -30.72
N GLY B 312 22.96 -41.09 -31.81
CA GLY B 312 22.09 -40.90 -32.93
C GLY B 312 22.29 -39.61 -33.70
N GLY B 313 23.44 -38.97 -33.56
CA GLY B 313 23.73 -37.74 -34.24
C GLY B 313 24.57 -37.94 -35.49
N THR B 314 25.24 -36.87 -35.91
CA THR B 314 26.05 -36.88 -37.13
C THR B 314 27.35 -36.12 -36.86
N LYS B 315 28.46 -36.85 -36.77
CA LYS B 315 29.76 -36.22 -36.62
C LYS B 315 30.16 -35.53 -37.92
N SER B 316 30.96 -34.48 -37.80
CA SER B 316 31.39 -33.72 -38.97
C SER B 316 32.78 -33.15 -38.73
N PHE B 317 33.58 -33.08 -39.79
CA PHE B 317 34.87 -32.41 -39.78
C PHE B 317 34.69 -31.03 -40.40
N VAL B 318 35.04 -29.99 -39.66
CA VAL B 318 34.82 -28.61 -40.08
C VAL B 318 36.15 -27.89 -40.13
N LEU B 319 36.43 -27.23 -41.26
CA LEU B 319 37.62 -26.42 -41.45
C LEU B 319 37.17 -25.00 -41.77
N THR B 320 37.41 -24.08 -40.85
CA THR B 320 36.88 -22.72 -40.95
C THR B 320 37.99 -21.70 -40.71
N THR B 321 37.60 -20.43 -40.83
CA THR B 321 38.42 -19.31 -40.39
C THR B 321 37.62 -18.52 -39.36
N ASN B 322 38.05 -17.30 -39.05
CA ASN B 322 37.36 -16.45 -38.08
C ASN B 322 37.11 -15.07 -38.68
N GLY B 323 36.02 -14.46 -38.26
CA GLY B 323 35.68 -13.12 -38.68
C GLY B 323 35.42 -12.21 -37.49
N ALA B 324 34.88 -11.02 -37.74
CA ALA B 324 34.60 -10.09 -36.65
C ALA B 324 33.49 -10.60 -35.75
N ILE B 325 32.53 -11.33 -36.31
CA ILE B 325 31.40 -11.85 -35.56
C ILE B 325 31.63 -13.29 -35.11
N GLY B 326 32.17 -14.12 -35.98
CA GLY B 326 32.40 -15.52 -35.66
C GLY B 326 32.81 -16.32 -36.87
N GLY B 327 31.85 -16.63 -37.75
CA GLY B 327 32.15 -17.38 -38.95
C GLY B 327 30.93 -17.84 -39.71
N ARG B 328 30.60 -17.13 -40.79
CA ARG B 328 29.48 -17.45 -41.67
C ARG B 328 28.17 -17.55 -40.88
N ASN B 329 27.78 -16.40 -40.33
CA ASN B 329 26.54 -16.28 -39.58
C ASN B 329 26.00 -14.88 -39.77
N MET B 330 24.78 -14.77 -40.30
CA MET B 330 24.20 -13.49 -40.65
C MET B 330 23.03 -13.09 -39.75
N SER B 331 22.95 -13.67 -38.55
CA SER B 331 21.85 -13.33 -37.65
C SER B 331 21.91 -11.87 -37.23
N LEU B 332 23.09 -11.39 -36.86
CA LEU B 332 23.23 -10.01 -36.40
C LEU B 332 22.94 -9.02 -37.53
N GLY B 333 23.45 -9.30 -38.73
CA GLY B 333 23.20 -8.42 -39.86
C GLY B 333 21.73 -8.34 -40.21
N VAL B 334 21.05 -9.48 -40.24
CA VAL B 334 19.63 -9.45 -40.58
C VAL B 334 18.81 -8.82 -39.46
N LEU B 335 19.26 -8.93 -38.20
CA LEU B 335 18.56 -8.24 -37.13
C LEU B 335 18.68 -6.73 -37.28
N TYR B 336 19.90 -6.25 -37.53
CA TYR B 336 20.08 -4.81 -37.77
C TYR B 336 19.25 -4.34 -38.96
N LEU B 337 19.24 -5.12 -40.05
CA LEU B 337 18.49 -4.71 -41.22
C LEU B 337 16.99 -4.75 -40.98
N ILE B 338 16.51 -5.70 -40.18
CA ILE B 338 15.09 -5.77 -39.86
C ILE B 338 14.68 -4.57 -39.03
N VAL B 339 15.50 -4.19 -38.03
CA VAL B 339 15.18 -3.01 -37.23
C VAL B 339 15.17 -1.76 -38.10
N ALA B 340 16.18 -1.62 -38.96
CA ALA B 340 16.23 -0.45 -39.85
C ALA B 340 15.03 -0.42 -40.78
N GLY B 341 14.61 -1.58 -41.29
CA GLY B 341 13.47 -1.62 -42.19
C GLY B 341 12.17 -1.27 -41.50
N LEU B 342 11.95 -1.81 -40.29
CA LEU B 342 10.75 -1.44 -39.54
C LEU B 342 10.73 0.05 -39.24
N CYS B 343 11.87 0.62 -38.85
CA CYS B 343 11.92 2.05 -38.55
C CYS B 343 11.61 2.86 -39.80
N ALA B 344 12.24 2.54 -40.93
CA ALA B 344 12.02 3.29 -42.16
C ALA B 344 10.62 3.07 -42.72
N LEU B 345 9.97 1.96 -42.39
CA LEU B 345 8.60 1.73 -42.84
C LEU B 345 7.61 2.54 -42.02
N PHE B 346 7.76 2.52 -40.69
CA PHE B 346 6.85 3.29 -39.86
C PHE B 346 7.08 4.79 -39.99
N GLY B 347 8.32 5.22 -40.26
CA GLY B 347 8.59 6.62 -40.48
C GLY B 347 7.97 7.17 -41.76
N ILE B 348 7.53 6.29 -42.65
CA ILE B 348 6.78 6.69 -43.83
C ILE B 348 5.29 6.51 -43.61
N ILE B 349 4.89 5.44 -42.93
CA ILE B 349 3.47 5.20 -42.65
C ILE B 349 2.90 6.35 -41.83
N PHE B 350 3.53 6.65 -40.68
CA PHE B 350 3.04 7.72 -39.83
C PHE B 350 3.14 9.08 -40.53
N LEU B 351 4.18 9.28 -41.34
CA LEU B 351 4.34 10.55 -42.05
C LEU B 351 3.18 10.78 -43.02
N VAL B 352 2.88 9.79 -43.86
CA VAL B 352 1.78 9.97 -44.81
C VAL B 352 0.45 9.98 -44.09
N LYS B 353 0.35 9.32 -42.93
CA LYS B 353 -0.91 9.35 -42.18
C LYS B 353 -1.17 10.75 -41.62
N LEU B 354 -0.15 11.39 -41.06
CA LEU B 354 -0.34 12.75 -40.55
C LEU B 354 -0.41 13.79 -41.67
N ILE B 355 0.13 13.49 -42.85
CA ILE B 355 0.05 14.45 -43.95
C ILE B 355 -1.32 14.40 -44.61
N PHE B 356 -1.81 13.19 -44.92
CA PHE B 356 -3.08 13.07 -45.63
C PHE B 356 -4.29 13.27 -44.73
N GLN B 357 -4.16 13.06 -43.42
CA GLN B 357 -5.27 13.24 -42.49
C GLN B 357 -4.71 13.57 -41.12
N PRO B 358 -4.67 14.86 -40.75
CA PRO B 358 -4.19 15.23 -39.42
C PRO B 358 -5.15 14.78 -38.33
N ARG B 359 -4.70 14.91 -37.08
CA ARG B 359 -5.51 14.46 -35.96
C ARG B 359 -6.74 15.34 -35.77
N ALA B 360 -6.59 16.66 -35.90
CA ALA B 360 -7.68 17.61 -35.75
C ALA B 360 -8.43 17.43 -34.43
N MET B 361 -7.71 17.04 -33.38
CA MET B 361 -8.31 16.80 -32.08
C MET B 361 -7.45 17.36 -30.95
N GLY B 362 -6.69 18.41 -31.23
CA GLY B 362 -5.86 19.01 -30.20
C GLY B 362 -6.67 19.70 -29.11
N ASP B 363 -7.83 20.22 -29.45
CA ASP B 363 -8.68 20.87 -28.47
C ASP B 363 -9.25 19.86 -27.49
N HIS B 364 -9.56 20.32 -26.27
CA HIS B 364 -10.08 19.43 -25.25
C HIS B 364 -11.51 19.00 -25.56
N THR B 365 -12.34 19.92 -26.04
CA THR B 365 -13.73 19.68 -26.41
C THR B 365 -14.56 19.16 -25.24
N TYR B 366 -14.06 19.29 -24.01
CA TYR B 366 -14.73 18.83 -22.80
C TYR B 366 -15.11 17.36 -22.91
N LEU B 367 -14.09 16.51 -23.04
CA LEU B 367 -14.30 15.07 -23.09
C LEU B 367 -14.77 14.51 -21.76
N ASN B 368 -14.66 15.29 -20.68
CA ASN B 368 -15.10 14.85 -19.36
C ASN B 368 -16.59 14.53 -19.34
C1 NAG C . 51.36 -23.63 -39.61
C2 NAG C . 52.46 -24.30 -38.80
C3 NAG C . 53.84 -23.95 -39.35
C4 NAG C . 53.91 -24.25 -40.84
C5 NAG C . 52.74 -23.59 -41.57
C6 NAG C . 52.67 -23.94 -43.04
C7 NAG C . 52.43 -24.81 -36.39
C8 NAG C . 52.61 -26.24 -36.78
N2 NAG C . 52.37 -23.93 -37.39
O3 NAG C . 54.83 -24.69 -38.66
O4 NAG C . 55.13 -23.77 -41.37
O5 NAG C . 51.50 -24.00 -40.99
O6 NAG C . 53.05 -25.29 -43.26
O7 NAG C . 52.34 -24.45 -35.21
C1 NAG C . 55.93 -24.89 -41.80
C2 NAG C . 57.04 -24.38 -42.72
C3 NAG C . 57.94 -25.53 -43.17
C4 NAG C . 58.46 -26.29 -41.95
C5 NAG C . 57.30 -26.72 -41.06
C6 NAG C . 57.76 -27.37 -39.77
C7 NAG C . 57.00 -22.57 -44.38
C8 NAG C . 56.29 -22.00 -45.58
N2 NAG C . 56.48 -23.70 -43.87
O3 NAG C . 59.02 -25.01 -43.93
O4 NAG C . 59.18 -27.44 -42.37
O5 NAG C . 56.51 -25.58 -40.69
O6 NAG C . 57.76 -28.79 -39.88
O7 NAG C . 57.99 -22.04 -43.90
C1 NAG D . 55.41 -31.11 -40.17
C2 NAG D . 55.59 -31.91 -38.87
C3 NAG D . 56.46 -33.13 -39.11
C4 NAG D . 55.92 -33.96 -40.27
C5 NAG D . 55.74 -33.08 -41.50
C6 NAG D . 55.11 -33.81 -42.65
C7 NAG D . 55.98 -31.31 -36.52
C8 NAG D . 56.64 -30.34 -35.58
N2 NAG D . 56.16 -31.07 -37.82
O3 NAG D . 56.51 -33.92 -37.92
O4 NAG D . 56.81 -35.02 -40.57
O5 NAG D . 54.89 -31.98 -41.19
O6 NAG D . 54.08 -34.69 -42.22
O7 NAG D . 55.34 -32.27 -36.11
C1 NAG D . 56.21 -36.27 -40.18
C2 NAG D . 56.93 -37.40 -40.93
C3 NAG D . 56.36 -38.75 -40.50
C4 NAG D . 56.41 -38.90 -38.99
C5 NAG D . 55.72 -37.72 -38.32
C6 NAG D . 55.84 -37.75 -36.81
C7 NAG D . 57.75 -36.59 -43.09
C8 NAG D . 57.47 -36.50 -44.56
N2 NAG D . 56.82 -37.23 -42.37
O3 NAG D . 57.11 -39.80 -41.12
O4 NAG D . 55.77 -40.11 -38.60
O5 NAG D . 56.32 -36.49 -38.76
O6 NAG D . 57.04 -38.36 -36.39
O7 NAG D . 58.75 -36.11 -42.59
C1 NAG E . 36.02 -44.47 -27.80
C2 NAG E . 36.59 -45.78 -27.25
C3 NAG E . 35.57 -46.90 -27.40
C4 NAG E . 34.22 -46.50 -26.80
C5 NAG E . 33.77 -45.16 -27.37
C6 NAG E . 32.52 -44.62 -26.71
C7 NAG E . 39.03 -45.81 -27.45
C8 NAG E . 40.20 -46.26 -28.28
N2 NAG E . 37.83 -46.13 -27.92
O3 NAG E . 36.05 -48.07 -26.74
O4 NAG E . 33.24 -47.48 -27.13
O5 NAG E . 34.80 -44.17 -27.15
O6 NAG E . 32.77 -44.18 -25.38
O7 NAG E . 39.18 -45.20 -26.40
C1 NAG E . 32.81 -48.17 -25.94
C2 NAG E . 31.86 -49.29 -26.37
C3 NAG E . 31.38 -50.06 -25.15
C4 NAG E . 32.56 -50.56 -24.32
C5 NAG E . 33.53 -49.42 -24.02
C6 NAG E . 34.80 -49.88 -23.36
C7 NAG E . 29.83 -47.91 -26.68
C8 NAG E . 28.75 -47.51 -27.64
N2 NAG E . 30.74 -48.77 -27.14
O3 NAG E . 30.58 -51.17 -25.57
O4 NAG E . 32.09 -51.09 -23.10
O5 NAG E . 33.92 -48.75 -25.24
O6 NAG E . 35.24 -51.13 -23.90
O7 NAG E . 29.86 -47.47 -25.53
C1 BMA E . 32.38 -52.49 -23.01
C2 BMA E . 32.08 -52.94 -21.57
C3 BMA E . 32.28 -54.45 -21.43
C4 BMA E . 31.53 -55.21 -22.54
C5 BMA E . 31.94 -54.65 -23.92
C6 BMA E . 31.20 -55.33 -25.06
O2 BMA E . 30.73 -52.68 -21.24
O3 BMA E . 31.86 -54.91 -20.14
O4 BMA E . 31.85 -56.60 -22.48
O5 BMA E . 31.63 -53.26 -23.95
O6 BMA E . 31.75 -54.84 -26.29
C1 BMA E . 32.91 -55.69 -19.52
C2 BMA E . 34.12 -54.76 -19.23
C3 BMA E . 35.17 -55.50 -18.39
C4 BMA E . 34.52 -56.19 -17.18
C5 BMA E . 33.40 -57.12 -17.66
C6 BMA E . 32.70 -57.83 -16.52
O2 BMA E . 33.72 -53.64 -18.48
O3 BMA E . 36.21 -54.63 -17.97
O4 BMA E . 35.50 -56.95 -16.49
O5 BMA E . 32.43 -56.31 -18.34
O6 BMA E . 31.83 -56.90 -15.87
C1 2Y5 F . -0.77 0.80 -22.53
O1 2Y5 F . -0.71 -0.54 -22.10
P1 2Y5 F . 0.34 -1.58 -22.81
C2 2Y5 F . 0.59 1.46 -22.29
O2 2Y5 F . 0.95 1.36 -20.94
C3 2Y5 F . 0.61 2.96 -22.71
O3 2Y5 F . 1.16 3.05 -24.00
C4 2Y5 F . -0.78 3.60 -22.72
O4 2Y5 F . -0.65 4.98 -22.50
P4 2Y5 F . -0.28 5.96 -23.77
C5 2Y5 F . -1.70 3.02 -21.63
O5 2Y5 F . -2.96 3.65 -21.70
C6 2Y5 F . -1.91 1.50 -21.77
O6 2Y5 F . -3.12 1.27 -22.46
C7 2Y5 F . -1.47 -3.33 -23.56
C8 2Y5 F . -1.09 -3.94 -24.91
C9 2Y5 F . -0.36 -5.26 -24.67
C10 2Y5 F . -2.28 -3.53 -26.89
C11 2Y5 F . 1.07 -6.74 -25.79
O11 2Y5 F . 1.64 -1.60 -22.04
C12 2Y5 F . -1.18 -3.81 -27.91
O12 2Y5 F . 0.60 -1.15 -24.23
C13 2Y5 F . -1.69 -3.52 -29.32
O13 2Y5 F . -0.31 -3.10 -22.81
C14 2Y5 F . -0.58 -3.78 -30.33
C15 2Y5 F . -0.83 -2.97 -31.60
C16 2Y5 F . -0.15 -3.21 -32.70
O16 2Y5 F . -2.26 -4.18 -25.65
C17 2Y5 F . 0.92 -4.31 -32.72
O17 2Y5 F . -3.14 -2.76 -27.14
C18 2Y5 F . 0.31 -5.59 -33.28
O18 2Y5 F . 0.60 -5.43 -25.68
C19 2Y5 F . 0.87 -6.76 -33.06
O19 2Y5 F . 0.89 -7.51 -24.92
C20 2Y5 F . 2.17 -6.85 -32.25
C21 2Y5 F . 2.86 -8.19 -32.54
C22 2Y5 F . 4.11 -8.21 -32.99
C23 2Y5 F . 4.87 -6.91 -33.22
C24 2Y5 F . 6.26 -7.23 -33.77
C25 2Y5 F . 6.40 -8.10 -34.75
C26 2Y5 F . 7.79 -8.42 -35.30
C27 2Y5 F . 7.72 -9.71 -36.12
C28 2Y5 F . 9.12 -10.09 -36.59
C29 2Y5 F . 9.08 -11.46 -37.26
C30 2Y5 F . 10.51 -11.98 -37.46
C31 2Y5 F . 1.81 -7.19 -27.05
C32 2Y5 F . 1.29 -8.57 -27.46
C33 2Y5 F . 2.36 -9.31 -28.25
C34 2Y5 F . 2.24 -10.81 -27.94
C35 2Y5 F . 2.39 -11.62 -29.23
C36 2Y5 F . 1.83 -13.02 -29.00
C37 2Y5 F . 2.82 -13.85 -28.19
C38 2Y5 F . 4.08 -14.10 -29.02
C39 2Y5 F . 4.89 -15.22 -28.39
C40 2Y5 F . 5.74 -15.90 -29.46
C41 2Y5 F . 6.47 -17.09 -28.85
O41 2Y5 F . -0.20 5.13 -25.04
C42 2Y5 F . 6.72 -18.15 -29.92
O42 2Y5 F . -1.34 7.02 -23.92
C43 2Y5 F . 7.63 -19.24 -29.37
O43 2Y5 F . 1.06 6.61 -23.52
C44 2Y5 F . 9.08 -18.98 -29.81
C45 2Y5 F . 10.04 -19.62 -28.82
C46 2Y5 F . 9.74 -21.11 -28.70
C47 2Y5 F . 11.01 -21.86 -28.28
MG MG G . -20.09 16.44 15.12
C1 NAG H . 50.19 -43.53 -2.86
C2 NAG H . 49.24 -42.92 -1.84
C3 NAG H . 49.71 -43.22 -0.42
C4 NAG H . 49.66 -44.73 -0.19
C5 NAG H . 50.47 -45.45 -1.26
C6 NAG H . 49.66 -46.45 -2.06
C7 NAG H . 50.09 -40.59 -1.96
C8 NAG H . 49.70 -39.16 -2.20
N2 NAG H . 49.09 -41.48 -2.04
O3 NAG H . 48.87 -42.56 0.51
O4 NAG H . 50.19 -45.04 1.09
O5 NAG H . 51.06 -44.53 -2.20
O6 NAG H . 50.31 -46.80 -3.28
O7 NAG H . 51.24 -40.93 -1.72
#